data_2V6X
# 
_entry.id   2V6X 
# 
_audit_conform.dict_name       mmcif_pdbx.dic 
_audit_conform.dict_version    5.397 
_audit_conform.dict_location   http://mmcif.pdb.org/dictionaries/ascii/mmcif_pdbx.dic 
# 
loop_
_database_2.database_id 
_database_2.database_code 
_database_2.pdbx_database_accession 
_database_2.pdbx_DOI 
PDB   2V6X         pdb_00002v6x 10.2210/pdb2v6x/pdb 
PDBE  EBI-31460    ?            ?                   
WWPDB D_1290031460 ?            ?                   
# 
loop_
_pdbx_audit_revision_history.ordinal 
_pdbx_audit_revision_history.data_content_type 
_pdbx_audit_revision_history.major_revision 
_pdbx_audit_revision_history.minor_revision 
_pdbx_audit_revision_history.revision_date 
1 'Structure model' 1 0 2007-10-16 
2 'Structure model' 1 1 2011-07-13 
3 'Structure model' 1 2 2017-06-28 
4 'Structure model' 1 3 2018-01-24 
5 'Structure model' 1 4 2024-10-23 
# 
_pdbx_audit_revision_details.ordinal             1 
_pdbx_audit_revision_details.revision_ordinal    1 
_pdbx_audit_revision_details.data_content_type   'Structure model' 
_pdbx_audit_revision_details.provider            repository 
_pdbx_audit_revision_details.type                'Initial release' 
_pdbx_audit_revision_details.description         ? 
_pdbx_audit_revision_details.details             ? 
# 
loop_
_pdbx_audit_revision_group.ordinal 
_pdbx_audit_revision_group.revision_ordinal 
_pdbx_audit_revision_group.data_content_type 
_pdbx_audit_revision_group.group 
1  2 'Structure model' Advisory                    
2  2 'Structure model' 'Refinement description'    
3  2 'Structure model' 'Version format compliance' 
4  3 'Structure model' 'Refinement description'    
5  4 'Structure model' 'Source and taxonomy'       
6  5 'Structure model' 'Data collection'           
7  5 'Structure model' 'Database references'       
8  5 'Structure model' 'Derived calculations'      
9  5 'Structure model' Other                       
10 5 'Structure model' 'Structure summary'         
# 
loop_
_pdbx_audit_revision_category.ordinal 
_pdbx_audit_revision_category.revision_ordinal 
_pdbx_audit_revision_category.data_content_type 
_pdbx_audit_revision_category.category 
1 3 'Structure model' software                  
2 4 'Structure model' entity_src_gen            
3 5 'Structure model' chem_comp_atom            
4 5 'Structure model' chem_comp_bond            
5 5 'Structure model' database_2                
6 5 'Structure model' pdbx_database_status      
7 5 'Structure model' pdbx_entry_details        
8 5 'Structure model' pdbx_modification_feature 
9 5 'Structure model' struct_conn               
# 
loop_
_pdbx_audit_revision_item.ordinal 
_pdbx_audit_revision_item.revision_ordinal 
_pdbx_audit_revision_item.data_content_type 
_pdbx_audit_revision_item.item 
1 3 'Structure model' '_software.name'                                 
2 4 'Structure model' '_entity_src_gen.pdbx_host_org_ncbi_taxonomy_id' 
3 4 'Structure model' '_entity_src_gen.pdbx_host_org_scientific_name'  
4 4 'Structure model' '_entity_src_gen.pdbx_host_org_strain'           
5 4 'Structure model' '_entity_src_gen.pdbx_host_org_variant'          
6 5 'Structure model' '_database_2.pdbx_DOI'                           
7 5 'Structure model' '_database_2.pdbx_database_accession'            
8 5 'Structure model' '_pdbx_database_status.status_code_sf'           
9 5 'Structure model' '_struct_conn.pdbx_leaving_atom_flag'            
# 
_pdbx_database_status.status_code                     REL 
_pdbx_database_status.entry_id                        2V6X 
_pdbx_database_status.deposit_site                    PDBE 
_pdbx_database_status.process_site                    PDBE 
_pdbx_database_status.SG_entry                        . 
_pdbx_database_status.recvd_initial_deposition_date   2007-07-23 
_pdbx_database_status.pdb_format_compatible           Y 
_pdbx_database_status.status_code_sf                  REL 
_pdbx_database_status.status_code_mr                  ? 
_pdbx_database_status.status_code_cs                  ? 
_pdbx_database_status.methods_development_category    ? 
_pdbx_database_status.status_code_nmr_data            ? 
# 
loop_
_pdbx_database_related.db_name 
_pdbx_database_related.db_id 
_pdbx_database_related.content_type 
_pdbx_database_related.details 
PDB 1WR0 unspecified 'STRUCTURAL CHARACTERIZATION OF THE MIT DOMAIN FROM HUMANVPS4B' 
PDB 1XWI unspecified 'CRYSTAL STRUCTURE OF VPS4B'                                    
PDB 1YXR unspecified 'NMR STRUCTURE OF VPS4A MIT DOMAIN'                             
# 
loop_
_audit_author.name 
_audit_author.pdbx_ordinal 
'Obita, T.'           1 
'Perisic, O.'         2 
'Ghazi-Tabatabai, S.' 3 
'Saksena, S.'         4 
'Emr, S.D.'           5 
'Williams, R.L.'      6 
# 
_citation.id                        primary 
_citation.title                     'Structural Basis for Selective Recognition of Escrt-III by the Aaa ATPase Vps4' 
_citation.journal_abbrev            Nature 
_citation.journal_volume            449 
_citation.page_first                735 
_citation.page_last                 ? 
_citation.year                      2007 
_citation.journal_id_ASTM           NATUAS 
_citation.country                   UK 
_citation.journal_id_ISSN           0028-0836 
_citation.journal_id_CSD            0006 
_citation.book_publisher            ? 
_citation.pdbx_database_id_PubMed   17928861 
_citation.pdbx_database_id_DOI      10.1038/NATURE06171 
# 
loop_
_citation_author.citation_id 
_citation_author.name 
_citation_author.ordinal 
_citation_author.identifier_ORCID 
primary 'Obita, T.'           1 ? 
primary 'Saksena, S.'         2 ? 
primary 'Ghazi-Tabatabai, S.' 3 ? 
primary 'Gill, D.J.'          4 ? 
primary 'Perisic, O.'         5 ? 
primary 'Emr, S.D.'           6 ? 
primary 'Williams, R.L.'      7 ? 
# 
loop_
_entity.id 
_entity.type 
_entity.src_method 
_entity.pdbx_description 
_entity.formula_weight 
_entity.pdbx_number_of_molecules 
_entity.pdbx_ec 
_entity.pdbx_mutation 
_entity.pdbx_fragment 
_entity.details 
1 polymer     man 'VACUOLAR PROTEIN SORTING-ASSOCIATED PROTEIN 4' 9816.693 1  3.6.4.6 ? 'MIT DOMAIN RESIUDES 1-82'             ? 
2 polymer     man 'DOA4-INDEPENDENT DEGRADATION PROTEIN 4'        5772.053 1  ?       ? 'C-TERMINAL FRAGMENT RESIDUES 102-151' ? 
3 non-polymer syn 'SULFATE ION'                                   96.063   1  ?       ? ?                                      ? 
4 water       nat water                                           18.015   32 ?       ? ?                                      ? 
# 
loop_
_entity_name_com.entity_id 
_entity_name_com.name 
1 'VPS4, PROTEIN END13, DOA4-INDEPENDENT DEGRADATION PROTEIN 6, VACUOLAR PROTEIN-TARGETING PROTEIN 10' 
2 'VACUOLAR PROTEIN SORTING- ASSOCIATED PROTEIN 2, VPS2, VACUOLAR PROTEIN-TARGETING PROTEIN 14'        
# 
loop_
_entity_poly.entity_id 
_entity_poly.type 
_entity_poly.nstd_linkage 
_entity_poly.nstd_monomer 
_entity_poly.pdbx_seq_one_letter_code 
_entity_poly.pdbx_seq_one_letter_code_can 
_entity_poly.pdbx_strand_id 
_entity_poly.pdbx_target_identifier 
1 'polypeptide(L)' no yes 
;GSH(MSE)STGDFLTKGIELVQKAIDLDTATQYEEAYTAYYNGLDYL(MSE)LALKYEKNPKSKDLIRAKFTEYLNRAEQ
LKKHLESEEANAA
;
;GSHMSTGDFLTKGIELVQKAIDLDTATQYEEAYTAYYNGLDYLMLALKYEKNPKSKDLIRAKFTEYLNRAEQLKKHLESE
EANAA
;
A ? 
2 'polypeptide(L)' no yes 'GSH(MSE)LQSTPQNLVSNAPIAETA(MSE)GIAEPIGAGSEFHGNPDDDLQARLNTLKKQT'                                 
GSHMLQSTPQNLVSNAPIAETAMGIAEPIGAGSEFHGNPDDDLQARLNTLKKQT                                   B ? 
# 
loop_
_pdbx_entity_nonpoly.entity_id 
_pdbx_entity_nonpoly.name 
_pdbx_entity_nonpoly.comp_id 
3 'SULFATE ION' SO4 
4 water         HOH 
# 
loop_
_entity_poly_seq.entity_id 
_entity_poly_seq.num 
_entity_poly_seq.mon_id 
_entity_poly_seq.hetero 
1 1  GLY n 
1 2  SER n 
1 3  HIS n 
1 4  MSE n 
1 5  SER n 
1 6  THR n 
1 7  GLY n 
1 8  ASP n 
1 9  PHE n 
1 10 LEU n 
1 11 THR n 
1 12 LYS n 
1 13 GLY n 
1 14 ILE n 
1 15 GLU n 
1 16 LEU n 
1 17 VAL n 
1 18 GLN n 
1 19 LYS n 
1 20 ALA n 
1 21 ILE n 
1 22 ASP n 
1 23 LEU n 
1 24 ASP n 
1 25 THR n 
1 26 ALA n 
1 27 THR n 
1 28 GLN n 
1 29 TYR n 
1 30 GLU n 
1 31 GLU n 
1 32 ALA n 
1 33 TYR n 
1 34 THR n 
1 35 ALA n 
1 36 TYR n 
1 37 TYR n 
1 38 ASN n 
1 39 GLY n 
1 40 LEU n 
1 41 ASP n 
1 42 TYR n 
1 43 LEU n 
1 44 MSE n 
1 45 LEU n 
1 46 ALA n 
1 47 LEU n 
1 48 LYS n 
1 49 TYR n 
1 50 GLU n 
1 51 LYS n 
1 52 ASN n 
1 53 PRO n 
1 54 LYS n 
1 55 SER n 
1 56 LYS n 
1 57 ASP n 
1 58 LEU n 
1 59 ILE n 
1 60 ARG n 
1 61 ALA n 
1 62 LYS n 
1 63 PHE n 
1 64 THR n 
1 65 GLU n 
1 66 TYR n 
1 67 LEU n 
1 68 ASN n 
1 69 ARG n 
1 70 ALA n 
1 71 GLU n 
1 72 GLN n 
1 73 LEU n 
1 74 LYS n 
1 75 LYS n 
1 76 HIS n 
1 77 LEU n 
1 78 GLU n 
1 79 SER n 
1 80 GLU n 
1 81 GLU n 
1 82 ALA n 
1 83 ASN n 
1 84 ALA n 
1 85 ALA n 
2 1  GLY n 
2 2  SER n 
2 3  HIS n 
2 4  MSE n 
2 5  LEU n 
2 6  GLN n 
2 7  SER n 
2 8  THR n 
2 9  PRO n 
2 10 GLN n 
2 11 ASN n 
2 12 LEU n 
2 13 VAL n 
2 14 SER n 
2 15 ASN n 
2 16 ALA n 
2 17 PRO n 
2 18 ILE n 
2 19 ALA n 
2 20 GLU n 
2 21 THR n 
2 22 ALA n 
2 23 MSE n 
2 24 GLY n 
2 25 ILE n 
2 26 ALA n 
2 27 GLU n 
2 28 PRO n 
2 29 ILE n 
2 30 GLY n 
2 31 ALA n 
2 32 GLY n 
2 33 SER n 
2 34 GLU n 
2 35 PHE n 
2 36 HIS n 
2 37 GLY n 
2 38 ASN n 
2 39 PRO n 
2 40 ASP n 
2 41 ASP n 
2 42 ASP n 
2 43 LEU n 
2 44 GLN n 
2 45 ALA n 
2 46 ARG n 
2 47 LEU n 
2 48 ASN n 
2 49 THR n 
2 50 LEU n 
2 51 LYS n 
2 52 LYS n 
2 53 GLN n 
2 54 THR n 
# 
loop_
_entity_src_gen.entity_id 
_entity_src_gen.pdbx_src_id 
_entity_src_gen.pdbx_alt_source_flag 
_entity_src_gen.pdbx_seq_type 
_entity_src_gen.pdbx_beg_seq_num 
_entity_src_gen.pdbx_end_seq_num 
_entity_src_gen.gene_src_common_name 
_entity_src_gen.gene_src_genus 
_entity_src_gen.pdbx_gene_src_gene 
_entity_src_gen.gene_src_species 
_entity_src_gen.gene_src_strain 
_entity_src_gen.gene_src_tissue 
_entity_src_gen.gene_src_tissue_fraction 
_entity_src_gen.gene_src_details 
_entity_src_gen.pdbx_gene_src_fragment 
_entity_src_gen.pdbx_gene_src_scientific_name 
_entity_src_gen.pdbx_gene_src_ncbi_taxonomy_id 
_entity_src_gen.pdbx_gene_src_variant 
_entity_src_gen.pdbx_gene_src_cell_line 
_entity_src_gen.pdbx_gene_src_atcc 
_entity_src_gen.pdbx_gene_src_organ 
_entity_src_gen.pdbx_gene_src_organelle 
_entity_src_gen.pdbx_gene_src_cell 
_entity_src_gen.pdbx_gene_src_cellular_location 
_entity_src_gen.host_org_common_name 
_entity_src_gen.pdbx_host_org_scientific_name 
_entity_src_gen.pdbx_host_org_ncbi_taxonomy_id 
_entity_src_gen.host_org_genus 
_entity_src_gen.pdbx_host_org_gene 
_entity_src_gen.pdbx_host_org_organ 
_entity_src_gen.host_org_species 
_entity_src_gen.pdbx_host_org_tissue 
_entity_src_gen.pdbx_host_org_tissue_fraction 
_entity_src_gen.pdbx_host_org_strain 
_entity_src_gen.pdbx_host_org_variant 
_entity_src_gen.pdbx_host_org_cell_line 
_entity_src_gen.pdbx_host_org_atcc 
_entity_src_gen.pdbx_host_org_culture_collection 
_entity_src_gen.pdbx_host_org_cell 
_entity_src_gen.pdbx_host_org_organelle 
_entity_src_gen.pdbx_host_org_cellular_location 
_entity_src_gen.pdbx_host_org_vector_type 
_entity_src_gen.pdbx_host_org_vector 
_entity_src_gen.host_org_details 
_entity_src_gen.expression_system_id 
_entity_src_gen.plasmid_name 
_entity_src_gen.plasmid_details 
_entity_src_gen.pdbx_description 
1 1 sample ? ? ? 
;BAKER'S YEAST
;
? ? ? ? ? ? ? ? 'SACCHAROMYCES CEREVISIAE' 4932 ? ? ? ? ? ? ? ? 'ESCHERICHIA COLI BL21(DE3)' 469008 ? ? ? ? ? ? ? C41 ? ? ? ? ? ? 
? ? ? ? POPTG ? ? 
2 1 sample ? ? ? 
;BAKER'S YEAST
;
? ? ? ? ? ? ? ? 'SACCHAROMYCES CEREVISIAE' 4932 ? ? ? ? ? ? ? ? 'ESCHERICHIA COLI BL21(DE3)' 469008 ? ? ? ? ? ? ? C41 ? ? ? ? ? ? 
? ? ? ? POPTG ? ? 
# 
loop_
_chem_comp.id 
_chem_comp.type 
_chem_comp.mon_nstd_flag 
_chem_comp.name 
_chem_comp.pdbx_synonyms 
_chem_comp.formula 
_chem_comp.formula_weight 
ALA 'L-peptide linking' y ALANINE          ? 'C3 H7 N O2'     89.093  
ARG 'L-peptide linking' y ARGININE         ? 'C6 H15 N4 O2 1' 175.209 
ASN 'L-peptide linking' y ASPARAGINE       ? 'C4 H8 N2 O3'    132.118 
ASP 'L-peptide linking' y 'ASPARTIC ACID'  ? 'C4 H7 N O4'     133.103 
GLN 'L-peptide linking' y GLUTAMINE        ? 'C5 H10 N2 O3'   146.144 
GLU 'L-peptide linking' y 'GLUTAMIC ACID'  ? 'C5 H9 N O4'     147.129 
GLY 'peptide linking'   y GLYCINE          ? 'C2 H5 N O2'     75.067  
HIS 'L-peptide linking' y HISTIDINE        ? 'C6 H10 N3 O2 1' 156.162 
HOH non-polymer         . WATER            ? 'H2 O'           18.015  
ILE 'L-peptide linking' y ISOLEUCINE       ? 'C6 H13 N O2'    131.173 
LEU 'L-peptide linking' y LEUCINE          ? 'C6 H13 N O2'    131.173 
LYS 'L-peptide linking' y LYSINE           ? 'C6 H15 N2 O2 1' 147.195 
MSE 'L-peptide linking' n SELENOMETHIONINE ? 'C5 H11 N O2 Se' 196.106 
PHE 'L-peptide linking' y PHENYLALANINE    ? 'C9 H11 N O2'    165.189 
PRO 'L-peptide linking' y PROLINE          ? 'C5 H9 N O2'     115.130 
SER 'L-peptide linking' y SERINE           ? 'C3 H7 N O3'     105.093 
SO4 non-polymer         . 'SULFATE ION'    ? 'O4 S -2'        96.063  
THR 'L-peptide linking' y THREONINE        ? 'C4 H9 N O3'     119.119 
TYR 'L-peptide linking' y TYROSINE         ? 'C9 H11 N O3'    181.189 
VAL 'L-peptide linking' y VALINE           ? 'C5 H11 N O2'    117.146 
# 
loop_
_pdbx_poly_seq_scheme.asym_id 
_pdbx_poly_seq_scheme.entity_id 
_pdbx_poly_seq_scheme.seq_id 
_pdbx_poly_seq_scheme.mon_id 
_pdbx_poly_seq_scheme.ndb_seq_num 
_pdbx_poly_seq_scheme.pdb_seq_num 
_pdbx_poly_seq_scheme.auth_seq_num 
_pdbx_poly_seq_scheme.pdb_mon_id 
_pdbx_poly_seq_scheme.auth_mon_id 
_pdbx_poly_seq_scheme.pdb_strand_id 
_pdbx_poly_seq_scheme.pdb_ins_code 
_pdbx_poly_seq_scheme.hetero 
A 1 1  GLY 1  -2  ?   ?   ?   A . n 
A 1 2  SER 2  -1  -1  SER SER A . n 
A 1 3  HIS 3  0   0   HIS HIS A . n 
A 1 4  MSE 4  1   1   MSE MSE A . n 
A 1 5  SER 5  2   2   SER SER A . n 
A 1 6  THR 6  3   3   THR THR A . n 
A 1 7  GLY 7  4   4   GLY GLY A . n 
A 1 8  ASP 8  5   5   ASP ASP A . n 
A 1 9  PHE 9  6   6   PHE PHE A . n 
A 1 10 LEU 10 7   7   LEU LEU A . n 
A 1 11 THR 11 8   8   THR THR A . n 
A 1 12 LYS 12 9   9   LYS LYS A . n 
A 1 13 GLY 13 10  10  GLY GLY A . n 
A 1 14 ILE 14 11  11  ILE ILE A . n 
A 1 15 GLU 15 12  12  GLU GLU A . n 
A 1 16 LEU 16 13  13  LEU LEU A . n 
A 1 17 VAL 17 14  14  VAL VAL A . n 
A 1 18 GLN 18 15  15  GLN GLN A . n 
A 1 19 LYS 19 16  16  LYS LYS A . n 
A 1 20 ALA 20 17  17  ALA ALA A . n 
A 1 21 ILE 21 18  18  ILE ILE A . n 
A 1 22 ASP 22 19  19  ASP ASP A . n 
A 1 23 LEU 23 20  20  LEU LEU A . n 
A 1 24 ASP 24 21  21  ASP ASP A . n 
A 1 25 THR 25 22  22  THR THR A . n 
A 1 26 ALA 26 23  23  ALA ALA A . n 
A 1 27 THR 27 24  24  THR THR A . n 
A 1 28 GLN 28 25  25  GLN GLN A . n 
A 1 29 TYR 29 26  26  TYR TYR A . n 
A 1 30 GLU 30 27  27  GLU GLU A . n 
A 1 31 GLU 31 28  28  GLU GLU A . n 
A 1 32 ALA 32 29  29  ALA ALA A . n 
A 1 33 TYR 33 30  30  TYR TYR A . n 
A 1 34 THR 34 31  31  THR THR A . n 
A 1 35 ALA 35 32  32  ALA ALA A . n 
A 1 36 TYR 36 33  33  TYR TYR A . n 
A 1 37 TYR 37 34  34  TYR TYR A . n 
A 1 38 ASN 38 35  35  ASN ASN A . n 
A 1 39 GLY 39 36  36  GLY GLY A . n 
A 1 40 LEU 40 37  37  LEU LEU A . n 
A 1 41 ASP 41 38  38  ASP ASP A . n 
A 1 42 TYR 42 39  39  TYR TYR A . n 
A 1 43 LEU 43 40  40  LEU LEU A . n 
A 1 44 MSE 44 41  41  MSE MSE A . n 
A 1 45 LEU 45 42  42  LEU LEU A . n 
A 1 46 ALA 46 43  43  ALA ALA A . n 
A 1 47 LEU 47 44  44  LEU LEU A . n 
A 1 48 LYS 48 45  45  LYS LYS A . n 
A 1 49 TYR 49 46  46  TYR TYR A . n 
A 1 50 GLU 50 47  47  GLU GLU A . n 
A 1 51 LYS 51 48  48  LYS LYS A . n 
A 1 52 ASN 52 49  49  ASN ASN A . n 
A 1 53 PRO 53 50  50  PRO PRO A . n 
A 1 54 LYS 54 51  51  LYS LYS A . n 
A 1 55 SER 55 52  52  SER SER A . n 
A 1 56 LYS 56 53  53  LYS LYS A . n 
A 1 57 ASP 57 54  54  ASP ASP A . n 
A 1 58 LEU 58 55  55  LEU LEU A . n 
A 1 59 ILE 59 56  56  ILE ILE A . n 
A 1 60 ARG 60 57  57  ARG ARG A . n 
A 1 61 ALA 61 58  58  ALA ALA A . n 
A 1 62 LYS 62 59  59  LYS LYS A . n 
A 1 63 PHE 63 60  60  PHE PHE A . n 
A 1 64 THR 64 61  61  THR THR A . n 
A 1 65 GLU 65 62  62  GLU GLU A . n 
A 1 66 TYR 66 63  63  TYR TYR A . n 
A 1 67 LEU 67 64  64  LEU LEU A . n 
A 1 68 ASN 68 65  65  ASN ASN A . n 
A 1 69 ARG 69 66  66  ARG ARG A . n 
A 1 70 ALA 70 67  67  ALA ALA A . n 
A 1 71 GLU 71 68  68  GLU GLU A . n 
A 1 72 GLN 72 69  69  GLN GLN A . n 
A 1 73 LEU 73 70  70  LEU LEU A . n 
A 1 74 LYS 74 71  71  LYS LYS A . n 
A 1 75 LYS 75 72  72  LYS LYS A . n 
A 1 76 HIS 76 73  73  HIS HIS A . n 
A 1 77 LEU 77 74  74  LEU LEU A . n 
A 1 78 GLU 78 75  75  GLU GLU A . n 
A 1 79 SER 79 76  76  SER SER A . n 
A 1 80 GLU 80 77  77  GLU GLU A . n 
A 1 81 GLU 81 78  78  GLU GLU A . n 
A 1 82 ALA 82 79  79  ALA ALA A . n 
A 1 83 ASN 83 80  80  ASN ASN A . n 
A 1 84 ALA 84 81  ?   ?   ?   A . n 
A 1 85 ALA 85 82  ?   ?   ?   A . n 
B 2 1  GLY 1  179 ?   ?   ?   B . n 
B 2 2  SER 2  180 ?   ?   ?   B . n 
B 2 3  HIS 3  181 181 HIS HIS B . n 
B 2 4  MSE 4  182 182 MSE MSE B . n 
B 2 5  LEU 5  183 183 LEU LEU B . n 
B 2 6  GLN 6  184 184 GLN GLN B . n 
B 2 7  SER 7  185 185 SER SER B . n 
B 2 8  THR 8  186 186 THR THR B . n 
B 2 9  PRO 9  187 187 PRO PRO B . n 
B 2 10 GLN 10 188 188 GLN GLN B . n 
B 2 11 ASN 11 189 189 ASN ASN B . n 
B 2 12 LEU 12 190 190 LEU LEU B . n 
B 2 13 VAL 13 191 191 VAL VAL B . n 
B 2 14 SER 14 192 192 SER SER B . n 
B 2 15 ASN 15 193 193 ASN ASN B . n 
B 2 16 ALA 16 194 194 ALA ALA B . n 
B 2 17 PRO 17 195 195 PRO PRO B . n 
B 2 18 ILE 18 196 196 ILE ILE B . n 
B 2 19 ALA 19 197 197 ALA ALA B . n 
B 2 20 GLU 20 198 198 GLU GLU B . n 
B 2 21 THR 21 199 199 THR THR B . n 
B 2 22 ALA 22 200 200 ALA ALA B . n 
B 2 23 MSE 23 201 201 MSE MSE B . n 
B 2 24 GLY 24 202 202 GLY GLY B . n 
B 2 25 ILE 25 203 203 ILE ILE B . n 
B 2 26 ALA 26 204 204 ALA ALA B . n 
B 2 27 GLU 27 205 205 GLU GLU B . n 
B 2 28 PRO 28 206 206 PRO PRO B . n 
B 2 29 ILE 29 207 ?   ?   ?   B . n 
B 2 30 GLY 30 208 ?   ?   ?   B . n 
B 2 31 ALA 31 209 ?   ?   ?   B . n 
B 2 32 GLY 32 210 ?   ?   ?   B . n 
B 2 33 SER 33 211 ?   ?   ?   B . n 
B 2 34 GLU 34 212 ?   ?   ?   B . n 
B 2 35 PHE 35 213 ?   ?   ?   B . n 
B 2 36 HIS 36 214 ?   ?   ?   B . n 
B 2 37 GLY 37 215 ?   ?   ?   B . n 
B 2 38 ASN 38 216 ?   ?   ?   B . n 
B 2 39 PRO 39 217 217 PRO PRO B . n 
B 2 40 ASP 40 218 218 ASP ASP B . n 
B 2 41 ASP 41 219 219 ASP ASP B . n 
B 2 42 ASP 42 220 220 ASP ASP B . n 
B 2 43 LEU 43 221 221 LEU LEU B . n 
B 2 44 GLN 44 222 222 GLN GLN B . n 
B 2 45 ALA 45 223 223 ALA ALA B . n 
B 2 46 ARG 46 224 224 ARG ARG B . n 
B 2 47 LEU 47 225 225 LEU LEU B . n 
B 2 48 ASN 48 226 226 ASN ASN B . n 
B 2 49 THR 49 227 227 THR THR B . n 
B 2 50 LEU 50 228 228 LEU LEU B . n 
B 2 51 LYS 51 229 229 LYS LYS B . n 
B 2 52 LYS 52 230 230 LYS LYS B . n 
B 2 53 GLN 53 231 231 GLN GLN B . n 
B 2 54 THR 54 232 ?   ?   ?   B . n 
# 
loop_
_pdbx_nonpoly_scheme.asym_id 
_pdbx_nonpoly_scheme.entity_id 
_pdbx_nonpoly_scheme.mon_id 
_pdbx_nonpoly_scheme.ndb_seq_num 
_pdbx_nonpoly_scheme.pdb_seq_num 
_pdbx_nonpoly_scheme.auth_seq_num 
_pdbx_nonpoly_scheme.pdb_mon_id 
_pdbx_nonpoly_scheme.auth_mon_id 
_pdbx_nonpoly_scheme.pdb_strand_id 
_pdbx_nonpoly_scheme.pdb_ins_code 
C 3 SO4 1  1232 1232 SO4 SO4 B . 
D 4 HOH 1  1001 1001 HOH HOH A . 
D 4 HOH 2  1002 1002 HOH HOH A . 
D 4 HOH 3  1003 1003 HOH HOH A . 
D 4 HOH 4  1004 1004 HOH HOH A . 
D 4 HOH 5  1005 1005 HOH HOH A . 
D 4 HOH 6  1006 1006 HOH HOH A . 
D 4 HOH 7  1007 1007 HOH HOH A . 
D 4 HOH 8  1008 1008 HOH HOH A . 
D 4 HOH 9  1009 1009 HOH HOH A . 
D 4 HOH 10 1010 1010 HOH HOH A . 
D 4 HOH 11 1011 1011 HOH HOH A . 
D 4 HOH 12 1012 1012 HOH HOH A . 
D 4 HOH 13 1013 1013 HOH HOH A . 
D 4 HOH 14 1014 1014 HOH HOH A . 
D 4 HOH 15 1015 1015 HOH HOH A . 
D 4 HOH 16 1016 1016 HOH HOH A . 
D 4 HOH 17 1017 1017 HOH HOH A . 
D 4 HOH 18 1018 1018 HOH HOH A . 
D 4 HOH 19 1019 1019 HOH HOH A . 
D 4 HOH 20 1020 1020 HOH HOH A . 
D 4 HOH 21 1021 1021 HOH HOH A . 
D 4 HOH 22 1022 1022 HOH HOH A . 
D 4 HOH 23 1023 1023 HOH HOH A . 
E 4 HOH 1  1001 1001 HOH HOH B . 
E 4 HOH 2  1002 1002 HOH HOH B . 
E 4 HOH 3  1003 1003 HOH HOH B . 
E 4 HOH 4  1004 1004 HOH HOH B . 
E 4 HOH 5  1005 1005 HOH HOH B . 
E 4 HOH 6  1006 1006 HOH HOH B . 
E 4 HOH 7  1007 1007 HOH HOH B . 
E 4 HOH 8  1008 1008 HOH HOH B . 
E 4 HOH 9  1009 1009 HOH HOH B . 
# 
loop_
_software.name 
_software.classification 
_software.version 
_software.citation_id 
_software.pdbx_ordinal 
SCALA    'data reduction' .        ? 1 
TRUNCATE 'data scaling'   .        ? 2 
SHARP    phasing          .        ? 3 
ARP/wARP phasing          .        ? 4 
REFMAC   refinement       5.2.0019 ? 5 
# 
_cell.entry_id           2V6X 
_cell.length_a           78.145 
_cell.length_b           82.270 
_cell.length_c           21.474 
_cell.angle_alpha        90.00 
_cell.angle_beta         90.00 
_cell.angle_gamma        90.00 
_cell.Z_PDB              4 
_cell.pdbx_unique_axis   ? 
# 
_symmetry.entry_id                         2V6X 
_symmetry.space_group_name_H-M             'P 21 21 2' 
_symmetry.pdbx_full_space_group_name_H-M   ? 
_symmetry.cell_setting                     ? 
_symmetry.Int_Tables_number                18 
# 
_exptl.entry_id          2V6X 
_exptl.method            'X-RAY DIFFRACTION' 
_exptl.crystals_number   2 
# 
_exptl_crystal.id                    1 
_exptl_crystal.density_meas          ? 
_exptl_crystal.density_Matthews      2.2 
_exptl_crystal.density_percent_sol   36.1 
_exptl_crystal.description           NONE 
# 
_exptl_crystal_grow.crystal_id      1 
_exptl_crystal_grow.method          ? 
_exptl_crystal_grow.temp            ? 
_exptl_crystal_grow.temp_details    ? 
_exptl_crystal_grow.pH              7 
_exptl_crystal_grow.pdbx_pH_range   ? 
_exptl_crystal_grow.pdbx_details    '0.1M HEPES(PH7.0), 2.0M AMMONIUM SULFATE' 
# 
loop_
_diffrn.id 
_diffrn.ambient_temp 
_diffrn.ambient_temp_details 
_diffrn.crystal_id 
1 ? ? 1 
2 ? ? 1 
# 
loop_
_diffrn_detector.diffrn_id 
_diffrn_detector.detector 
_diffrn_detector.type 
_diffrn_detector.pdbx_collection_date 
_diffrn_detector.details 
1 CCD MARRESEARCH 2007-01-26 ? 
2 CCD 'ADSC CCD'  ?          ? 
# 
loop_
_diffrn_radiation.diffrn_id 
_diffrn_radiation.wavelength_id 
_diffrn_radiation.pdbx_monochromatic_or_laue_m_l 
_diffrn_radiation.monochromator 
_diffrn_radiation.pdbx_diffrn_protocol 
_diffrn_radiation.pdbx_scattering_type 
1 1 M ? MAD x-ray 
2 1 M ? ?   x-ray 
# 
loop_
_diffrn_radiation_wavelength.id 
_diffrn_radiation_wavelength.wavelength 
_diffrn_radiation_wavelength.wt 
1 0.8726 1.0 
2 0.9392 1.0 
3 0.9792 1.0 
4 0.9796 1.0 
# 
loop_
_diffrn_source.diffrn_id 
_diffrn_source.source 
_diffrn_source.type 
_diffrn_source.pdbx_synchrotron_site 
_diffrn_source.pdbx_synchrotron_beamline 
_diffrn_source.pdbx_wavelength 
_diffrn_source.pdbx_wavelength_list 
1 SYNCHROTRON 'ESRF BEAMLINE ID23-1' ESRF ID23-1 ? '0.8726, 0.9392' 
2 SYNCHROTRON 'ESRF BEAMLINE ID23-2' ESRF ID23-2 ? '0.9792, 0.9796' 
# 
_reflns.pdbx_diffrn_id               1 
_reflns.pdbx_ordinal                 1 
_reflns.entry_id                     2V6X 
_reflns.observed_criterion_sigma_I   2.0 
_reflns.observed_criterion_sigma_F   ? 
_reflns.d_resolution_low             56.61 
_reflns.d_resolution_high            2.00 
_reflns.number_obs                   9997 
_reflns.number_all                   ? 
_reflns.percent_possible_obs         99.8 
_reflns.pdbx_Rmerge_I_obs            0.12 
_reflns.pdbx_Rsym_value              ? 
_reflns.pdbx_netI_over_sigmaI        13.40 
_reflns.B_iso_Wilson_estimate        ? 
_reflns.pdbx_redundancy              5.23 
# 
_reflns_shell.pdbx_diffrn_id         1 
_reflns_shell.pdbx_ordinal           1 
_reflns_shell.d_res_high             2.00 
_reflns_shell.d_res_low              2.02 
_reflns_shell.percent_possible_all   100.0 
_reflns_shell.Rmerge_I_obs           0.44 
_reflns_shell.pdbx_Rsym_value        ? 
_reflns_shell.meanI_over_sigI_obs    4.28 
_reflns_shell.pdbx_redundancy        5.31 
# 
_refine.pdbx_refine_id                           'X-RAY DIFFRACTION' 
_refine.entry_id                                 2V6X 
_refine.pdbx_diffrn_id                           1 
_refine.pdbx_TLS_residual_ADP_flag               'LIKELY RESIDUAL' 
_refine.ls_number_reflns_obs                     9483 
_refine.ls_number_reflns_all                     ? 
_refine.pdbx_ls_sigma_I                          ? 
_refine.pdbx_ls_sigma_F                          ? 
_refine.pdbx_data_cutoff_high_absF               ? 
_refine.pdbx_data_cutoff_low_absF                ? 
_refine.pdbx_data_cutoff_high_rms_absF           ? 
_refine.ls_d_res_low                             56.61 
_refine.ls_d_res_high                            1.98 
_refine.ls_percent_reflns_obs                    98.6 
_refine.ls_R_factor_obs                          0.200 
_refine.ls_R_factor_all                          ? 
_refine.ls_R_factor_R_work                       0.198 
_refine.ls_R_factor_R_free                       0.228 
_refine.ls_R_factor_R_free_error                 ? 
_refine.ls_R_factor_R_free_error_details         ? 
_refine.ls_percent_reflns_R_free                 4.800 
_refine.ls_number_reflns_R_free                  477 
_refine.ls_number_parameters                     ? 
_refine.ls_number_restraints                     ? 
_refine.occupancy_min                            ? 
_refine.occupancy_max                            ? 
_refine.correlation_coeff_Fo_to_Fc               0.935 
_refine.correlation_coeff_Fo_to_Fc_free          0.924 
_refine.B_iso_mean                               19.98 
_refine.aniso_B[1][1]                            -0.95000 
_refine.aniso_B[2][2]                            1.52000 
_refine.aniso_B[3][3]                            -0.57000 
_refine.aniso_B[1][2]                            0.00000 
_refine.aniso_B[1][3]                            0.00000 
_refine.aniso_B[2][3]                            0.00000 
_refine.solvent_model_details                    MASK 
_refine.solvent_model_param_ksol                 ? 
_refine.solvent_model_param_bsol                 ? 
_refine.pdbx_solvent_vdw_probe_radii             1.20 
_refine.pdbx_solvent_ion_probe_radii             0.80 
_refine.pdbx_solvent_shrinkage_radii             0.80 
_refine.pdbx_ls_cross_valid_method               THROUGHOUT 
_refine.details                                  
'HYDROGENS HAVE BEEN ADDED IN THE RIDING POSITIONS. SEGMENT 207-216 OF VPS2 ARE DISORDERED.' 
_refine.pdbx_starting_model                      NONE 
_refine.pdbx_method_to_determine_struct          MAD 
_refine.pdbx_isotropic_thermal_model             ? 
_refine.pdbx_stereochemistry_target_values       'MAXIMUM LIKELIHOOD' 
_refine.pdbx_stereochem_target_val_spec_case     ? 
_refine.pdbx_R_Free_selection_details            RANDOM 
_refine.pdbx_overall_ESU_R                       0.173 
_refine.pdbx_overall_ESU_R_Free                  0.150 
_refine.overall_SU_ML                            0.103 
_refine.pdbx_overall_phase_error                 ? 
_refine.overall_SU_B                             7.393 
_refine.overall_SU_R_Cruickshank_DPI             ? 
_refine.pdbx_overall_SU_R_free_Cruickshank_DPI   ? 
_refine.pdbx_overall_SU_R_Blow_DPI               ? 
_refine.pdbx_overall_SU_R_free_Blow_DPI          ? 
# 
_refine_hist.pdbx_refine_id                   'X-RAY DIFFRACTION' 
_refine_hist.cycle_id                         LAST 
_refine_hist.pdbx_number_atoms_protein        979 
_refine_hist.pdbx_number_atoms_nucleic_acid   0 
_refine_hist.pdbx_number_atoms_ligand         5 
_refine_hist.number_atoms_solvent             32 
_refine_hist.number_atoms_total               1016 
_refine_hist.d_res_high                       1.98 
_refine_hist.d_res_low                        56.61 
# 
loop_
_refine_ls_restr.type 
_refine_ls_restr.dev_ideal 
_refine_ls_restr.dev_ideal_target 
_refine_ls_restr.weight 
_refine_ls_restr.number 
_refine_ls_restr.pdbx_refine_id 
_refine_ls_restr.pdbx_restraint_function 
r_bond_refined_d             0.015  0.022  ? 997  'X-RAY DIFFRACTION' ? 
r_bond_other_d               ?      ?      ? ?    'X-RAY DIFFRACTION' ? 
r_angle_refined_deg          1.334  1.986  ? 1343 'X-RAY DIFFRACTION' ? 
r_angle_other_deg            ?      ?      ? ?    'X-RAY DIFFRACTION' ? 
r_dihedral_angle_1_deg       5.193  5.000  ? 120  'X-RAY DIFFRACTION' ? 
r_dihedral_angle_2_deg       34.799 26.250 ? 48   'X-RAY DIFFRACTION' ? 
r_dihedral_angle_3_deg       15.331 15.000 ? 187  'X-RAY DIFFRACTION' ? 
r_dihedral_angle_4_deg       8.964  15.000 ? 3    'X-RAY DIFFRACTION' ? 
r_chiral_restr               0.104  0.200  ? 151  'X-RAY DIFFRACTION' ? 
r_gen_planes_refined         0.005  0.020  ? 731  'X-RAY DIFFRACTION' ? 
r_gen_planes_other           ?      ?      ? ?    'X-RAY DIFFRACTION' ? 
r_nbd_refined                0.201  0.200  ? 391  'X-RAY DIFFRACTION' ? 
r_nbd_other                  ?      ?      ? ?    'X-RAY DIFFRACTION' ? 
r_nbtor_refined              0.291  0.200  ? 681  'X-RAY DIFFRACTION' ? 
r_nbtor_other                ?      ?      ? ?    'X-RAY DIFFRACTION' ? 
r_xyhbond_nbd_refined        0.095  0.200  ? 39   'X-RAY DIFFRACTION' ? 
r_xyhbond_nbd_other          ?      ?      ? ?    'X-RAY DIFFRACTION' ? 
r_metal_ion_refined          ?      ?      ? ?    'X-RAY DIFFRACTION' ? 
r_metal_ion_other            ?      ?      ? ?    'X-RAY DIFFRACTION' ? 
r_symmetry_vdw_refined       0.305  0.200  ? 54   'X-RAY DIFFRACTION' ? 
r_symmetry_vdw_other         ?      ?      ? ?    'X-RAY DIFFRACTION' ? 
r_symmetry_hbond_refined     0.102  0.200  ? 11   'X-RAY DIFFRACTION' ? 
r_symmetry_hbond_other       ?      ?      ? ?    'X-RAY DIFFRACTION' ? 
r_symmetry_metal_ion_refined ?      ?      ? ?    'X-RAY DIFFRACTION' ? 
r_symmetry_metal_ion_other   ?      ?      ? ?    'X-RAY DIFFRACTION' ? 
r_mcbond_it                  0.934  1.500  ? 639  'X-RAY DIFFRACTION' ? 
r_mcbond_other               ?      ?      ? ?    'X-RAY DIFFRACTION' ? 
r_mcangle_it                 1.372  2.000  ? 980  'X-RAY DIFFRACTION' ? 
r_mcangle_other              ?      ?      ? ?    'X-RAY DIFFRACTION' ? 
r_scbond_it                  2.731  3.000  ? 410  'X-RAY DIFFRACTION' ? 
r_scbond_other               ?      ?      ? ?    'X-RAY DIFFRACTION' ? 
r_scangle_it                 3.850  4.500  ? 363  'X-RAY DIFFRACTION' ? 
r_scangle_other              ?      ?      ? ?    'X-RAY DIFFRACTION' ? 
r_long_range_B_refined       ?      ?      ? ?    'X-RAY DIFFRACTION' ? 
r_long_range_B_other         ?      ?      ? ?    'X-RAY DIFFRACTION' ? 
r_rigid_bond_restr           ?      ?      ? ?    'X-RAY DIFFRACTION' ? 
r_sphericity_free            ?      ?      ? ?    'X-RAY DIFFRACTION' ? 
r_sphericity_bonded          ?      ?      ? ?    'X-RAY DIFFRACTION' ? 
# 
_refine_ls_shell.pdbx_refine_id                   'X-RAY DIFFRACTION' 
_refine_ls_shell.pdbx_total_number_of_bins_used   20 
_refine_ls_shell.d_res_high                       1.98 
_refine_ls_shell.d_res_low                        2.03 
_refine_ls_shell.number_reflns_R_work             385 
_refine_ls_shell.R_factor_R_work                  0.2160 
_refine_ls_shell.percent_reflns_obs               ? 
_refine_ls_shell.R_factor_R_free                  0.3580 
_refine_ls_shell.R_factor_R_free_error            ? 
_refine_ls_shell.percent_reflns_R_free            ? 
_refine_ls_shell.number_reflns_R_free             18 
_refine_ls_shell.number_reflns_all                ? 
_refine_ls_shell.R_factor_all                     ? 
# 
_struct.entry_id                  2V6X 
_struct.title                     'Stractural insight into the interaction between ESCRT-III and Vps4' 
_struct.pdbx_model_details        ? 
_struct.pdbx_CASP_flag            ? 
_struct.pdbx_model_type_details   ? 
# 
_struct_keywords.entry_id        2V6X 
_struct_keywords.pdbx_keywords   'PROTEIN TRANSPORT' 
_struct_keywords.text            
;PROTEIN TRANSPORT, VACUOLE, ENDOSOME, TRANSPORT, ESCRT-III, MVB, VPS2, VPS4, SKD1, VPS4B, VPS4A, CHMP2B, CHMP2A, NUCLEOTIDE-BINDING, AAA-ATPASE, ATP-BINDING, MULTIVESICULAR, VACUOLAR PROTEIN SORTING
;
# 
loop_
_struct_asym.id 
_struct_asym.pdbx_blank_PDB_chainid_flag 
_struct_asym.pdbx_modified 
_struct_asym.entity_id 
_struct_asym.details 
A N N 1 ? 
B N N 2 ? 
C N N 3 ? 
D N N 4 ? 
E N N 4 ? 
# 
loop_
_struct_ref.id 
_struct_ref.db_name 
_struct_ref.db_code 
_struct_ref.entity_id 
_struct_ref.pdbx_seq_one_letter_code 
_struct_ref.pdbx_align_begin 
_struct_ref.pdbx_db_accession 
_struct_ref.pdbx_db_isoform 
1 PDB 2V6X       1 ? ? 2V6X   ? 
2 UNP VPS4_YEAST 1 ? ? P52917 ? 
3 PDB 2V6X       2 ? ? 2V6X   ? 
4 UNP DID4_YEAST 2 ? ? P36108 ? 
# 
loop_
_struct_ref_seq.align_id 
_struct_ref_seq.ref_id 
_struct_ref_seq.pdbx_PDB_id_code 
_struct_ref_seq.pdbx_strand_id 
_struct_ref_seq.seq_align_beg 
_struct_ref_seq.pdbx_seq_align_beg_ins_code 
_struct_ref_seq.seq_align_end 
_struct_ref_seq.pdbx_seq_align_end_ins_code 
_struct_ref_seq.pdbx_db_accession 
_struct_ref_seq.db_align_beg 
_struct_ref_seq.pdbx_db_align_beg_ins_code 
_struct_ref_seq.db_align_end 
_struct_ref_seq.pdbx_db_align_end_ins_code 
_struct_ref_seq.pdbx_auth_seq_align_beg 
_struct_ref_seq.pdbx_auth_seq_align_end 
1 1 2V6X A 1 ? 3  ? 2V6X   -2  ? 0   ? -2  0   
2 2 2V6X A 4 ? 85 ? P52917 1   ? 82  ? 1   82  
3 3 2V6X B 1 ? 4  ? 2V6X   179 ? 182 ? 179 182 
4 4 2V6X B 5 ? 54 ? P36108 102 ? 151 ? 183 232 
# 
_pdbx_struct_assembly.id                   1 
_pdbx_struct_assembly.details              author_and_software_defined_assembly 
_pdbx_struct_assembly.method_details       PQS 
_pdbx_struct_assembly.oligomeric_details   dimeric 
_pdbx_struct_assembly.oligomeric_count     2 
# 
loop_
_pdbx_struct_assembly_prop.biol_id 
_pdbx_struct_assembly_prop.type 
_pdbx_struct_assembly_prop.value 
_pdbx_struct_assembly_prop.details 
1 'ABSA (A^2)' 3020  ? 
1 MORE         -18.2 ? 
1 'SSA (A^2)'  9990  ? 
# 
_pdbx_struct_assembly_gen.assembly_id       1 
_pdbx_struct_assembly_gen.oper_expression   1 
_pdbx_struct_assembly_gen.asym_id_list      A,B,C,D,E 
# 
_pdbx_struct_oper_list.id                   1 
_pdbx_struct_oper_list.type                 'identity operation' 
_pdbx_struct_oper_list.name                 1_555 
_pdbx_struct_oper_list.symmetry_operation   x,y,z 
_pdbx_struct_oper_list.matrix[1][1]         1.0000000000 
_pdbx_struct_oper_list.matrix[1][2]         0.0000000000 
_pdbx_struct_oper_list.matrix[1][3]         0.0000000000 
_pdbx_struct_oper_list.vector[1]            0.0000000000 
_pdbx_struct_oper_list.matrix[2][1]         0.0000000000 
_pdbx_struct_oper_list.matrix[2][2]         1.0000000000 
_pdbx_struct_oper_list.matrix[2][3]         0.0000000000 
_pdbx_struct_oper_list.vector[2]            0.0000000000 
_pdbx_struct_oper_list.matrix[3][1]         0.0000000000 
_pdbx_struct_oper_list.matrix[3][2]         0.0000000000 
_pdbx_struct_oper_list.matrix[3][3]         1.0000000000 
_pdbx_struct_oper_list.vector[3]            0.0000000000 
# 
_struct_biol.id   1 
# 
loop_
_struct_conf.conf_type_id 
_struct_conf.id 
_struct_conf.pdbx_PDB_helix_id 
_struct_conf.beg_label_comp_id 
_struct_conf.beg_label_asym_id 
_struct_conf.beg_label_seq_id 
_struct_conf.pdbx_beg_PDB_ins_code 
_struct_conf.end_label_comp_id 
_struct_conf.end_label_asym_id 
_struct_conf.end_label_seq_id 
_struct_conf.pdbx_end_PDB_ins_code 
_struct_conf.beg_auth_comp_id 
_struct_conf.beg_auth_asym_id 
_struct_conf.beg_auth_seq_id 
_struct_conf.end_auth_comp_id 
_struct_conf.end_auth_asym_id 
_struct_conf.end_auth_seq_id 
_struct_conf.pdbx_PDB_helix_class 
_struct_conf.details 
_struct_conf.pdbx_PDB_helix_length 
HELX_P HELX_P1 1 ASP A 8  ? ALA A 26 ? ASP A 5   ALA A 23  1 ? 19 
HELX_P HELX_P2 2 GLN A 28 ? GLU A 50 ? GLN A 25  GLU A 47  1 ? 23 
HELX_P HELX_P3 3 ASN A 52 ? ASN A 83 ? ASN A 49  ASN A 80  1 ? 32 
HELX_P HELX_P4 4 PRO B 9  ? SER B 14 ? PRO B 187 SER B 192 1 ? 6  
HELX_P HELX_P5 5 ILE B 18 ? MSE B 23 ? ILE B 196 MSE B 201 5 ? 6  
HELX_P HELX_P6 6 ASP B 40 ? LYS B 52 ? ASP B 218 LYS B 230 1 ? 13 
# 
_struct_conf_type.id          HELX_P 
_struct_conf_type.criteria    ? 
_struct_conf_type.reference   ? 
# 
loop_
_struct_conn.id 
_struct_conn.conn_type_id 
_struct_conn.pdbx_leaving_atom_flag 
_struct_conn.pdbx_PDB_id 
_struct_conn.ptnr1_label_asym_id 
_struct_conn.ptnr1_label_comp_id 
_struct_conn.ptnr1_label_seq_id 
_struct_conn.ptnr1_label_atom_id 
_struct_conn.pdbx_ptnr1_label_alt_id 
_struct_conn.pdbx_ptnr1_PDB_ins_code 
_struct_conn.pdbx_ptnr1_standard_comp_id 
_struct_conn.ptnr1_symmetry 
_struct_conn.ptnr2_label_asym_id 
_struct_conn.ptnr2_label_comp_id 
_struct_conn.ptnr2_label_seq_id 
_struct_conn.ptnr2_label_atom_id 
_struct_conn.pdbx_ptnr2_label_alt_id 
_struct_conn.pdbx_ptnr2_PDB_ins_code 
_struct_conn.ptnr1_auth_asym_id 
_struct_conn.ptnr1_auth_comp_id 
_struct_conn.ptnr1_auth_seq_id 
_struct_conn.ptnr2_auth_asym_id 
_struct_conn.ptnr2_auth_comp_id 
_struct_conn.ptnr2_auth_seq_id 
_struct_conn.ptnr2_symmetry 
_struct_conn.pdbx_ptnr3_label_atom_id 
_struct_conn.pdbx_ptnr3_label_seq_id 
_struct_conn.pdbx_ptnr3_label_comp_id 
_struct_conn.pdbx_ptnr3_label_asym_id 
_struct_conn.pdbx_ptnr3_label_alt_id 
_struct_conn.pdbx_ptnr3_PDB_ins_code 
_struct_conn.details 
_struct_conn.pdbx_dist_value 
_struct_conn.pdbx_value_order 
_struct_conn.pdbx_role 
covale1 covale both ? A HIS 3  C ? ? ? 1_555 A MSE 4  N ? ? A HIS 0   A MSE 1   1_555 ? ? ? ? ? ? ? 1.329 ? ? 
covale2 covale both ? A MSE 4  C ? ? ? 1_555 A SER 5  N ? ? A MSE 1   A SER 2   1_555 ? ? ? ? ? ? ? 1.319 ? ? 
covale3 covale both ? A LEU 43 C ? ? ? 1_555 A MSE 44 N ? ? A LEU 40  A MSE 41  1_555 ? ? ? ? ? ? ? 1.340 ? ? 
covale4 covale both ? A MSE 44 C ? ? ? 1_555 A LEU 45 N ? ? A MSE 41  A LEU 42  1_555 ? ? ? ? ? ? ? 1.330 ? ? 
covale5 covale both ? B HIS 3  C ? ? ? 1_555 B MSE 4  N ? ? B HIS 181 B MSE 182 1_555 ? ? ? ? ? ? ? 1.332 ? ? 
covale6 covale both ? B MSE 4  C ? ? ? 1_555 B LEU 5  N ? ? B MSE 182 B LEU 183 1_555 ? ? ? ? ? ? ? 1.335 ? ? 
covale7 covale both ? B ALA 22 C ? ? ? 1_555 B MSE 23 N ? ? B ALA 200 B MSE 201 1_555 ? ? ? ? ? ? ? 1.332 ? ? 
covale8 covale both ? B MSE 23 C ? ? ? 1_555 B GLY 24 N ? ? B MSE 201 B GLY 202 1_555 ? ? ? ? ? ? ? 1.318 ? ? 
# 
_struct_conn_type.id          covale 
_struct_conn_type.criteria    ? 
_struct_conn_type.reference   ? 
# 
loop_
_pdbx_modification_feature.ordinal 
_pdbx_modification_feature.label_comp_id 
_pdbx_modification_feature.label_asym_id 
_pdbx_modification_feature.label_seq_id 
_pdbx_modification_feature.label_alt_id 
_pdbx_modification_feature.modified_residue_label_comp_id 
_pdbx_modification_feature.modified_residue_label_asym_id 
_pdbx_modification_feature.modified_residue_label_seq_id 
_pdbx_modification_feature.modified_residue_label_alt_id 
_pdbx_modification_feature.auth_comp_id 
_pdbx_modification_feature.auth_asym_id 
_pdbx_modification_feature.auth_seq_id 
_pdbx_modification_feature.PDB_ins_code 
_pdbx_modification_feature.symmetry 
_pdbx_modification_feature.modified_residue_auth_comp_id 
_pdbx_modification_feature.modified_residue_auth_asym_id 
_pdbx_modification_feature.modified_residue_auth_seq_id 
_pdbx_modification_feature.modified_residue_PDB_ins_code 
_pdbx_modification_feature.modified_residue_symmetry 
_pdbx_modification_feature.comp_id_linking_atom 
_pdbx_modification_feature.modified_residue_id_linking_atom 
_pdbx_modification_feature.modified_residue_id 
_pdbx_modification_feature.ref_pcm_id 
_pdbx_modification_feature.ref_comp_id 
_pdbx_modification_feature.type 
_pdbx_modification_feature.category 
1 MSE A 4  ? . . . . MSE A 1   ? 1_555 . . . . . . . MET 1 MSE Selenomethionine 'Named protein modification' 
2 MSE A 44 ? . . . . MSE A 41  ? 1_555 . . . . . . . MET 1 MSE Selenomethionine 'Named protein modification' 
3 MSE B 4  ? . . . . MSE B 182 ? 1_555 . . . . . . . MET 1 MSE Selenomethionine 'Named protein modification' 
4 MSE B 23 ? . . . . MSE B 201 ? 1_555 . . . . . . . MET 1 MSE Selenomethionine 'Named protein modification' 
# 
_struct_site.id                   AC1 
_struct_site.pdbx_evidence_code   Software 
_struct_site.pdbx_auth_asym_id    ? 
_struct_site.pdbx_auth_comp_id    ? 
_struct_site.pdbx_auth_seq_id     ? 
_struct_site.pdbx_auth_ins_code   ? 
_struct_site.pdbx_num_residues    5 
_struct_site.details              'BINDING SITE FOR RESIDUE SO4 B1232' 
# 
loop_
_struct_site_gen.id 
_struct_site_gen.site_id 
_struct_site_gen.pdbx_num_res 
_struct_site_gen.label_comp_id 
_struct_site_gen.label_asym_id 
_struct_site_gen.label_seq_id 
_struct_site_gen.pdbx_auth_ins_code 
_struct_site_gen.auth_comp_id 
_struct_site_gen.auth_asym_id 
_struct_site_gen.auth_seq_id 
_struct_site_gen.label_atom_id 
_struct_site_gen.label_alt_id 
_struct_site_gen.symmetry 
_struct_site_gen.details 
1 AC1 5 GLN A 18 ? GLN A 15   . ? 1_555 ? 
2 AC1 5 MSE B 23 ? MSE B 201  . ? 1_555 ? 
3 AC1 5 GLY B 24 ? GLY B 202  . ? 1_555 ? 
4 AC1 5 HOH E .  ? HOH B 1008 . ? 1_555 ? 
5 AC1 5 HOH E .  ? HOH B 1009 . ? 1_555 ? 
# 
_pdbx_entry_details.entry_id                   2V6X 
_pdbx_entry_details.compound_details           ? 
_pdbx_entry_details.source_details             ? 
_pdbx_entry_details.nonpolymer_details         ? 
_pdbx_entry_details.sequence_details           ? 
_pdbx_entry_details.has_ligand_of_interest     ? 
_pdbx_entry_details.has_protein_modification   Y 
# 
_pdbx_validate_symm_contact.id                1 
_pdbx_validate_symm_contact.PDB_model_num     1 
_pdbx_validate_symm_contact.auth_atom_id_1    CG2 
_pdbx_validate_symm_contact.auth_asym_id_1    A 
_pdbx_validate_symm_contact.auth_comp_id_1    THR 
_pdbx_validate_symm_contact.auth_seq_id_1     31 
_pdbx_validate_symm_contact.PDB_ins_code_1    ? 
_pdbx_validate_symm_contact.label_alt_id_1    ? 
_pdbx_validate_symm_contact.site_symmetry_1   1_555 
_pdbx_validate_symm_contact.auth_atom_id_2    O 
_pdbx_validate_symm_contact.auth_asym_id_2    B 
_pdbx_validate_symm_contact.auth_comp_id_2    HOH 
_pdbx_validate_symm_contact.auth_seq_id_2     1003 
_pdbx_validate_symm_contact.PDB_ins_code_2    ? 
_pdbx_validate_symm_contact.label_alt_id_2    ? 
_pdbx_validate_symm_contact.site_symmetry_2   1_554 
_pdbx_validate_symm_contact.dist              2.06 
# 
_pdbx_validate_torsion.id              1 
_pdbx_validate_torsion.PDB_model_num   1 
_pdbx_validate_torsion.auth_comp_id    SER 
_pdbx_validate_torsion.auth_asym_id    A 
_pdbx_validate_torsion.auth_seq_id     2 
_pdbx_validate_torsion.PDB_ins_code    ? 
_pdbx_validate_torsion.label_alt_id    ? 
_pdbx_validate_torsion.phi             -101.07 
_pdbx_validate_torsion.psi             79.28 
# 
loop_
_pdbx_struct_mod_residue.id 
_pdbx_struct_mod_residue.label_asym_id 
_pdbx_struct_mod_residue.label_comp_id 
_pdbx_struct_mod_residue.label_seq_id 
_pdbx_struct_mod_residue.auth_asym_id 
_pdbx_struct_mod_residue.auth_comp_id 
_pdbx_struct_mod_residue.auth_seq_id 
_pdbx_struct_mod_residue.PDB_ins_code 
_pdbx_struct_mod_residue.parent_comp_id 
_pdbx_struct_mod_residue.details 
1 A MSE 4  A MSE 1   ? MET SELENOMETHIONINE 
2 A MSE 44 A MSE 41  ? MET SELENOMETHIONINE 
3 B MSE 4  B MSE 182 ? MET SELENOMETHIONINE 
4 B MSE 23 B MSE 201 ? MET SELENOMETHIONINE 
# 
loop_
_pdbx_refine_tls.pdbx_refine_id 
_pdbx_refine_tls.id 
_pdbx_refine_tls.details 
_pdbx_refine_tls.method 
_pdbx_refine_tls.origin_x 
_pdbx_refine_tls.origin_y 
_pdbx_refine_tls.origin_z 
_pdbx_refine_tls.T[1][1] 
_pdbx_refine_tls.T[2][2] 
_pdbx_refine_tls.T[3][3] 
_pdbx_refine_tls.T[1][2] 
_pdbx_refine_tls.T[1][3] 
_pdbx_refine_tls.T[2][3] 
_pdbx_refine_tls.L[1][1] 
_pdbx_refine_tls.L[2][2] 
_pdbx_refine_tls.L[3][3] 
_pdbx_refine_tls.L[1][2] 
_pdbx_refine_tls.L[1][3] 
_pdbx_refine_tls.L[2][3] 
_pdbx_refine_tls.S[1][1] 
_pdbx_refine_tls.S[1][2] 
_pdbx_refine_tls.S[1][3] 
_pdbx_refine_tls.S[2][1] 
_pdbx_refine_tls.S[2][2] 
_pdbx_refine_tls.S[2][3] 
_pdbx_refine_tls.S[3][1] 
_pdbx_refine_tls.S[3][2] 
_pdbx_refine_tls.S[3][3] 
'X-RAY DIFFRACTION' 1 ? refined 1.2626   -1.0631 0.4970  -0.0452 -0.0297 -0.0931 -0.0041 -0.0181 -0.0169 1.8874  2.0030  0.9054 -0.6911  -0.7789  0.1127  0.0099  0.0770  0.1007  0.1402 0.0674  -0.0282 0.0414  0.0196  -0.0771 
'X-RAY DIFFRACTION' 2 ? refined -17.2961 9.1453  -0.0801 -0.0712 -0.0758 -0.0708 0.0269  0.0155  0.0474  22.8135 1.7931  9.9189 1.5676   -14.2793 -1.3446 0.9365  0.0923  0.7231  0.0404 -0.4537 0.0046  -0.7481 0.0361  -0.4829 
'X-RAY DIFFRACTION' 3 ? refined -2.8597  -8.3534 -8.9150 -0.0740 -0.0248 -0.1340 0.0203  0.0096  0.0069  20.0524 14.2030 7.4851 -12.8221 -0.4241  3.7095  -0.4377 0.5824  -0.9698 0.8453 -0.0586 0.8501  0.3782  -0.1257 0.4962  
'X-RAY DIFFRACTION' 4 ? refined 8.8170   6.8414  3.4124  0.0155  -0.0665 0.2568  0.1401  -0.3114 -0.3050 25.1841 30.9129 5.2336 -7.1137  -2.8383  6.4211  -1.2520 -0.9445 1.9639  1.9500 2.1061  -3.0796 -0.0053 0.8106  -0.8541 
# 
loop_
_pdbx_refine_tls_group.pdbx_refine_id 
_pdbx_refine_tls_group.id 
_pdbx_refine_tls_group.refine_tls_id 
_pdbx_refine_tls_group.beg_auth_asym_id 
_pdbx_refine_tls_group.beg_auth_seq_id 
_pdbx_refine_tls_group.beg_label_asym_id 
_pdbx_refine_tls_group.beg_label_seq_id 
_pdbx_refine_tls_group.end_auth_asym_id 
_pdbx_refine_tls_group.end_auth_seq_id 
_pdbx_refine_tls_group.end_label_asym_id 
_pdbx_refine_tls_group.end_label_seq_id 
_pdbx_refine_tls_group.selection 
_pdbx_refine_tls_group.selection_details 
'X-RAY DIFFRACTION' 1 1 A -1  ? ? A 80  ? ? ? ? 
'X-RAY DIFFRACTION' 2 2 B 181 ? ? B 194 ? ? ? ? 
'X-RAY DIFFRACTION' 3 3 B 195 ? ? B 206 ? ? ? ? 
'X-RAY DIFFRACTION' 4 4 B 217 ? ? B 231 ? ? ? ? 
# 
loop_
_pdbx_unobs_or_zero_occ_residues.id 
_pdbx_unobs_or_zero_occ_residues.PDB_model_num 
_pdbx_unobs_or_zero_occ_residues.polymer_flag 
_pdbx_unobs_or_zero_occ_residues.occupancy_flag 
_pdbx_unobs_or_zero_occ_residues.auth_asym_id 
_pdbx_unobs_or_zero_occ_residues.auth_comp_id 
_pdbx_unobs_or_zero_occ_residues.auth_seq_id 
_pdbx_unobs_or_zero_occ_residues.PDB_ins_code 
_pdbx_unobs_or_zero_occ_residues.label_asym_id 
_pdbx_unobs_or_zero_occ_residues.label_comp_id 
_pdbx_unobs_or_zero_occ_residues.label_seq_id 
1  1 Y 1 A GLY -2  ? A GLY 1  
2  1 Y 1 A ALA 81  ? A ALA 84 
3  1 Y 1 A ALA 82  ? A ALA 85 
4  1 Y 1 B GLY 179 ? B GLY 1  
5  1 Y 1 B SER 180 ? B SER 2  
6  1 Y 1 B ILE 207 ? B ILE 29 
7  1 Y 1 B GLY 208 ? B GLY 30 
8  1 Y 1 B ALA 209 ? B ALA 31 
9  1 Y 1 B GLY 210 ? B GLY 32 
10 1 Y 1 B SER 211 ? B SER 33 
11 1 Y 1 B GLU 212 ? B GLU 34 
12 1 Y 1 B PHE 213 ? B PHE 35 
13 1 Y 1 B HIS 214 ? B HIS 36 
14 1 Y 1 B GLY 215 ? B GLY 37 
15 1 Y 1 B ASN 216 ? B ASN 38 
16 1 Y 1 B THR 232 ? B THR 54 
# 
loop_
_chem_comp_atom.comp_id 
_chem_comp_atom.atom_id 
_chem_comp_atom.type_symbol 
_chem_comp_atom.pdbx_aromatic_flag 
_chem_comp_atom.pdbx_stereo_config 
_chem_comp_atom.pdbx_ordinal 
ALA N    N  N N 1   
ALA CA   C  N S 2   
ALA C    C  N N 3   
ALA O    O  N N 4   
ALA CB   C  N N 5   
ALA OXT  O  N N 6   
ALA H    H  N N 7   
ALA H2   H  N N 8   
ALA HA   H  N N 9   
ALA HB1  H  N N 10  
ALA HB2  H  N N 11  
ALA HB3  H  N N 12  
ALA HXT  H  N N 13  
ARG N    N  N N 14  
ARG CA   C  N S 15  
ARG C    C  N N 16  
ARG O    O  N N 17  
ARG CB   C  N N 18  
ARG CG   C  N N 19  
ARG CD   C  N N 20  
ARG NE   N  N N 21  
ARG CZ   C  N N 22  
ARG NH1  N  N N 23  
ARG NH2  N  N N 24  
ARG OXT  O  N N 25  
ARG H    H  N N 26  
ARG H2   H  N N 27  
ARG HA   H  N N 28  
ARG HB2  H  N N 29  
ARG HB3  H  N N 30  
ARG HG2  H  N N 31  
ARG HG3  H  N N 32  
ARG HD2  H  N N 33  
ARG HD3  H  N N 34  
ARG HE   H  N N 35  
ARG HH11 H  N N 36  
ARG HH12 H  N N 37  
ARG HH21 H  N N 38  
ARG HH22 H  N N 39  
ARG HXT  H  N N 40  
ASN N    N  N N 41  
ASN CA   C  N S 42  
ASN C    C  N N 43  
ASN O    O  N N 44  
ASN CB   C  N N 45  
ASN CG   C  N N 46  
ASN OD1  O  N N 47  
ASN ND2  N  N N 48  
ASN OXT  O  N N 49  
ASN H    H  N N 50  
ASN H2   H  N N 51  
ASN HA   H  N N 52  
ASN HB2  H  N N 53  
ASN HB3  H  N N 54  
ASN HD21 H  N N 55  
ASN HD22 H  N N 56  
ASN HXT  H  N N 57  
ASP N    N  N N 58  
ASP CA   C  N S 59  
ASP C    C  N N 60  
ASP O    O  N N 61  
ASP CB   C  N N 62  
ASP CG   C  N N 63  
ASP OD1  O  N N 64  
ASP OD2  O  N N 65  
ASP OXT  O  N N 66  
ASP H    H  N N 67  
ASP H2   H  N N 68  
ASP HA   H  N N 69  
ASP HB2  H  N N 70  
ASP HB3  H  N N 71  
ASP HD2  H  N N 72  
ASP HXT  H  N N 73  
GLN N    N  N N 74  
GLN CA   C  N S 75  
GLN C    C  N N 76  
GLN O    O  N N 77  
GLN CB   C  N N 78  
GLN CG   C  N N 79  
GLN CD   C  N N 80  
GLN OE1  O  N N 81  
GLN NE2  N  N N 82  
GLN OXT  O  N N 83  
GLN H    H  N N 84  
GLN H2   H  N N 85  
GLN HA   H  N N 86  
GLN HB2  H  N N 87  
GLN HB3  H  N N 88  
GLN HG2  H  N N 89  
GLN HG3  H  N N 90  
GLN HE21 H  N N 91  
GLN HE22 H  N N 92  
GLN HXT  H  N N 93  
GLU N    N  N N 94  
GLU CA   C  N S 95  
GLU C    C  N N 96  
GLU O    O  N N 97  
GLU CB   C  N N 98  
GLU CG   C  N N 99  
GLU CD   C  N N 100 
GLU OE1  O  N N 101 
GLU OE2  O  N N 102 
GLU OXT  O  N N 103 
GLU H    H  N N 104 
GLU H2   H  N N 105 
GLU HA   H  N N 106 
GLU HB2  H  N N 107 
GLU HB3  H  N N 108 
GLU HG2  H  N N 109 
GLU HG3  H  N N 110 
GLU HE2  H  N N 111 
GLU HXT  H  N N 112 
GLY N    N  N N 113 
GLY CA   C  N N 114 
GLY C    C  N N 115 
GLY O    O  N N 116 
GLY OXT  O  N N 117 
GLY H    H  N N 118 
GLY H2   H  N N 119 
GLY HA2  H  N N 120 
GLY HA3  H  N N 121 
GLY HXT  H  N N 122 
HIS N    N  N N 123 
HIS CA   C  N S 124 
HIS C    C  N N 125 
HIS O    O  N N 126 
HIS CB   C  N N 127 
HIS CG   C  Y N 128 
HIS ND1  N  Y N 129 
HIS CD2  C  Y N 130 
HIS CE1  C  Y N 131 
HIS NE2  N  Y N 132 
HIS OXT  O  N N 133 
HIS H    H  N N 134 
HIS H2   H  N N 135 
HIS HA   H  N N 136 
HIS HB2  H  N N 137 
HIS HB3  H  N N 138 
HIS HD1  H  N N 139 
HIS HD2  H  N N 140 
HIS HE1  H  N N 141 
HIS HE2  H  N N 142 
HIS HXT  H  N N 143 
HOH O    O  N N 144 
HOH H1   H  N N 145 
HOH H2   H  N N 146 
ILE N    N  N N 147 
ILE CA   C  N S 148 
ILE C    C  N N 149 
ILE O    O  N N 150 
ILE CB   C  N S 151 
ILE CG1  C  N N 152 
ILE CG2  C  N N 153 
ILE CD1  C  N N 154 
ILE OXT  O  N N 155 
ILE H    H  N N 156 
ILE H2   H  N N 157 
ILE HA   H  N N 158 
ILE HB   H  N N 159 
ILE HG12 H  N N 160 
ILE HG13 H  N N 161 
ILE HG21 H  N N 162 
ILE HG22 H  N N 163 
ILE HG23 H  N N 164 
ILE HD11 H  N N 165 
ILE HD12 H  N N 166 
ILE HD13 H  N N 167 
ILE HXT  H  N N 168 
LEU N    N  N N 169 
LEU CA   C  N S 170 
LEU C    C  N N 171 
LEU O    O  N N 172 
LEU CB   C  N N 173 
LEU CG   C  N N 174 
LEU CD1  C  N N 175 
LEU CD2  C  N N 176 
LEU OXT  O  N N 177 
LEU H    H  N N 178 
LEU H2   H  N N 179 
LEU HA   H  N N 180 
LEU HB2  H  N N 181 
LEU HB3  H  N N 182 
LEU HG   H  N N 183 
LEU HD11 H  N N 184 
LEU HD12 H  N N 185 
LEU HD13 H  N N 186 
LEU HD21 H  N N 187 
LEU HD22 H  N N 188 
LEU HD23 H  N N 189 
LEU HXT  H  N N 190 
LYS N    N  N N 191 
LYS CA   C  N S 192 
LYS C    C  N N 193 
LYS O    O  N N 194 
LYS CB   C  N N 195 
LYS CG   C  N N 196 
LYS CD   C  N N 197 
LYS CE   C  N N 198 
LYS NZ   N  N N 199 
LYS OXT  O  N N 200 
LYS H    H  N N 201 
LYS H2   H  N N 202 
LYS HA   H  N N 203 
LYS HB2  H  N N 204 
LYS HB3  H  N N 205 
LYS HG2  H  N N 206 
LYS HG3  H  N N 207 
LYS HD2  H  N N 208 
LYS HD3  H  N N 209 
LYS HE2  H  N N 210 
LYS HE3  H  N N 211 
LYS HZ1  H  N N 212 
LYS HZ2  H  N N 213 
LYS HZ3  H  N N 214 
LYS HXT  H  N N 215 
MSE N    N  N N 216 
MSE CA   C  N S 217 
MSE C    C  N N 218 
MSE O    O  N N 219 
MSE OXT  O  N N 220 
MSE CB   C  N N 221 
MSE CG   C  N N 222 
MSE SE   SE N N 223 
MSE CE   C  N N 224 
MSE H    H  N N 225 
MSE H2   H  N N 226 
MSE HA   H  N N 227 
MSE HXT  H  N N 228 
MSE HB2  H  N N 229 
MSE HB3  H  N N 230 
MSE HG2  H  N N 231 
MSE HG3  H  N N 232 
MSE HE1  H  N N 233 
MSE HE2  H  N N 234 
MSE HE3  H  N N 235 
PHE N    N  N N 236 
PHE CA   C  N S 237 
PHE C    C  N N 238 
PHE O    O  N N 239 
PHE CB   C  N N 240 
PHE CG   C  Y N 241 
PHE CD1  C  Y N 242 
PHE CD2  C  Y N 243 
PHE CE1  C  Y N 244 
PHE CE2  C  Y N 245 
PHE CZ   C  Y N 246 
PHE OXT  O  N N 247 
PHE H    H  N N 248 
PHE H2   H  N N 249 
PHE HA   H  N N 250 
PHE HB2  H  N N 251 
PHE HB3  H  N N 252 
PHE HD1  H  N N 253 
PHE HD2  H  N N 254 
PHE HE1  H  N N 255 
PHE HE2  H  N N 256 
PHE HZ   H  N N 257 
PHE HXT  H  N N 258 
PRO N    N  N N 259 
PRO CA   C  N S 260 
PRO C    C  N N 261 
PRO O    O  N N 262 
PRO CB   C  N N 263 
PRO CG   C  N N 264 
PRO CD   C  N N 265 
PRO OXT  O  N N 266 
PRO H    H  N N 267 
PRO HA   H  N N 268 
PRO HB2  H  N N 269 
PRO HB3  H  N N 270 
PRO HG2  H  N N 271 
PRO HG3  H  N N 272 
PRO HD2  H  N N 273 
PRO HD3  H  N N 274 
PRO HXT  H  N N 275 
SER N    N  N N 276 
SER CA   C  N S 277 
SER C    C  N N 278 
SER O    O  N N 279 
SER CB   C  N N 280 
SER OG   O  N N 281 
SER OXT  O  N N 282 
SER H    H  N N 283 
SER H2   H  N N 284 
SER HA   H  N N 285 
SER HB2  H  N N 286 
SER HB3  H  N N 287 
SER HG   H  N N 288 
SER HXT  H  N N 289 
SO4 S    S  N N 290 
SO4 O1   O  N N 291 
SO4 O2   O  N N 292 
SO4 O3   O  N N 293 
SO4 O4   O  N N 294 
THR N    N  N N 295 
THR CA   C  N S 296 
THR C    C  N N 297 
THR O    O  N N 298 
THR CB   C  N R 299 
THR OG1  O  N N 300 
THR CG2  C  N N 301 
THR OXT  O  N N 302 
THR H    H  N N 303 
THR H2   H  N N 304 
THR HA   H  N N 305 
THR HB   H  N N 306 
THR HG1  H  N N 307 
THR HG21 H  N N 308 
THR HG22 H  N N 309 
THR HG23 H  N N 310 
THR HXT  H  N N 311 
TYR N    N  N N 312 
TYR CA   C  N S 313 
TYR C    C  N N 314 
TYR O    O  N N 315 
TYR CB   C  N N 316 
TYR CG   C  Y N 317 
TYR CD1  C  Y N 318 
TYR CD2  C  Y N 319 
TYR CE1  C  Y N 320 
TYR CE2  C  Y N 321 
TYR CZ   C  Y N 322 
TYR OH   O  N N 323 
TYR OXT  O  N N 324 
TYR H    H  N N 325 
TYR H2   H  N N 326 
TYR HA   H  N N 327 
TYR HB2  H  N N 328 
TYR HB3  H  N N 329 
TYR HD1  H  N N 330 
TYR HD2  H  N N 331 
TYR HE1  H  N N 332 
TYR HE2  H  N N 333 
TYR HH   H  N N 334 
TYR HXT  H  N N 335 
VAL N    N  N N 336 
VAL CA   C  N S 337 
VAL C    C  N N 338 
VAL O    O  N N 339 
VAL CB   C  N N 340 
VAL CG1  C  N N 341 
VAL CG2  C  N N 342 
VAL OXT  O  N N 343 
VAL H    H  N N 344 
VAL H2   H  N N 345 
VAL HA   H  N N 346 
VAL HB   H  N N 347 
VAL HG11 H  N N 348 
VAL HG12 H  N N 349 
VAL HG13 H  N N 350 
VAL HG21 H  N N 351 
VAL HG22 H  N N 352 
VAL HG23 H  N N 353 
VAL HXT  H  N N 354 
# 
loop_
_chem_comp_bond.comp_id 
_chem_comp_bond.atom_id_1 
_chem_comp_bond.atom_id_2 
_chem_comp_bond.value_order 
_chem_comp_bond.pdbx_aromatic_flag 
_chem_comp_bond.pdbx_stereo_config 
_chem_comp_bond.pdbx_ordinal 
ALA N   CA   sing N N 1   
ALA N   H    sing N N 2   
ALA N   H2   sing N N 3   
ALA CA  C    sing N N 4   
ALA CA  CB   sing N N 5   
ALA CA  HA   sing N N 6   
ALA C   O    doub N N 7   
ALA C   OXT  sing N N 8   
ALA CB  HB1  sing N N 9   
ALA CB  HB2  sing N N 10  
ALA CB  HB3  sing N N 11  
ALA OXT HXT  sing N N 12  
ARG N   CA   sing N N 13  
ARG N   H    sing N N 14  
ARG N   H2   sing N N 15  
ARG CA  C    sing N N 16  
ARG CA  CB   sing N N 17  
ARG CA  HA   sing N N 18  
ARG C   O    doub N N 19  
ARG C   OXT  sing N N 20  
ARG CB  CG   sing N N 21  
ARG CB  HB2  sing N N 22  
ARG CB  HB3  sing N N 23  
ARG CG  CD   sing N N 24  
ARG CG  HG2  sing N N 25  
ARG CG  HG3  sing N N 26  
ARG CD  NE   sing N N 27  
ARG CD  HD2  sing N N 28  
ARG CD  HD3  sing N N 29  
ARG NE  CZ   sing N N 30  
ARG NE  HE   sing N N 31  
ARG CZ  NH1  sing N N 32  
ARG CZ  NH2  doub N N 33  
ARG NH1 HH11 sing N N 34  
ARG NH1 HH12 sing N N 35  
ARG NH2 HH21 sing N N 36  
ARG NH2 HH22 sing N N 37  
ARG OXT HXT  sing N N 38  
ASN N   CA   sing N N 39  
ASN N   H    sing N N 40  
ASN N   H2   sing N N 41  
ASN CA  C    sing N N 42  
ASN CA  CB   sing N N 43  
ASN CA  HA   sing N N 44  
ASN C   O    doub N N 45  
ASN C   OXT  sing N N 46  
ASN CB  CG   sing N N 47  
ASN CB  HB2  sing N N 48  
ASN CB  HB3  sing N N 49  
ASN CG  OD1  doub N N 50  
ASN CG  ND2  sing N N 51  
ASN ND2 HD21 sing N N 52  
ASN ND2 HD22 sing N N 53  
ASN OXT HXT  sing N N 54  
ASP N   CA   sing N N 55  
ASP N   H    sing N N 56  
ASP N   H2   sing N N 57  
ASP CA  C    sing N N 58  
ASP CA  CB   sing N N 59  
ASP CA  HA   sing N N 60  
ASP C   O    doub N N 61  
ASP C   OXT  sing N N 62  
ASP CB  CG   sing N N 63  
ASP CB  HB2  sing N N 64  
ASP CB  HB3  sing N N 65  
ASP CG  OD1  doub N N 66  
ASP CG  OD2  sing N N 67  
ASP OD2 HD2  sing N N 68  
ASP OXT HXT  sing N N 69  
GLN N   CA   sing N N 70  
GLN N   H    sing N N 71  
GLN N   H2   sing N N 72  
GLN CA  C    sing N N 73  
GLN CA  CB   sing N N 74  
GLN CA  HA   sing N N 75  
GLN C   O    doub N N 76  
GLN C   OXT  sing N N 77  
GLN CB  CG   sing N N 78  
GLN CB  HB2  sing N N 79  
GLN CB  HB3  sing N N 80  
GLN CG  CD   sing N N 81  
GLN CG  HG2  sing N N 82  
GLN CG  HG3  sing N N 83  
GLN CD  OE1  doub N N 84  
GLN CD  NE2  sing N N 85  
GLN NE2 HE21 sing N N 86  
GLN NE2 HE22 sing N N 87  
GLN OXT HXT  sing N N 88  
GLU N   CA   sing N N 89  
GLU N   H    sing N N 90  
GLU N   H2   sing N N 91  
GLU CA  C    sing N N 92  
GLU CA  CB   sing N N 93  
GLU CA  HA   sing N N 94  
GLU C   O    doub N N 95  
GLU C   OXT  sing N N 96  
GLU CB  CG   sing N N 97  
GLU CB  HB2  sing N N 98  
GLU CB  HB3  sing N N 99  
GLU CG  CD   sing N N 100 
GLU CG  HG2  sing N N 101 
GLU CG  HG3  sing N N 102 
GLU CD  OE1  doub N N 103 
GLU CD  OE2  sing N N 104 
GLU OE2 HE2  sing N N 105 
GLU OXT HXT  sing N N 106 
GLY N   CA   sing N N 107 
GLY N   H    sing N N 108 
GLY N   H2   sing N N 109 
GLY CA  C    sing N N 110 
GLY CA  HA2  sing N N 111 
GLY CA  HA3  sing N N 112 
GLY C   O    doub N N 113 
GLY C   OXT  sing N N 114 
GLY OXT HXT  sing N N 115 
HIS N   CA   sing N N 116 
HIS N   H    sing N N 117 
HIS N   H2   sing N N 118 
HIS CA  C    sing N N 119 
HIS CA  CB   sing N N 120 
HIS CA  HA   sing N N 121 
HIS C   O    doub N N 122 
HIS C   OXT  sing N N 123 
HIS CB  CG   sing N N 124 
HIS CB  HB2  sing N N 125 
HIS CB  HB3  sing N N 126 
HIS CG  ND1  sing Y N 127 
HIS CG  CD2  doub Y N 128 
HIS ND1 CE1  doub Y N 129 
HIS ND1 HD1  sing N N 130 
HIS CD2 NE2  sing Y N 131 
HIS CD2 HD2  sing N N 132 
HIS CE1 NE2  sing Y N 133 
HIS CE1 HE1  sing N N 134 
HIS NE2 HE2  sing N N 135 
HIS OXT HXT  sing N N 136 
HOH O   H1   sing N N 137 
HOH O   H2   sing N N 138 
ILE N   CA   sing N N 139 
ILE N   H    sing N N 140 
ILE N   H2   sing N N 141 
ILE CA  C    sing N N 142 
ILE CA  CB   sing N N 143 
ILE CA  HA   sing N N 144 
ILE C   O    doub N N 145 
ILE C   OXT  sing N N 146 
ILE CB  CG1  sing N N 147 
ILE CB  CG2  sing N N 148 
ILE CB  HB   sing N N 149 
ILE CG1 CD1  sing N N 150 
ILE CG1 HG12 sing N N 151 
ILE CG1 HG13 sing N N 152 
ILE CG2 HG21 sing N N 153 
ILE CG2 HG22 sing N N 154 
ILE CG2 HG23 sing N N 155 
ILE CD1 HD11 sing N N 156 
ILE CD1 HD12 sing N N 157 
ILE CD1 HD13 sing N N 158 
ILE OXT HXT  sing N N 159 
LEU N   CA   sing N N 160 
LEU N   H    sing N N 161 
LEU N   H2   sing N N 162 
LEU CA  C    sing N N 163 
LEU CA  CB   sing N N 164 
LEU CA  HA   sing N N 165 
LEU C   O    doub N N 166 
LEU C   OXT  sing N N 167 
LEU CB  CG   sing N N 168 
LEU CB  HB2  sing N N 169 
LEU CB  HB3  sing N N 170 
LEU CG  CD1  sing N N 171 
LEU CG  CD2  sing N N 172 
LEU CG  HG   sing N N 173 
LEU CD1 HD11 sing N N 174 
LEU CD1 HD12 sing N N 175 
LEU CD1 HD13 sing N N 176 
LEU CD2 HD21 sing N N 177 
LEU CD2 HD22 sing N N 178 
LEU CD2 HD23 sing N N 179 
LEU OXT HXT  sing N N 180 
LYS N   CA   sing N N 181 
LYS N   H    sing N N 182 
LYS N   H2   sing N N 183 
LYS CA  C    sing N N 184 
LYS CA  CB   sing N N 185 
LYS CA  HA   sing N N 186 
LYS C   O    doub N N 187 
LYS C   OXT  sing N N 188 
LYS CB  CG   sing N N 189 
LYS CB  HB2  sing N N 190 
LYS CB  HB3  sing N N 191 
LYS CG  CD   sing N N 192 
LYS CG  HG2  sing N N 193 
LYS CG  HG3  sing N N 194 
LYS CD  CE   sing N N 195 
LYS CD  HD2  sing N N 196 
LYS CD  HD3  sing N N 197 
LYS CE  NZ   sing N N 198 
LYS CE  HE2  sing N N 199 
LYS CE  HE3  sing N N 200 
LYS NZ  HZ1  sing N N 201 
LYS NZ  HZ2  sing N N 202 
LYS NZ  HZ3  sing N N 203 
LYS OXT HXT  sing N N 204 
MSE N   CA   sing N N 205 
MSE N   H    sing N N 206 
MSE N   H2   sing N N 207 
MSE CA  C    sing N N 208 
MSE CA  CB   sing N N 209 
MSE CA  HA   sing N N 210 
MSE C   O    doub N N 211 
MSE C   OXT  sing N N 212 
MSE OXT HXT  sing N N 213 
MSE CB  CG   sing N N 214 
MSE CB  HB2  sing N N 215 
MSE CB  HB3  sing N N 216 
MSE CG  SE   sing N N 217 
MSE CG  HG2  sing N N 218 
MSE CG  HG3  sing N N 219 
MSE SE  CE   sing N N 220 
MSE CE  HE1  sing N N 221 
MSE CE  HE2  sing N N 222 
MSE CE  HE3  sing N N 223 
PHE N   CA   sing N N 224 
PHE N   H    sing N N 225 
PHE N   H2   sing N N 226 
PHE CA  C    sing N N 227 
PHE CA  CB   sing N N 228 
PHE CA  HA   sing N N 229 
PHE C   O    doub N N 230 
PHE C   OXT  sing N N 231 
PHE CB  CG   sing N N 232 
PHE CB  HB2  sing N N 233 
PHE CB  HB3  sing N N 234 
PHE CG  CD1  doub Y N 235 
PHE CG  CD2  sing Y N 236 
PHE CD1 CE1  sing Y N 237 
PHE CD1 HD1  sing N N 238 
PHE CD2 CE2  doub Y N 239 
PHE CD2 HD2  sing N N 240 
PHE CE1 CZ   doub Y N 241 
PHE CE1 HE1  sing N N 242 
PHE CE2 CZ   sing Y N 243 
PHE CE2 HE2  sing N N 244 
PHE CZ  HZ   sing N N 245 
PHE OXT HXT  sing N N 246 
PRO N   CA   sing N N 247 
PRO N   CD   sing N N 248 
PRO N   H    sing N N 249 
PRO CA  C    sing N N 250 
PRO CA  CB   sing N N 251 
PRO CA  HA   sing N N 252 
PRO C   O    doub N N 253 
PRO C   OXT  sing N N 254 
PRO CB  CG   sing N N 255 
PRO CB  HB2  sing N N 256 
PRO CB  HB3  sing N N 257 
PRO CG  CD   sing N N 258 
PRO CG  HG2  sing N N 259 
PRO CG  HG3  sing N N 260 
PRO CD  HD2  sing N N 261 
PRO CD  HD3  sing N N 262 
PRO OXT HXT  sing N N 263 
SER N   CA   sing N N 264 
SER N   H    sing N N 265 
SER N   H2   sing N N 266 
SER CA  C    sing N N 267 
SER CA  CB   sing N N 268 
SER CA  HA   sing N N 269 
SER C   O    doub N N 270 
SER C   OXT  sing N N 271 
SER CB  OG   sing N N 272 
SER CB  HB2  sing N N 273 
SER CB  HB3  sing N N 274 
SER OG  HG   sing N N 275 
SER OXT HXT  sing N N 276 
SO4 S   O1   doub N N 277 
SO4 S   O2   doub N N 278 
SO4 S   O3   sing N N 279 
SO4 S   O4   sing N N 280 
THR N   CA   sing N N 281 
THR N   H    sing N N 282 
THR N   H2   sing N N 283 
THR CA  C    sing N N 284 
THR CA  CB   sing N N 285 
THR CA  HA   sing N N 286 
THR C   O    doub N N 287 
THR C   OXT  sing N N 288 
THR CB  OG1  sing N N 289 
THR CB  CG2  sing N N 290 
THR CB  HB   sing N N 291 
THR OG1 HG1  sing N N 292 
THR CG2 HG21 sing N N 293 
THR CG2 HG22 sing N N 294 
THR CG2 HG23 sing N N 295 
THR OXT HXT  sing N N 296 
TYR N   CA   sing N N 297 
TYR N   H    sing N N 298 
TYR N   H2   sing N N 299 
TYR CA  C    sing N N 300 
TYR CA  CB   sing N N 301 
TYR CA  HA   sing N N 302 
TYR C   O    doub N N 303 
TYR C   OXT  sing N N 304 
TYR CB  CG   sing N N 305 
TYR CB  HB2  sing N N 306 
TYR CB  HB3  sing N N 307 
TYR CG  CD1  doub Y N 308 
TYR CG  CD2  sing Y N 309 
TYR CD1 CE1  sing Y N 310 
TYR CD1 HD1  sing N N 311 
TYR CD2 CE2  doub Y N 312 
TYR CD2 HD2  sing N N 313 
TYR CE1 CZ   doub Y N 314 
TYR CE1 HE1  sing N N 315 
TYR CE2 CZ   sing Y N 316 
TYR CE2 HE2  sing N N 317 
TYR CZ  OH   sing N N 318 
TYR OH  HH   sing N N 319 
TYR OXT HXT  sing N N 320 
VAL N   CA   sing N N 321 
VAL N   H    sing N N 322 
VAL N   H2   sing N N 323 
VAL CA  C    sing N N 324 
VAL CA  CB   sing N N 325 
VAL CA  HA   sing N N 326 
VAL C   O    doub N N 327 
VAL C   OXT  sing N N 328 
VAL CB  CG1  sing N N 329 
VAL CB  CG2  sing N N 330 
VAL CB  HB   sing N N 331 
VAL CG1 HG11 sing N N 332 
VAL CG1 HG12 sing N N 333 
VAL CG1 HG13 sing N N 334 
VAL CG2 HG21 sing N N 335 
VAL CG2 HG22 sing N N 336 
VAL CG2 HG23 sing N N 337 
VAL OXT HXT  sing N N 338 
# 
_atom_sites.entry_id                    2V6X 
_atom_sites.fract_transf_matrix[1][1]   -0.01199884 
_atom_sites.fract_transf_matrix[1][2]   0.00337254 
_atom_sites.fract_transf_matrix[1][3]   0.00290119 
_atom_sites.fract_transf_matrix[2][1]   0.00357720 
_atom_sites.fract_transf_matrix[2][2]   0.01153357 
_atom_sites.fract_transf_matrix[2][3]   0.00138728 
_atom_sites.fract_transf_matrix[3][1]   -0.00861692 
_atom_sites.fract_transf_matrix[3][2]   0.00809044 
_atom_sites.fract_transf_matrix[3][3]   -0.04504300 
_atom_sites.fract_transf_vector[1]      0.430434 
_atom_sites.fract_transf_vector[2]      0.316283 
_atom_sites.fract_transf_vector[3]      1.820786 
# 
loop_
_atom_type.symbol 
C  
N  
O  
S  
SE 
# 
loop_
_atom_site.group_PDB 
_atom_site.id 
_atom_site.type_symbol 
_atom_site.label_atom_id 
_atom_site.label_alt_id 
_atom_site.label_comp_id 
_atom_site.label_asym_id 
_atom_site.label_entity_id 
_atom_site.label_seq_id 
_atom_site.pdbx_PDB_ins_code 
_atom_site.Cartn_x 
_atom_site.Cartn_y 
_atom_site.Cartn_z 
_atom_site.occupancy 
_atom_site.B_iso_or_equiv 
_atom_site.pdbx_formal_charge 
_atom_site.auth_seq_id 
_atom_site.auth_comp_id 
_atom_site.auth_asym_id 
_atom_site.auth_atom_id 
_atom_site.pdbx_PDB_model_num 
ATOM   1    N  N   . SER A 1 2  ? 20.495  -15.331 13.194  1.00 23.43 ? -1   SER A N   1 
ATOM   2    C  CA  . SER A 1 2  ? 19.703  -16.260 14.079  1.00 22.75 ? -1   SER A CA  1 
ATOM   3    C  C   . SER A 1 2  ? 18.319  -16.693 13.516  1.00 20.61 ? -1   SER A C   1 
ATOM   4    O  O   . SER A 1 2  ? 17.797  -17.752 13.888  1.00 21.04 ? -1   SER A O   1 
ATOM   5    C  CB  . SER A 1 2  ? 19.629  -15.697 15.491  1.00 23.15 ? -1   SER A CB  1 
ATOM   6    O  OG  . SER A 1 2  ? 19.116  -16.664 16.388  1.00 27.55 ? -1   SER A OG  1 
ATOM   7    N  N   . HIS A 1 3  ? 17.747  -15.914 12.605  1.00 17.91 ? 0    HIS A N   1 
ATOM   8    C  CA  . HIS A 1 3  ? 16.632  -16.412 11.776  1.00 15.92 ? 0    HIS A CA  1 
ATOM   9    C  C   . HIS A 1 3  ? 16.965  -16.339 10.298  1.00 14.85 ? 0    HIS A C   1 
ATOM   10   O  O   . HIS A 1 3  ? 17.401  -15.298 9.812   1.00 13.63 ? 0    HIS A O   1 
ATOM   11   C  CB  . HIS A 1 3  ? 15.340  -15.635 12.047  1.00 16.18 ? 0    HIS A CB  1 
ATOM   12   C  CG  . HIS A 1 3  ? 14.867  -15.757 13.461  1.00 15.77 ? 0    HIS A CG  1 
ATOM   13   N  ND1 . HIS A 1 3  ? 15.458  -15.073 14.500  1.00 16.80 ? 0    HIS A ND1 1 
ATOM   14   C  CD2 . HIS A 1 3  ? 13.896  -16.521 14.013  1.00 16.44 ? 0    HIS A CD2 1 
ATOM   15   C  CE1 . HIS A 1 3  ? 14.858  -15.394 15.632  1.00 16.78 ? 0    HIS A CE1 1 
ATOM   16   N  NE2 . HIS A 1 3  ? 13.909  -16.273 15.365  1.00 16.53 ? 0    HIS A NE2 1 
HETATM 17   N  N   . MSE A 1 4  ? 16.776  -17.450 9.593   1.00 13.31 ? 1    MSE A N   1 
HETATM 18   C  CA  . MSE A 1 4  ? 16.867  -17.459 8.147   1.00 13.39 ? 1    MSE A CA  1 
HETATM 19   C  C   . MSE A 1 4  ? 15.675  -16.726 7.542   1.00 13.18 ? 1    MSE A C   1 
HETATM 20   O  O   . MSE A 1 4  ? 14.564  -16.812 8.046   1.00 11.67 ? 1    MSE A O   1 
HETATM 21   C  CB  . MSE A 1 4  ? 16.870  -18.896 7.618   1.00 13.07 ? 1    MSE A CB  1 
HETATM 22   C  CG  . MSE A 1 4  ? 18.009  -19.729 8.093   1.00 12.72 ? 1    MSE A CG  1 
HETATM 23   SE SE  . MSE A 1 4  ? 17.833  -21.571 7.381   1.00 17.17 ? 1    MSE A SE  1 
HETATM 24   C  CE  . MSE A 1 4  ? 16.132  -22.076 8.201   1.00 12.68 ? 1    MSE A CE  1 
ATOM   25   N  N   . SER A 1 5  ? 15.911  -15.996 6.469   1.00 13.66 ? 2    SER A N   1 
ATOM   26   C  CA  . SER A 1 5  ? 14.832  -15.250 5.840   1.00 16.08 ? 2    SER A CA  1 
ATOM   27   C  C   . SER A 1 5  ? 14.375  -16.036 4.624   1.00 17.07 ? 2    SER A C   1 
ATOM   28   O  O   . SER A 1 5  ? 14.765  -15.732 3.495   1.00 17.88 ? 2    SER A O   1 
ATOM   29   C  CB  . SER A 1 5  ? 15.273  -13.822 5.477   1.00 16.43 ? 2    SER A CB  1 
ATOM   30   O  OG  . SER A 1 5  ? 16.613  -13.797 5.024   1.00 16.78 ? 2    SER A OG  1 
ATOM   31   N  N   . THR A 1 6  ? 13.570  -17.065 4.872   1.00 17.53 ? 3    THR A N   1 
ATOM   32   C  CA  . THR A 1 6  ? 13.144  -18.010 3.828   1.00 18.83 ? 3    THR A CA  1 
ATOM   33   C  C   . THR A 1 6  ? 11.972  -17.562 2.930   1.00 19.20 ? 3    THR A C   1 
ATOM   34   O  O   . THR A 1 6  ? 11.881  -18.002 1.769   1.00 18.87 ? 3    THR A O   1 
ATOM   35   C  CB  . THR A 1 6  ? 12.790  -19.370 4.446   1.00 18.60 ? 3    THR A CB  1 
ATOM   36   O  OG1 . THR A 1 6  ? 11.957  -19.166 5.602   1.00 20.43 ? 3    THR A OG1 1 
ATOM   37   C  CG2 . THR A 1 6  ? 14.057  -20.084 4.878   1.00 19.63 ? 3    THR A CG2 1 
ATOM   38   N  N   . GLY A 1 7  ? 11.081  -16.720 3.463   1.00 18.87 ? 4    GLY A N   1 
ATOM   39   C  CA  . GLY A 1 7  ? 9.835   -16.350 2.769   1.00 18.88 ? 4    GLY A CA  1 
ATOM   40   C  C   . GLY A 1 7  ? 10.016  -15.326 1.654   1.00 19.25 ? 4    GLY A C   1 
ATOM   41   O  O   . GLY A 1 7  ? 11.071  -14.703 1.525   1.00 19.86 ? 4    GLY A O   1 
ATOM   42   N  N   . ASP A 1 8  ? 8.986   -15.161 0.832   1.00 18.54 ? 5    ASP A N   1 
ATOM   43   C  CA  . ASP A 1 8  ? 9.037   -14.220 -0.276  1.00 17.96 ? 5    ASP A CA  1 
ATOM   44   C  C   . ASP A 1 8  ? 8.365   -12.908 0.181   1.00 16.88 ? 5    ASP A C   1 
ATOM   45   O  O   . ASP A 1 8  ? 7.135   -12.839 0.324   1.00 16.17 ? 5    ASP A O   1 
ATOM   46   C  CB  . ASP A 1 8  ? 8.343   -14.835 -1.503  1.00 18.88 ? 5    ASP A CB  1 
ATOM   47   C  CG  . ASP A 1 8  ? 8.516   -14.003 -2.772  1.00 21.24 ? 5    ASP A CG  1 
ATOM   48   O  OD1 . ASP A 1 8  ? 8.884   -12.823 -2.701  1.00 25.57 ? 5    ASP A OD1 1 
ATOM   49   O  OD2 . ASP A 1 8  ? 8.288   -14.547 -3.859  1.00 28.18 ? 5    ASP A OD2 1 
ATOM   50   N  N   . PHE A 1 9  ? 9.180   -11.890 0.411   1.00 14.76 ? 6    PHE A N   1 
ATOM   51   C  CA  . PHE A 1 9  ? 8.682   -10.566 0.809   1.00 15.29 ? 6    PHE A CA  1 
ATOM   52   C  C   . PHE A 1 9  ? 7.763   -9.909  -0.214  1.00 14.42 ? 6    PHE A C   1 
ATOM   53   O  O   . PHE A 1 9  ? 6.803   -9.219  0.159   1.00 12.96 ? 6    PHE A O   1 
ATOM   54   C  CB  . PHE A 1 9  ? 9.848   -9.654  1.133   1.00 14.88 ? 6    PHE A CB  1 
ATOM   55   C  CG  . PHE A 1 9  ? 10.544  -10.012 2.431   1.00 17.59 ? 6    PHE A CG  1 
ATOM   56   C  CD1 . PHE A 1 9  ? 10.760  -9.058  3.391   1.00 18.35 ? 6    PHE A CD1 1 
ATOM   57   C  CD2 . PHE A 1 9  ? 10.935  -11.335 2.700   1.00 21.22 ? 6    PHE A CD2 1 
ATOM   58   C  CE1 . PHE A 1 9  ? 11.422  -9.370  4.614   1.00 21.00 ? 6    PHE A CE1 1 
ATOM   59   C  CE2 . PHE A 1 9  ? 11.601  -11.668 3.920   1.00 20.99 ? 6    PHE A CE2 1 
ATOM   60   C  CZ  . PHE A 1 9  ? 11.836  -10.673 4.866   1.00 19.86 ? 6    PHE A CZ  1 
ATOM   61   N  N   . LEU A 1 10 ? 8.061   -10.138 -1.495  1.00 13.37 ? 7    LEU A N   1 
ATOM   62   C  CA  . LEU A 1 10 ? 7.236   -9.631  -2.572  1.00 14.50 ? 7    LEU A CA  1 
ATOM   63   C  C   . LEU A 1 10 ? 5.802   -10.157 -2.472  1.00 14.21 ? 7    LEU A C   1 
ATOM   64   O  O   . LEU A 1 10 ? 4.869   -9.367  -2.446  1.00 13.16 ? 7    LEU A O   1 
ATOM   65   C  CB  . LEU A 1 10 ? 7.837   -9.975  -3.941  1.00 13.76 ? 7    LEU A CB  1 
ATOM   66   C  CG  . LEU A 1 10 ? 7.028   -9.502  -5.156  1.00 15.36 ? 7    LEU A CG  1 
ATOM   67   C  CD1 . LEU A 1 10 ? 6.656   -8.027  -5.078  1.00 14.64 ? 7    LEU A CD1 1 
ATOM   68   C  CD2 . LEU A 1 10 ? 7.836   -9.774  -6.423  1.00 15.23 ? 7    LEU A CD2 1 
ATOM   69   N  N   . THR A 1 11 ? 5.632   -11.477 -2.434  1.00 14.68 ? 8    THR A N   1 
ATOM   70   C  CA  . THR A 1 11 ? 4.297   -12.061 -2.411  1.00 15.78 ? 8    THR A CA  1 
ATOM   71   C  C   . THR A 1 11 ? 3.585   -11.813 -1.080  1.00 15.50 ? 8    THR A C   1 
ATOM   72   O  O   . THR A 1 11 ? 2.370   -11.674 -1.057  1.00 14.91 ? 8    THR A O   1 
ATOM   73   C  CB  . THR A 1 11 ? 4.298   -13.583 -2.783  1.00 16.65 ? 8    THR A CB  1 
ATOM   74   O  OG1 . THR A 1 11 ? 5.170   -14.280 -1.892  1.00 18.09 ? 8    THR A OG1 1 
ATOM   75   C  CG2 . THR A 1 11 ? 4.790   -13.794 -4.198  1.00 17.82 ? 8    THR A CG2 1 
ATOM   76   N  N   . LYS A 1 12 ? 4.336   -11.733 0.027   1.00 15.17 ? 9    LYS A N   1 
ATOM   77   C  CA  . LYS A 1 12 ? 3.749   -11.267 1.293   1.00 15.25 ? 9    LYS A CA  1 
ATOM   78   C  C   . LYS A 1 12 ? 3.201   -9.839  1.156   1.00 14.54 ? 9    LYS A C   1 
ATOM   79   O  O   . LYS A 1 12 ? 2.056   -9.585  1.550   1.00 13.98 ? 9    LYS A O   1 
ATOM   80   C  CB  . LYS A 1 12 ? 4.758   -11.356 2.432   1.00 15.93 ? 9    LYS A CB  1 
ATOM   81   C  CG  . LYS A 1 12 ? 4.212   -11.030 3.824   1.00 18.97 ? 9    LYS A CG  1 
ATOM   82   C  CD  . LYS A 1 12 ? 3.065   -11.941 4.230   1.00 20.48 ? 9    LYS A CD  1 
ATOM   83   C  CE  . LYS A 1 12 ? 2.807   -11.830 5.731   1.00 21.69 ? 9    LYS A CE  1 
ATOM   84   N  NZ  . LYS A 1 12 ? 1.691   -12.718 6.171   1.00 22.55 ? 9    LYS A NZ  1 
ATOM   85   N  N   . GLY A 1 13 ? 4.007   -8.922  0.606   1.00 13.66 ? 10   GLY A N   1 
ATOM   86   C  CA  . GLY A 1 13 ? 3.586   -7.537  0.389   1.00 13.88 ? 10   GLY A CA  1 
ATOM   87   C  C   . GLY A 1 13 ? 2.311   -7.473  -0.457  1.00 13.92 ? 10   GLY A C   1 
ATOM   88   O  O   . GLY A 1 13 ? 1.361   -6.770  -0.132  1.00 13.85 ? 10   GLY A O   1 
ATOM   89   N  N   . ILE A 1 14 ? 2.302   -8.212  -1.556  1.00 13.87 ? 11   ILE A N   1 
ATOM   90   C  CA  . ILE A 1 14 ? 1.106   -8.304  -2.437  1.00 14.45 ? 11   ILE A CA  1 
ATOM   91   C  C   . ILE A 1 14 ? -0.130  -8.836  -1.709  1.00 15.32 ? 11   ILE A C   1 
ATOM   92   O  O   . ILE A 1 14 ? -1.236  -8.275  -1.840  1.00 14.79 ? 11   ILE A O   1 
ATOM   93   C  CB  . ILE A 1 14 ? 1.385   -9.158  -3.676  1.00 14.05 ? 11   ILE A CB  1 
ATOM   94   C  CG1 . ILE A 1 14 ? 2.487   -8.494  -4.507  1.00 13.75 ? 11   ILE A CG1 1 
ATOM   95   C  CG2 . ILE A 1 14 ? 0.100   -9.325  -4.512  1.00 14.14 ? 11   ILE A CG2 1 
ATOM   96   C  CD1 . ILE A 1 14 ? 3.061   -9.415  -5.566  1.00 15.33 ? 11   ILE A CD1 1 
ATOM   97   N  N   . GLU A 1 15 ? 0.048   -9.917  -0.945  1.00 16.47 ? 12   GLU A N   1 
ATOM   98   C  CA  . GLU A 1 15 ? -1.033  -10.442 -0.100  1.00 18.47 ? 12   GLU A CA  1 
ATOM   99   C  C   . GLU A 1 15 ? -1.673  -9.349  0.777   1.00 16.70 ? 12   GLU A C   1 
ATOM   100  O  O   . GLU A 1 15 ? -2.907  -9.191  0.811   1.00 15.72 ? 12   GLU A O   1 
ATOM   101  C  CB  . GLU A 1 15 ? -0.504  -11.631 0.725   1.00 18.90 ? 12   GLU A CB  1 
ATOM   102  C  CG  . GLU A 1 15 ? -1.431  -12.226 1.795   1.00 23.19 ? 12   GLU A CG  1 
ATOM   103  C  CD  . GLU A 1 15 ? -0.643  -13.131 2.774   1.00 23.44 ? 12   GLU A CD  1 
ATOM   104  O  OE1 . GLU A 1 15 ? -0.749  -12.924 4.014   1.00 29.90 ? 12   GLU A OE1 1 
ATOM   105  O  OE2 . GLU A 1 15 ? 0.134   -13.995 2.291   1.00 26.84 ? 12   GLU A OE2 1 
ATOM   106  N  N   . LEU A 1 16 ? -0.843  -8.573  1.453   1.00 15.49 ? 13   LEU A N   1 
ATOM   107  C  CA  . LEU A 1 16 ? -1.350  -7.501  2.326   1.00 16.05 ? 13   LEU A CA  1 
ATOM   108  C  C   . LEU A 1 16 ? -1.993  -6.349  1.576   1.00 15.07 ? 13   LEU A C   1 
ATOM   109  O  O   . LEU A 1 16 ? -3.018  -5.809  2.027   1.00 15.21 ? 13   LEU A O   1 
ATOM   110  C  CB  . LEU A 1 16 ? -0.265  -7.000  3.271   1.00 16.54 ? 13   LEU A CB  1 
ATOM   111  C  CG  . LEU A 1 16 ? -0.151  -7.981  4.446   1.00 18.77 ? 13   LEU A CG  1 
ATOM   112  C  CD1 . LEU A 1 16 ? 1.257   -8.015  4.953   1.00 19.68 ? 13   LEU A CD1 1 
ATOM   113  C  CD2 . LEU A 1 16 ? -1.134  -7.581  5.554   1.00 19.92 ? 13   LEU A CD2 1 
ATOM   114  N  N   . VAL A 1 17 ? -1.421  -5.997  0.425   1.00 13.00 ? 14   VAL A N   1 
ATOM   115  C  CA  . VAL A 1 17 ? -2.029  -4.969  -0.426  1.00 13.36 ? 14   VAL A CA  1 
ATOM   116  C  C   . VAL A 1 17 ? -3.386  -5.421  -0.979  1.00 13.35 ? 14   VAL A C   1 
ATOM   117  O  O   . VAL A 1 17 ? -4.314  -4.621  -1.016  1.00 12.15 ? 14   VAL A O   1 
ATOM   118  C  CB  . VAL A 1 17 ? -1.093  -4.487  -1.567  1.00 12.63 ? 14   VAL A CB  1 
ATOM   119  C  CG1 . VAL A 1 17 ? -1.836  -3.559  -2.528  1.00 15.15 ? 14   VAL A CG1 1 
ATOM   120  C  CG2 . VAL A 1 17 ? 0.098   -3.751  -0.957  1.00 13.57 ? 14   VAL A CG2 1 
ATOM   121  N  N   . GLN A 1 18 ? -3.501  -6.687  -1.395  1.00 13.58 ? 15   GLN A N   1 
ATOM   122  C  CA  . GLN A 1 18 ? -4.791  -7.219  -1.881  1.00 14.84 ? 15   GLN A CA  1 
ATOM   123  C  C   . GLN A 1 18 ? -5.899  -7.107  -0.823  1.00 14.35 ? 15   GLN A C   1 
ATOM   124  O  O   . GLN A 1 18 ? -7.063  -6.772  -1.136  1.00 14.39 ? 15   GLN A O   1 
ATOM   125  C  CB  . GLN A 1 18 ? -4.646  -8.665  -2.361  1.00 14.73 ? 15   GLN A CB  1 
ATOM   126  C  CG  . GLN A 1 18 ? -3.794  -8.803  -3.653  1.00 17.72 ? 15   GLN A CG  1 
ATOM   127  C  CD  . GLN A 1 18 ? -3.628  -10.255 -4.096  1.00 17.85 ? 15   GLN A CD  1 
ATOM   128  O  OE1 . GLN A 1 18 ? -3.923  -11.190 -3.321  1.00 23.88 ? 15   GLN A OE1 1 
ATOM   129  N  NE2 . GLN A 1 18 ? -3.138  -10.457 -5.320  1.00 17.07 ? 15   GLN A NE2 1 
ATOM   130  N  N   . LYS A 1 19 ? -5.535  -7.388  0.419   1.00 13.87 ? 16   LYS A N   1 
ATOM   131  C  CA  . LYS A 1 19 ? -6.433  -7.176  1.586   1.00 14.33 ? 16   LYS A CA  1 
ATOM   132  C  C   . LYS A 1 19 ? -6.798  -5.682  1.714   1.00 13.10 ? 16   LYS A C   1 
ATOM   133  O  O   . LYS A 1 19 ? -7.979  -5.346  1.795   1.00 12.57 ? 16   LYS A O   1 
ATOM   134  C  CB  . LYS A 1 19 ? -5.804  -7.744  2.868   1.00 14.07 ? 16   LYS A CB  1 
ATOM   135  C  CG  . LYS A 1 19 ? -6.563  -7.454  4.176   1.00 18.41 ? 16   LYS A CG  1 
ATOM   136  C  CD  . LYS A 1 19 ? -7.934  -8.105  4.124   1.00 22.99 ? 16   LYS A CD  1 
ATOM   137  C  CE  . LYS A 1 19 ? -8.639  -8.024  5.472   1.00 26.03 ? 16   LYS A CE  1 
ATOM   138  N  NZ  . LYS A 1 19 ? -9.983  -8.689  5.417   1.00 27.66 ? 16   LYS A NZ  1 
ATOM   139  N  N   . ALA A 1 20 ? -5.795  -4.797  1.655   1.00 11.99 ? 17   ALA A N   1 
ATOM   140  C  CA  . ALA A 1 20 ? -6.024  -3.355  1.713   1.00 11.53 ? 17   ALA A CA  1 
ATOM   141  C  C   . ALA A 1 20 ? -7.021  -2.878  0.644   1.00 12.62 ? 17   ALA A C   1 
ATOM   142  O  O   . ALA A 1 20 ? -7.898  -2.038  0.900   1.00 11.67 ? 17   ALA A O   1 
ATOM   143  C  CB  . ALA A 1 20 ? -4.698  -2.613  1.577   1.00 11.41 ? 17   ALA A CB  1 
ATOM   144  N  N   . ILE A 1 21 ? -6.867  -3.411  -0.563  1.00 12.17 ? 18   ILE A N   1 
ATOM   145  C  CA  . ILE A 1 21 ? -7.725  -3.054  -1.661  1.00 13.46 ? 18   ILE A CA  1 
ATOM   146  C  C   . ILE A 1 21 ? -9.170  -3.485  -1.386  1.00 13.39 ? 18   ILE A C   1 
ATOM   147  O  O   . ILE A 1 21 ? -10.086 -2.707  -1.605  1.00 14.39 ? 18   ILE A O   1 
ATOM   148  C  CB  . ILE A 1 21 ? -7.194  -3.618  -3.021  1.00 13.38 ? 18   ILE A CB  1 
ATOM   149  C  CG1 . ILE A 1 21 ? -5.960  -2.815  -3.466  1.00 14.00 ? 18   ILE A CG1 1 
ATOM   150  C  CG2 . ILE A 1 21 ? -8.264  -3.538  -4.092  1.00 13.18 ? 18   ILE A CG2 1 
ATOM   151  C  CD1 . ILE A 1 21 ? -5.053  -3.560  -4.456  1.00 12.58 ? 18   ILE A CD1 1 
ATOM   152  N  N   . ASP A 1 22 ? -9.367  -4.704  -0.906  1.00 14.19 ? 19   ASP A N   1 
ATOM   153  C  CA  . ASP A 1 22 ? -10.700 -5.161  -0.482  1.00 15.42 ? 19   ASP A CA  1 
ATOM   154  C  C   . ASP A 1 22 ? -11.334 -4.244  0.557   1.00 13.95 ? 19   ASP A C   1 
ATOM   155  O  O   . ASP A 1 22 ? -12.508 -3.873  0.425   1.00 13.72 ? 19   ASP A O   1 
ATOM   156  C  CB  . ASP A 1 22 ? -10.632 -6.594  0.061   1.00 17.22 ? 19   ASP A CB  1 
ATOM   157  C  CG  . ASP A 1 22 ? -10.304 -7.624  -1.016  1.00 22.28 ? 19   ASP A CG  1 
ATOM   158  O  OD1 . ASP A 1 22 ? -10.336 -7.283  -2.221  1.00 27.20 ? 19   ASP A OD1 1 
ATOM   159  O  OD2 . ASP A 1 22 ? -10.050 -8.797  -0.638  1.00 28.12 ? 19   ASP A OD2 1 
ATOM   160  N  N   . LEU A 1 23 ? -10.567 -3.877  1.585   1.00 12.75 ? 20   LEU A N   1 
ATOM   161  C  CA  . LEU A 1 23 ? -11.034 -2.956  2.632   1.00 12.32 ? 20   LEU A CA  1 
ATOM   162  C  C   . LEU A 1 23 ? -11.312 -1.557  2.101   1.00 11.75 ? 20   LEU A C   1 
ATOM   163  O  O   . LEU A 1 23 ? -12.319 -0.947  2.466   1.00 11.62 ? 20   LEU A O   1 
ATOM   164  C  CB  . LEU A 1 23 ? -10.030 -2.885  3.812   1.00 12.60 ? 20   LEU A CB  1 
ATOM   165  C  CG  . LEU A 1 23 ? -9.881  -4.195  4.611   1.00 13.22 ? 20   LEU A CG  1 
ATOM   166  C  CD1 . LEU A 1 23 ? -8.468  -4.282  5.213   1.00 13.51 ? 20   LEU A CD1 1 
ATOM   167  C  CD2 . LEU A 1 23 ? -10.961 -4.403  5.676   1.00 15.07 ? 20   LEU A CD2 1 
ATOM   168  N  N   . ASP A 1 24 ? -10.412 -1.055  1.249   1.00 10.91 ? 21   ASP A N   1 
ATOM   169  C  CA  . ASP A 1 24 ? -10.539 0.261   0.591   1.00 11.08 ? 21   ASP A CA  1 
ATOM   170  C  C   . ASP A 1 24 ? -11.863 0.311   -0.204  1.00 12.28 ? 21   ASP A C   1 
ATOM   171  O  O   . ASP A 1 24 ? -12.665 1.249   -0.067  1.00 12.72 ? 21   ASP A O   1 
ATOM   172  C  CB  . ASP A 1 24 ? -9.302  0.445   -0.325  1.00 10.79 ? 21   ASP A CB  1 
ATOM   173  C  CG  . ASP A 1 24 ? -9.116  1.869   -0.848  1.00 12.84 ? 21   ASP A CG  1 
ATOM   174  O  OD1 . ASP A 1 24 ? -10.096 2.641   -0.893  1.00 15.60 ? 21   ASP A OD1 1 
ATOM   175  O  OD2 . ASP A 1 24 ? -7.967  2.213   -1.260  1.00 9.80  ? 21   ASP A OD2 1 
ATOM   176  N  N   . THR A 1 25 ? -12.097 -0.710  -1.023  1.00 11.95 ? 22   THR A N   1 
ATOM   177  C  CA  . THR A 1 25 ? -13.356 -0.847  -1.772  1.00 13.25 ? 22   THR A CA  1 
ATOM   178  C  C   . THR A 1 25 ? -14.595 -0.830  -0.880  1.00 12.89 ? 22   THR A C   1 
ATOM   179  O  O   . THR A 1 25 ? -15.624 -0.257  -1.257  1.00 13.15 ? 22   THR A O   1 
ATOM   180  C  CB  . THR A 1 25 ? -13.312 -2.134  -2.669  1.00 12.45 ? 22   THR A CB  1 
ATOM   181  O  OG1 . THR A 1 25 ? -12.265 -1.965  -3.651  1.00 16.65 ? 22   THR A OG1 1 
ATOM   182  C  CG2 . THR A 1 25 ? -14.649 -2.381  -3.360  1.00 14.89 ? 22   THR A CG2 1 
ATOM   183  N  N   . ALA A 1 26 ? -14.504 -1.489  0.278   1.00 12.65 ? 23   ALA A N   1 
ATOM   184  C  CA  . ALA A 1 26 ? -15.587 -1.532  1.261   1.00 12.85 ? 23   ALA A CA  1 
ATOM   185  C  C   . ALA A 1 26 ? -15.763 -0.223  2.075   1.00 12.78 ? 23   ALA A C   1 
ATOM   186  O  O   . ALA A 1 26 ? -16.625 -0.152  2.970   1.00 12.63 ? 23   ALA A O   1 
ATOM   187  C  CB  . ALA A 1 26 ? -15.383 -2.738  2.195   1.00 12.45 ? 23   ALA A CB  1 
ATOM   188  N  N   . THR A 1 27 ? -14.957 0.791   1.745   1.00 12.56 ? 24   THR A N   1 
ATOM   189  C  CA  . THR A 1 27 ? -14.875 2.082   2.453   1.00 11.85 ? 24   THR A CA  1 
ATOM   190  C  C   . THR A 1 27 ? -14.368 1.944   3.897   1.00 12.44 ? 24   THR A C   1 
ATOM   191  O  O   . THR A 1 27 ? -14.569 2.842   4.723   1.00 12.34 ? 24   THR A O   1 
ATOM   192  C  CB  . THR A 1 27 ? -16.215 2.906   2.431   1.00 12.07 ? 24   THR A CB  1 
ATOM   193  O  OG1 . THR A 1 27 ? -17.105 2.430   3.452   1.00 11.14 ? 24   THR A OG1 1 
ATOM   194  C  CG2 . THR A 1 27 ? -16.918 2.835   1.069   1.00 11.00 ? 24   THR A CG2 1 
ATOM   195  N  N   . GLN A 1 28 ? -13.725 0.823   4.208   1.00 11.73 ? 25   GLN A N   1 
ATOM   196  C  CA  . GLN A 1 28 ? -13.184 0.588   5.560   1.00 13.13 ? 25   GLN A CA  1 
ATOM   197  C  C   . GLN A 1 28 ? -11.773 1.204   5.635   1.00 12.21 ? 25   GLN A C   1 
ATOM   198  O  O   . GLN A 1 28 ? -10.763 0.506   5.652   1.00 11.66 ? 25   GLN A O   1 
ATOM   199  C  CB  . GLN A 1 28 ? -13.260 -0.912  5.914   1.00 12.17 ? 25   GLN A CB  1 
ATOM   200  C  CG  . GLN A 1 28 ? -14.759 -1.398  5.971   1.00 15.21 ? 25   GLN A CG  1 
ATOM   201  C  CD  . GLN A 1 28 ? -14.966 -2.901  5.928   1.00 17.79 ? 25   GLN A CD  1 
ATOM   202  O  OE1 . GLN A 1 28 ? -14.033 -3.670  5.702   1.00 25.20 ? 25   GLN A OE1 1 
ATOM   203  N  NE2 . GLN A 1 28 ? -16.210 -3.333  6.132   1.00 22.72 ? 25   GLN A NE2 1 
ATOM   204  N  N   . TYR A 1 29 ? -11.727 2.537   5.641   1.00 11.79 ? 26   TYR A N   1 
ATOM   205  C  CA  . TYR A 1 29 ? -10.465 3.262   5.350   1.00 12.13 ? 26   TYR A CA  1 
ATOM   206  C  C   . TYR A 1 29 ? -9.420  3.159   6.448   1.00 12.37 ? 26   TYR A C   1 
ATOM   207  O  O   . TYR A 1 29 ? -8.208  3.138   6.156   1.00 10.85 ? 26   TYR A O   1 
ATOM   208  C  CB  . TYR A 1 29 ? -10.710 4.737   4.966   1.00 12.28 ? 26   TYR A CB  1 
ATOM   209  C  CG  . TYR A 1 29 ? -11.551 4.902   3.711   1.00 12.63 ? 26   TYR A CG  1 
ATOM   210  C  CD1 . TYR A 1 29 ? -11.185 4.273   2.501   1.00 11.65 ? 26   TYR A CD1 1 
ATOM   211  C  CD2 . TYR A 1 29 ? -12.699 5.680   3.727   1.00 13.07 ? 26   TYR A CD2 1 
ATOM   212  C  CE1 . TYR A 1 29 ? -11.962 4.426   1.349   1.00 12.25 ? 26   TYR A CE1 1 
ATOM   213  C  CE2 . TYR A 1 29 ? -13.487 5.827   2.598   1.00 12.86 ? 26   TYR A CE2 1 
ATOM   214  C  CZ  . TYR A 1 29 ? -13.116 5.199   1.418   1.00 13.52 ? 26   TYR A CZ  1 
ATOM   215  O  OH  . TYR A 1 29 ? -13.901 5.370   0.305   1.00 16.95 ? 26   TYR A OH  1 
ATOM   216  N  N   . GLU A 1 30 ? -9.885  3.127   7.706   1.00 13.32 ? 27   GLU A N   1 
ATOM   217  C  CA  . GLU A 1 30 ? -8.996  2.903   8.850   1.00 14.35 ? 27   GLU A CA  1 
ATOM   218  C  C   . GLU A 1 30 ? -8.212  1.603   8.698   1.00 13.69 ? 27   GLU A C   1 
ATOM   219  O  O   . GLU A 1 30 ? -6.992  1.614   8.736   1.00 13.70 ? 27   GLU A O   1 
ATOM   220  C  CB  . GLU A 1 30 ? -9.774  2.921   10.187  1.00 15.17 ? 27   GLU A CB  1 
ATOM   221  C  CG  . GLU A 1 30 ? -10.372 4.295   10.497  1.00 18.56 ? 27   GLU A CG  1 
ATOM   222  C  CD  . GLU A 1 30 ? -11.815 4.471   10.025  1.00 26.39 ? 27   GLU A CD  1 
ATOM   223  O  OE1 . GLU A 1 30 ? -12.231 3.823   9.015   1.00 29.34 ? 27   GLU A OE1 1 
ATOM   224  O  OE2 . GLU A 1 30 ? -12.535 5.287   10.668  1.00 28.97 ? 27   GLU A OE2 1 
ATOM   225  N  N   . GLU A 1 31 ? -8.923  0.496   8.522   1.00 13.17 ? 28   GLU A N   1 
ATOM   226  C  CA  . GLU A 1 31 ? -8.317  -0.825  8.311   1.00 13.31 ? 28   GLU A CA  1 
ATOM   227  C  C   . GLU A 1 31 ? -7.477  -0.883  7.028   1.00 12.24 ? 28   GLU A C   1 
ATOM   228  O  O   . GLU A 1 31 ? -6.369  -1.447  7.037   1.00 11.44 ? 28   GLU A O   1 
ATOM   229  C  CB  . GLU A 1 31 ? -9.415  -1.917  8.286   1.00 13.95 ? 28   GLU A CB  1 
ATOM   230  C  CG  . GLU A 1 31 ? -10.326 -1.961  9.534   1.00 19.71 ? 28   GLU A CG  1 
ATOM   231  C  CD  . GLU A 1 31 ? -11.596 -1.044  9.478   1.00 26.52 ? 28   GLU A CD  1 
ATOM   232  O  OE1 . GLU A 1 31 ? -11.587 0.084   8.892   1.00 24.26 ? 28   GLU A OE1 1 
ATOM   233  O  OE2 . GLU A 1 31 ? -12.627 -1.468  10.071  1.00 29.96 ? 28   GLU A OE2 1 
ATOM   234  N  N   . ALA A 1 32 ? -8.003  -0.319  5.930   1.00 11.11 ? 29   ALA A N   1 
ATOM   235  C  CA  . ALA A 1 32 ? -7.282  -0.252  4.640   1.00 11.18 ? 29   ALA A CA  1 
ATOM   236  C  C   . ALA A 1 32 ? -5.938  0.440   4.781   1.00 10.84 ? 29   ALA A C   1 
ATOM   237  O  O   . ALA A 1 32 ? -4.936  -0.031  4.251   1.00 11.52 ? 29   ALA A O   1 
ATOM   238  C  CB  . ALA A 1 32 ? -8.109  0.471   3.554   1.00 10.70 ? 29   ALA A CB  1 
ATOM   239  N  N   . TYR A 1 33 ? -5.926  1.563   5.484   1.00 11.06 ? 30   TYR A N   1 
ATOM   240  C  CA  . TYR A 1 33 ? -4.688  2.328   5.652   1.00 11.89 ? 30   TYR A CA  1 
ATOM   241  C  C   . TYR A 1 33 ? -3.595  1.483   6.316   1.00 11.68 ? 30   TYR A C   1 
ATOM   242  O  O   . TYR A 1 33 ? -2.458  1.470   5.843   1.00 10.65 ? 30   TYR A O   1 
ATOM   243  C  CB  . TYR A 1 33 ? -4.951  3.603   6.437   1.00 12.74 ? 30   TYR A CB  1 
ATOM   244  C  CG  . TYR A 1 33 ? -3.757  4.155   7.210   1.00 15.93 ? 30   TYR A CG  1 
ATOM   245  C  CD1 . TYR A 1 33 ? -2.680  4.792   6.569   1.00 17.39 ? 30   TYR A CD1 1 
ATOM   246  C  CD2 . TYR A 1 33 ? -3.759  4.106   8.599   1.00 19.95 ? 30   TYR A CD2 1 
ATOM   247  C  CE1 . TYR A 1 33 ? -1.590  5.330   7.339   1.00 18.69 ? 30   TYR A CE1 1 
ATOM   248  C  CE2 . TYR A 1 33 ? -2.714  4.625   9.359   1.00 22.15 ? 30   TYR A CE2 1 
ATOM   249  C  CZ  . TYR A 1 33 ? -1.635  5.222   8.734   1.00 19.21 ? 30   TYR A CZ  1 
ATOM   250  O  OH  . TYR A 1 33 ? -0.647  5.721   9.587   1.00 21.75 ? 30   TYR A OH  1 
ATOM   251  N  N   . THR A 1 34 ? -3.963  0.798   7.402   1.00 10.60 ? 31   THR A N   1 
ATOM   252  C  CA  . THR A 1 34 ? -3.089  -0.129  8.131   1.00 11.93 ? 31   THR A CA  1 
ATOM   253  C  C   . THR A 1 34 ? -2.606  -1.305  7.267   1.00 11.55 ? 31   THR A C   1 
ATOM   254  O  O   . THR A 1 34 ? -1.398  -1.646  7.274   1.00 11.61 ? 31   THR A O   1 
ATOM   255  C  CB  . THR A 1 34 ? -3.807  -0.644  9.411   1.00 11.50 ? 31   THR A CB  1 
ATOM   256  O  OG1 . THR A 1 34 ? -3.856  0.417   10.374  1.00 15.13 ? 31   THR A OG1 1 
ATOM   257  C  CG2 . THR A 1 34 ? -3.017  -1.739  9.998   1.00 15.79 ? 31   THR A CG2 1 
ATOM   258  N  N   . ALA A 1 35 ? -3.529  -1.932  6.525   1.00 10.84 ? 32   ALA A N   1 
ATOM   259  C  CA  . ALA A 1 35 ? -3.170  -2.963  5.560   1.00 10.06 ? 32   ALA A CA  1 
ATOM   260  C  C   . ALA A 1 35 ? -2.183  -2.470  4.494   1.00 10.21 ? 32   ALA A C   1 
ATOM   261  O  O   . ALA A 1 35 ? -1.195  -3.159  4.231   1.00 10.53 ? 32   ALA A O   1 
ATOM   262  C  CB  . ALA A 1 35 ? -4.425  -3.638  4.886   1.00 8.94  ? 32   ALA A CB  1 
ATOM   263  N  N   . TYR A 1 36 ? -2.432  -1.299  3.901   1.00 11.22 ? 33   TYR A N   1 
ATOM   264  C  CA  . TYR A 1 36 ? -1.508  -0.712  2.922   1.00 12.12 ? 33   TYR A CA  1 
ATOM   265  C  C   . TYR A 1 36 ? -0.115  -0.537  3.511   1.00 12.59 ? 33   TYR A C   1 
ATOM   266  O  O   . TYR A 1 36 ? 0.875   -0.948  2.891   1.00 12.42 ? 33   TYR A O   1 
ATOM   267  C  CB  . TYR A 1 36 ? -1.979  0.659   2.380   1.00 12.31 ? 33   TYR A CB  1 
ATOM   268  C  CG  . TYR A 1 36 ? -3.033  0.615   1.285   1.00 11.84 ? 33   TYR A CG  1 
ATOM   269  C  CD1 . TYR A 1 36 ? -4.273  1.250   1.472   1.00 11.78 ? 33   TYR A CD1 1 
ATOM   270  C  CD2 . TYR A 1 36 ? -2.781  -0.027  0.047   1.00 11.74 ? 33   TYR A CD2 1 
ATOM   271  C  CE1 . TYR A 1 36 ? -5.266  1.203   0.490   1.00 12.54 ? 33   TYR A CE1 1 
ATOM   272  C  CE2 . TYR A 1 36 ? -3.767  -0.048  -0.982  1.00 10.93 ? 33   TYR A CE2 1 
ATOM   273  C  CZ  . TYR A 1 36 ? -5.004  0.576   -0.735  1.00 12.58 ? 33   TYR A CZ  1 
ATOM   274  O  OH  . TYR A 1 36 ? -5.978  0.557   -1.694  1.00 12.14 ? 33   TYR A OH  1 
ATOM   275  N  N   . TYR A 1 37 ? -0.010  0.094   4.679   1.00 13.17 ? 34   TYR A N   1 
ATOM   276  C  CA  . TYR A 1 37 ? 1.327   0.301   5.222   1.00 14.55 ? 34   TYR A CA  1 
ATOM   277  C  C   . TYR A 1 37 ? 2.043   -0.986  5.614   1.00 14.04 ? 34   TYR A C   1 
ATOM   278  O  O   . TYR A 1 37 ? 3.234   -1.080  5.401   1.00 13.41 ? 34   TYR A O   1 
ATOM   279  C  CB  . TYR A 1 37 ? 1.456   1.458   6.240   1.00 16.41 ? 34   TYR A CB  1 
ATOM   280  C  CG  . TYR A 1 37 ? 1.025   1.251   7.680   1.00 19.31 ? 34   TYR A CG  1 
ATOM   281  C  CD1 . TYR A 1 37 ? 1.709   0.379   8.526   1.00 21.16 ? 34   TYR A CD1 1 
ATOM   282  C  CD2 . TYR A 1 37 ? -0.011  2.023   8.232   1.00 21.02 ? 34   TYR A CD2 1 
ATOM   283  C  CE1 . TYR A 1 37 ? 1.318   0.215   9.876   1.00 21.60 ? 34   TYR A CE1 1 
ATOM   284  C  CE2 . TYR A 1 37 ? -0.411  1.864   9.589   1.00 22.50 ? 34   TYR A CE2 1 
ATOM   285  C  CZ  . TYR A 1 37 ? 0.260   0.957   10.393  1.00 21.65 ? 34   TYR A CZ  1 
ATOM   286  O  OH  . TYR A 1 37 ? -0.113  0.793   11.719  1.00 21.91 ? 34   TYR A OH  1 
ATOM   287  N  N   . ASN A 1 38 ? 1.311   -1.972  6.127   1.00 13.35 ? 35   ASN A N   1 
ATOM   288  C  CA  . ASN A 1 38 ? 1.876   -3.305  6.338   1.00 15.18 ? 35   ASN A CA  1 
ATOM   289  C  C   . ASN A 1 38 ? 2.444   -3.911  5.039   1.00 15.08 ? 35   ASN A C   1 
ATOM   290  O  O   . ASN A 1 38 ? 3.572   -4.428  5.025   1.00 15.66 ? 35   ASN A O   1 
ATOM   291  C  CB  . ASN A 1 38 ? 0.835   -4.257  6.935   1.00 14.69 ? 35   ASN A CB  1 
ATOM   292  C  CG  . ASN A 1 38 ? 0.437   -3.881  8.340   1.00 18.80 ? 35   ASN A CG  1 
ATOM   293  O  OD1 . ASN A 1 38 ? 1.132   -3.143  9.033   1.00 20.18 ? 35   ASN A OD1 1 
ATOM   294  N  ND2 . ASN A 1 38 ? -0.728  -4.381  8.768   1.00 24.47 ? 35   ASN A ND2 1 
ATOM   295  N  N   . GLY A 1 39 ? 1.657   -3.846  3.965   1.00 14.24 ? 36   GLY A N   1 
ATOM   296  C  CA  . GLY A 1 39 ? 2.071   -4.335  2.630   1.00 13.16 ? 36   GLY A CA  1 
ATOM   297  C  C   . GLY A 1 39 ? 3.309   -3.622  2.099   1.00 13.45 ? 36   GLY A C   1 
ATOM   298  O  O   . GLY A 1 39 ? 4.251   -4.280  1.617   1.00 12.51 ? 36   GLY A O   1 
ATOM   299  N  N   . LEU A 1 40 ? 3.324   -2.295  2.246   1.00 12.36 ? 37   LEU A N   1 
ATOM   300  C  CA  . LEU A 1 40 ? 4.419   -1.453  1.801   1.00 13.20 ? 37   LEU A CA  1 
ATOM   301  C  C   . LEU A 1 40 ? 5.751   -1.721  2.494   1.00 13.77 ? 37   LEU A C   1 
ATOM   302  O  O   . LEU A 1 40 ? 6.776   -1.576  1.858   1.00 13.55 ? 37   LEU A O   1 
ATOM   303  C  CB  . LEU A 1 40 ? 4.058   0.040   1.875   1.00 13.32 ? 37   LEU A CB  1 
ATOM   304  C  CG  . LEU A 1 40 ? 3.008   0.551   0.868   1.00 13.42 ? 37   LEU A CG  1 
ATOM   305  C  CD1 . LEU A 1 40 ? 2.344   1.865   1.311   1.00 13.89 ? 37   LEU A CD1 1 
ATOM   306  C  CD2 . LEU A 1 40 ? 3.654   0.767   -0.472  1.00 13.61 ? 37   LEU A CD2 1 
ATOM   307  N  N   . ASP A 1 41 ? 5.719   -2.086  3.779   1.00 14.62 ? 38   ASP A N   1 
ATOM   308  C  CA  . ASP A 1 41 ? 6.929   -2.443  4.546   1.00 15.70 ? 38   ASP A CA  1 
ATOM   309  C  C   . ASP A 1 41 ? 7.561   -3.695  3.941   1.00 15.36 ? 38   ASP A C   1 
ATOM   310  O  O   . ASP A 1 41 ? 8.786   -3.755  3.755   1.00 15.09 ? 38   ASP A O   1 
ATOM   311  C  CB  . ASP A 1 41 ? 6.592   -2.689  6.020   1.00 15.80 ? 38   ASP A CB  1 
ATOM   312  C  CG  . ASP A 1 41 ? 6.889   -1.470  6.914   1.00 20.02 ? 38   ASP A CG  1 
ATOM   313  O  OD1 . ASP A 1 41 ? 7.714   -0.601  6.535   1.00 22.99 ? 38   ASP A OD1 1 
ATOM   314  O  OD2 . ASP A 1 41 ? 6.335   -1.406  8.031   1.00 23.19 ? 38   ASP A OD2 1 
ATOM   315  N  N   . TYR A 1 42 ? 6.732   -4.677  3.590   1.00 14.65 ? 39   TYR A N   1 
ATOM   316  C  CA  . TYR A 1 42 ? 7.242   -5.868  2.883   1.00 14.37 ? 39   TYR A CA  1 
ATOM   317  C  C   . TYR A 1 42 ? 7.745   -5.577  1.459   1.00 14.11 ? 39   TYR A C   1 
ATOM   318  O  O   . TYR A 1 42 ? 8.806   -6.093  1.047   1.00 11.99 ? 39   TYR A O   1 
ATOM   319  C  CB  . TYR A 1 42 ? 6.212   -7.013  2.862   1.00 14.68 ? 39   TYR A CB  1 
ATOM   320  C  CG  . TYR A 1 42 ? 5.989   -7.696  4.206   1.00 16.10 ? 39   TYR A CG  1 
ATOM   321  C  CD1 . TYR A 1 42 ? 6.919   -8.623  4.703   1.00 15.25 ? 39   TYR A CD1 1 
ATOM   322  C  CD2 . TYR A 1 42 ? 4.828   -7.463  4.954   1.00 16.42 ? 39   TYR A CD2 1 
ATOM   323  C  CE1 . TYR A 1 42 ? 6.730   -9.258  5.933   1.00 15.82 ? 39   TYR A CE1 1 
ATOM   324  C  CE2 . TYR A 1 42 ? 4.625   -8.100  6.225   1.00 15.91 ? 39   TYR A CE2 1 
ATOM   325  C  CZ  . TYR A 1 42 ? 5.579   -9.003  6.691   1.00 16.64 ? 39   TYR A CZ  1 
ATOM   326  O  OH  . TYR A 1 42 ? 5.423   -9.658  7.903   1.00 16.95 ? 39   TYR A OH  1 
ATOM   327  N  N   . LEU A 1 43 ? 7.007   -4.756  0.707   1.00 13.29 ? 40   LEU A N   1 
ATOM   328  C  CA  . LEU A 1 43 ? 7.438   -4.405  -0.660  1.00 13.16 ? 40   LEU A CA  1 
ATOM   329  C  C   . LEU A 1 43 ? 8.742   -3.594  -0.672  1.00 13.57 ? 40   LEU A C   1 
ATOM   330  O  O   . LEU A 1 43 ? 9.550   -3.728  -1.602  1.00 12.19 ? 40   LEU A O   1 
ATOM   331  C  CB  . LEU A 1 43 ? 6.339   -3.631  -1.423  1.00 12.79 ? 40   LEU A CB  1 
ATOM   332  C  CG  . LEU A 1 43 ? 5.043   -4.358  -1.769  1.00 12.25 ? 40   LEU A CG  1 
ATOM   333  C  CD1 . LEU A 1 43 ? 4.033   -3.399  -2.436  1.00 17.99 ? 40   LEU A CD1 1 
ATOM   334  C  CD2 . LEU A 1 43 ? 5.320   -5.532  -2.693  1.00 12.61 ? 40   LEU A CD2 1 
HETATM 335  N  N   . MSE A 1 44 ? 8.921   -2.740  0.344   1.00 12.29 ? 41   MSE A N   1 
HETATM 336  C  CA  . MSE A 1 44 ? 10.144  -1.960  0.486   1.00 14.10 ? 41   MSE A CA  1 
HETATM 337  C  C   . MSE A 1 44 ? 11.328  -2.895  0.680   1.00 13.86 ? 41   MSE A C   1 
HETATM 338  O  O   . MSE A 1 44 ? 12.387  -2.664  0.113   1.00 14.12 ? 41   MSE A O   1 
HETATM 339  C  CB  . MSE A 1 44 ? 10.050  -1.014  1.679   1.00 15.24 ? 41   MSE A CB  1 
HETATM 340  C  CG  . MSE A 1 44 ? 11.198  -0.019  1.815   1.00 18.26 ? 41   MSE A CG  1 
HETATM 341  SE SE  . MSE A 1 44 ? 11.333  1.255   0.338   1.00 32.24 ? 41   MSE A SE  1 
HETATM 342  C  CE  . MSE A 1 44 ? 12.940  0.592   -0.463  1.00 19.71 ? 41   MSE A CE  1 
ATOM   343  N  N   . LEU A 1 45 ? 11.158  -3.937  1.489   1.00 13.16 ? 42   LEU A N   1 
ATOM   344  C  CA  . LEU A 1 45 ? 12.252  -4.895  1.702   1.00 13.44 ? 42   LEU A CA  1 
ATOM   345  C  C   . LEU A 1 45 ? 12.494  -5.746  0.458   1.00 13.08 ? 42   LEU A C   1 
ATOM   346  O  O   . LEU A 1 45 ? 13.650  -5.982  0.092   1.00 12.91 ? 42   LEU A O   1 
ATOM   347  C  CB  . LEU A 1 45 ? 12.016  -5.736  2.969   1.00 14.18 ? 42   LEU A CB  1 
ATOM   348  C  CG  . LEU A 1 45 ? 12.052  -4.926  4.300   1.00 14.83 ? 42   LEU A CG  1 
ATOM   349  C  CD1 . LEU A 1 45 ? 11.578  -5.760  5.496   1.00 16.57 ? 42   LEU A CD1 1 
ATOM   350  C  CD2 . LEU A 1 45 ? 13.412  -4.264  4.626   1.00 16.39 ? 42   LEU A CD2 1 
ATOM   351  N  N   . ALA A 1 46 ? 11.418  -6.144  -0.227  1.00 11.99 ? 43   ALA A N   1 
ATOM   352  C  CA  . ALA A 1 46 ? 11.522  -6.810  -1.540  1.00 13.51 ? 43   ALA A CA  1 
ATOM   353  C  C   . ALA A 1 46 ? 12.350  -5.946  -2.540  1.00 13.94 ? 43   ALA A C   1 
ATOM   354  O  O   . ALA A 1 46 ? 13.322  -6.410  -3.160  1.00 14.34 ? 43   ALA A O   1 
ATOM   355  C  CB  . ALA A 1 46 ? 10.090  -7.132  -2.095  1.00 12.78 ? 43   ALA A CB  1 
ATOM   356  N  N   . LEU A 1 47 ? 11.995  -4.672  -2.648  1.00 14.02 ? 44   LEU A N   1 
ATOM   357  C  CA  . LEU A 1 47 ? 12.743  -3.706  -3.442  1.00 15.19 ? 44   LEU A CA  1 
ATOM   358  C  C   . LEU A 1 47 ? 14.229  -3.569  -3.044  1.00 15.84 ? 44   LEU A C   1 
ATOM   359  O  O   . LEU A 1 47 ? 15.107  -3.633  -3.918  1.00 16.86 ? 44   LEU A O   1 
ATOM   360  C  CB  . LEU A 1 47 ? 12.051  -2.341  -3.371  1.00 15.08 ? 44   LEU A CB  1 
ATOM   361  C  CG  . LEU A 1 47 ? 12.526  -1.251  -4.331  1.00 16.89 ? 44   LEU A CG  1 
ATOM   362  C  CD1 . LEU A 1 47 ? 12.401  -1.727  -5.788  1.00 16.10 ? 44   LEU A CD1 1 
ATOM   363  C  CD2 . LEU A 1 47 ? 11.739  0.039   -4.091  1.00 16.73 ? 44   LEU A CD2 1 
ATOM   364  N  N   . LYS A 1 48 ? 14.512  -3.388  -1.746  1.00 15.43 ? 45   LYS A N   1 
ATOM   365  C  CA  . LYS A 1 48 ? 15.879  -3.229  -1.247  1.00 15.83 ? 45   LYS A CA  1 
ATOM   366  C  C   . LYS A 1 48 ? 16.738  -4.446  -1.623  1.00 15.56 ? 45   LYS A C   1 
ATOM   367  O  O   . LYS A 1 48 ? 17.911  -4.317  -1.949  1.00 14.83 ? 45   LYS A O   1 
ATOM   368  C  CB  . LYS A 1 48 ? 15.871  -3.029  0.273   1.00 16.11 ? 45   LYS A CB  1 
ATOM   369  C  CG  . LYS A 1 48 ? 17.266  -2.976  0.954   1.00 17.39 ? 45   LYS A CG  1 
ATOM   370  C  CD  . LYS A 1 48 ? 17.171  -2.683  2.448   1.00 17.19 ? 45   LYS A CD  1 
ATOM   371  C  CE  . LYS A 1 48 ? 18.539  -2.834  3.130   1.00 19.38 ? 45   LYS A CE  1 
ATOM   372  N  NZ  . LYS A 1 48 ? 18.501  -2.441  4.578   1.00 19.91 ? 45   LYS A NZ  1 
ATOM   373  N  N   . TYR A 1 49 ? 16.137  -5.627  -1.624  1.00 14.73 ? 46   TYR A N   1 
ATOM   374  C  CA  . TYR A 1 49 ? 16.936  -6.829  -1.777  1.00 15.67 ? 46   TYR A CA  1 
ATOM   375  C  C   . TYR A 1 49 ? 16.881  -7.436  -3.193  1.00 15.31 ? 46   TYR A C   1 
ATOM   376  O  O   . TYR A 1 49 ? 17.570  -8.414  -3.462  1.00 15.40 ? 46   TYR A O   1 
ATOM   377  C  CB  . TYR A 1 49 ? 16.617  -7.848  -0.653  1.00 16.18 ? 46   TYR A CB  1 
ATOM   378  C  CG  . TYR A 1 49 ? 17.161  -7.416  0.732   1.00 15.75 ? 46   TYR A CG  1 
ATOM   379  C  CD1 . TYR A 1 49 ? 18.513  -7.575  1.047   1.00 17.51 ? 46   TYR A CD1 1 
ATOM   380  C  CD2 . TYR A 1 49 ? 16.328  -6.868  1.704   1.00 15.80 ? 46   TYR A CD2 1 
ATOM   381  C  CE1 . TYR A 1 49 ? 19.036  -7.190  2.325   1.00 20.24 ? 46   TYR A CE1 1 
ATOM   382  C  CE2 . TYR A 1 49 ? 16.838  -6.456  2.980   1.00 16.29 ? 46   TYR A CE2 1 
ATOM   383  C  CZ  . TYR A 1 49 ? 18.182  -6.625  3.280   1.00 17.58 ? 46   TYR A CZ  1 
ATOM   384  O  OH  . TYR A 1 49 ? 18.713  -6.255  4.523   1.00 17.56 ? 46   TYR A OH  1 
ATOM   385  N  N   . GLU A 1 50 ? 16.108  -6.824  -4.088  1.00 15.21 ? 47   GLU A N   1 
ATOM   386  C  CA  . GLU A 1 50 ? 15.860  -7.362  -5.437  1.00 15.48 ? 47   GLU A CA  1 
ATOM   387  C  C   . GLU A 1 50 ? 17.053  -7.115  -6.365  1.00 15.95 ? 47   GLU A C   1 
ATOM   388  O  O   . GLU A 1 50 ? 17.529  -5.988  -6.480  1.00 15.23 ? 47   GLU A O   1 
ATOM   389  C  CB  . GLU A 1 50 ? 14.596  -6.735  -6.057  1.00 15.28 ? 47   GLU A CB  1 
ATOM   390  C  CG  . GLU A 1 50 ? 14.326  -7.180  -7.515  1.00 15.28 ? 47   GLU A CG  1 
ATOM   391  C  CD  . GLU A 1 50 ? 14.013  -8.660  -7.623  1.00 17.83 ? 47   GLU A CD  1 
ATOM   392  O  OE1 . GLU A 1 50 ? 13.107  -9.117  -6.877  1.00 20.84 ? 47   GLU A OE1 1 
ATOM   393  O  OE2 . GLU A 1 50 ? 14.655  -9.368  -8.444  1.00 16.61 ? 47   GLU A OE2 1 
ATOM   394  N  N   . LYS A 1 51 ? 17.511  -8.157  -7.055  1.00 16.38 ? 48   LYS A N   1 
ATOM   395  C  CA  . LYS A 1 51 ? 18.692  -8.016  -7.922  1.00 17.23 ? 48   LYS A CA  1 
ATOM   396  C  C   . LYS A 1 51 ? 18.382  -7.906  -9.441  1.00 15.77 ? 48   LYS A C   1 
ATOM   397  O  O   . LYS A 1 51 ? 19.256  -7.490  -10.211 1.00 15.56 ? 48   LYS A O   1 
ATOM   398  C  CB  . LYS A 1 51 ? 19.701  -9.136  -7.631  1.00 17.15 ? 48   LYS A CB  1 
ATOM   399  C  CG  . LYS A 1 51 ? 20.152  -9.217  -6.166  1.00 19.98 ? 48   LYS A CG  1 
ATOM   400  C  CD  . LYS A 1 51 ? 20.789  -10.555 -5.826  1.00 20.85 ? 48   LYS A CD  1 
ATOM   401  C  CE  . LYS A 1 51 ? 19.753  -11.687 -5.613  1.00 26.63 ? 48   LYS A CE  1 
ATOM   402  N  NZ  . LYS A 1 51 ? 18.858  -11.493 -4.413  1.00 28.36 ? 48   LYS A NZ  1 
ATOM   403  N  N   . ASN A 1 52 ? 17.163  -8.274  -9.859  1.00 14.15 ? 49   ASN A N   1 
ATOM   404  C  CA  . ASN A 1 52 ? 16.724  -8.151  -11.275 1.00 13.71 ? 49   ASN A CA  1 
ATOM   405  C  C   . ASN A 1 52 ? 16.167  -6.731  -11.530 1.00 13.79 ? 49   ASN A C   1 
ATOM   406  O  O   . ASN A 1 52 ? 15.177  -6.339  -10.889 1.00 13.39 ? 49   ASN A O   1 
ATOM   407  C  CB  . ASN A 1 52 ? 15.659  -9.221  -11.578 1.00 13.35 ? 49   ASN A CB  1 
ATOM   408  C  CG  . ASN A 1 52 ? 15.136  -9.192  -13.016 1.00 13.05 ? 49   ASN A CG  1 
ATOM   409  O  OD1 . ASN A 1 52 ? 15.408  -8.282  -13.792 1.00 12.41 ? 49   ASN A OD1 1 
ATOM   410  N  ND2 . ASN A 1 52 ? 14.356  -10.203 -13.361 1.00 14.77 ? 49   ASN A ND2 1 
ATOM   411  N  N   . PRO A 1 53 ? 16.807  -5.954  -12.436 1.00 13.96 ? 50   PRO A N   1 
ATOM   412  C  CA  . PRO A 1 53 ? 16.387  -4.561  -12.667 1.00 14.43 ? 50   PRO A CA  1 
ATOM   413  C  C   . PRO A 1 53 ? 14.959  -4.400  -13.186 1.00 14.31 ? 50   PRO A C   1 
ATOM   414  O  O   . PRO A 1 53 ? 14.302  -3.425  -12.826 1.00 14.19 ? 50   PRO A O   1 
ATOM   415  C  CB  . PRO A 1 53 ? 17.388  -4.031  -13.690 1.00 14.48 ? 50   PRO A CB  1 
ATOM   416  C  CG  . PRO A 1 53 ? 18.015  -5.260  -14.293 1.00 15.46 ? 50   PRO A CG  1 
ATOM   417  C  CD  . PRO A 1 53 ? 17.998  -6.305  -13.235 1.00 14.37 ? 50   PRO A CD  1 
ATOM   418  N  N   . LYS A 1 54 ? 14.491  -5.343  -13.998 1.00 14.22 ? 51   LYS A N   1 
ATOM   419  C  CA  . LYS A 1 54 ? 13.125  -5.307  -14.534 1.00 14.73 ? 51   LYS A CA  1 
ATOM   420  C  C   . LYS A 1 54 ? 12.131  -5.524  -13.405 1.00 13.51 ? 51   LYS A C   1 
ATOM   421  O  O   . LYS A 1 54 ? 11.112  -4.836  -13.333 1.00 13.67 ? 51   LYS A O   1 
ATOM   422  C  CB  . LYS A 1 54 ? 12.903  -6.400  -15.582 1.00 14.81 ? 51   LYS A CB  1 
ATOM   423  C  CG  . LYS A 1 54 ? 13.825  -6.392  -16.779 1.00 18.14 ? 51   LYS A CG  1 
ATOM   424  C  CD  . LYS A 1 54 ? 13.370  -7.481  -17.769 1.00 17.65 ? 51   LYS A CD  1 
ATOM   425  C  CE  . LYS A 1 54 ? 14.087  -7.395  -19.107 1.00 23.06 ? 51   LYS A CE  1 
ATOM   426  N  NZ  . LYS A 1 54 ? 15.574  -7.508  -19.017 1.00 26.44 ? 51   LYS A NZ  1 
ATOM   427  N  N   . SER A 1 55 ? 12.431  -6.492  -12.536 1.00 12.47 ? 52   SER A N   1 
ATOM   428  C  CA  . SER A 1 55 ? 11.677  -6.722  -11.324 1.00 11.79 ? 52   SER A CA  1 
ATOM   429  C  C   . SER A 1 55 ? 11.664  -5.501  -10.409 1.00 11.54 ? 52   SER A C   1 
ATOM   430  O  O   . SER A 1 55 ? 10.614  -5.149  -9.883  1.00 10.38 ? 52   SER A O   1 
ATOM   431  C  CB  . SER A 1 55 ? 12.216  -7.934  -10.561 1.00 11.88 ? 52   SER A CB  1 
ATOM   432  O  OG  . SER A 1 55 ? 12.119  -9.106  -11.368 1.00 16.28 ? 52   SER A OG  1 
ATOM   433  N  N   . LYS A 1 56 ? 12.829  -4.892  -10.184 1.00 12.25 ? 53   LYS A N   1 
ATOM   434  C  CA  . LYS A 1 56 ? 12.899  -3.663  -9.405  1.00 13.78 ? 53   LYS A CA  1 
ATOM   435  C  C   . LYS A 1 56 ? 12.006  -2.586  -10.035 1.00 12.81 ? 53   LYS A C   1 
ATOM   436  O  O   . LYS A 1 56 ? 11.272  -1.911  -9.324  1.00 11.71 ? 53   LYS A O   1 
ATOM   437  C  CB  . LYS A 1 56 ? 14.327  -3.136  -9.294  1.00 14.05 ? 53   LYS A CB  1 
ATOM   438  C  CG  . LYS A 1 56 ? 15.198  -3.876  -8.297  1.00 18.34 ? 53   LYS A CG  1 
ATOM   439  C  CD  . LYS A 1 56 ? 16.466  -3.092  -7.934  1.00 18.96 ? 53   LYS A CD  1 
ATOM   440  C  CE  . LYS A 1 56 ? 16.191  -2.099  -6.790  1.00 25.64 ? 53   LYS A CE  1 
ATOM   441  N  NZ  . LYS A 1 56 ? 17.383  -1.945  -5.886  1.00 28.86 ? 53   LYS A NZ  1 
ATOM   442  N  N   . ASP A 1 57 ? 12.066  -2.438  -11.364 1.00 11.53 ? 54   ASP A N   1 
ATOM   443  C  CA  . ASP A 1 57 ? 11.222  -1.439  -12.037 1.00 11.52 ? 54   ASP A CA  1 
ATOM   444  C  C   . ASP A 1 57 ? 9.735   -1.656  -11.775 1.00 11.20 ? 54   ASP A C   1 
ATOM   445  O  O   . ASP A 1 57 ? 8.997   -0.702  -11.465 1.00 10.90 ? 54   ASP A O   1 
ATOM   446  C  CB  . ASP A 1 57 ? 11.482  -1.413  -13.536 1.00 10.49 ? 54   ASP A CB  1 
ATOM   447  C  CG  . ASP A 1 57 ? 12.811  -0.719  -13.899 1.00 13.87 ? 54   ASP A CG  1 
ATOM   448  O  OD1 . ASP A 1 57 ? 13.380  0.051   -13.077 1.00 17.59 ? 54   ASP A OD1 1 
ATOM   449  O  OD2 . ASP A 1 57 ? 13.281  -0.936  -15.028 1.00 14.24 ? 54   ASP A OD2 1 
ATOM   450  N  N   . LEU A 1 58 ? 9.289   -2.897  -11.904 1.00 10.57 ? 55   LEU A N   1 
ATOM   451  C  CA  . LEU A 1 58 ? 7.878   -3.199  -11.633 1.00 11.86 ? 55   LEU A CA  1 
ATOM   452  C  C   . LEU A 1 58 ? 7.503   -2.986  -10.158 1.00 11.78 ? 55   LEU A C   1 
ATOM   453  O  O   . LEU A 1 58 ? 6.483   -2.369  -9.864  1.00 10.82 ? 55   LEU A O   1 
ATOM   454  C  CB  . LEU A 1 58 ? 7.499   -4.608  -12.127 1.00 11.70 ? 55   LEU A CB  1 
ATOM   455  C  CG  . LEU A 1 58 ? 6.069   -5.101  -11.876 1.00 11.28 ? 55   LEU A CG  1 
ATOM   456  C  CD1 . LEU A 1 58 ? 5.043   -4.111  -12.442 1.00 13.24 ? 55   LEU A CD1 1 
ATOM   457  C  CD2 . LEU A 1 58 ? 5.940   -6.438  -12.547 1.00 10.57 ? 55   LEU A CD2 1 
ATOM   458  N  N   . ILE A 1 59 ? 8.335   -3.480  -9.239  1.00 12.26 ? 56   ILE A N   1 
ATOM   459  C  CA  . ILE A 1 59 ? 8.093   -3.289  -7.811  1.00 13.10 ? 56   ILE A CA  1 
ATOM   460  C  C   . ILE A 1 59 ? 7.997   -1.786  -7.503  1.00 13.66 ? 56   ILE A C   1 
ATOM   461  O  O   . ILE A 1 59 ? 7.081   -1.365  -6.813  1.00 13.25 ? 56   ILE A O   1 
ATOM   462  C  CB  . ILE A 1 59 ? 9.169   -3.983  -6.931  1.00 13.29 ? 56   ILE A CB  1 
ATOM   463  C  CG1 . ILE A 1 59 ? 9.106   -5.508  -7.104  1.00 13.54 ? 56   ILE A CG1 1 
ATOM   464  C  CG2 . ILE A 1 59 ? 8.988   -3.648  -5.450  1.00 14.13 ? 56   ILE A CG2 1 
ATOM   465  C  CD1 . ILE A 1 59 ? 10.405  -6.253  -6.542  1.00 14.12 ? 56   ILE A CD1 1 
ATOM   466  N  N   . ARG A 1 60 ? 8.912   -0.985  -8.058  1.00 13.01 ? 57   ARG A N   1 
ATOM   467  C  CA  . ARG A 1 60 ? 8.889   0.451   -7.849  1.00 13.29 ? 57   ARG A CA  1 
ATOM   468  C  C   . ARG A 1 60 ? 7.588   1.096   -8.305  1.00 13.08 ? 57   ARG A C   1 
ATOM   469  O  O   . ARG A 1 60 ? 7.043   1.934   -7.586  1.00 13.22 ? 57   ARG A O   1 
ATOM   470  C  CB  . ARG A 1 60 ? 10.023  1.133   -8.610  1.00 14.01 ? 57   ARG A CB  1 
ATOM   471  C  CG  . ARG A 1 60 ? 11.346  1.160   -7.912  1.00 17.48 ? 57   ARG A CG  1 
ATOM   472  C  CD  . ARG A 1 60 ? 12.305  2.088   -8.680  1.00 21.79 ? 57   ARG A CD  1 
ATOM   473  N  NE  . ARG A 1 60 ? 13.685  1.781   -8.342  1.00 24.78 ? 57   ARG A NE  1 
ATOM   474  C  CZ  . ARG A 1 60 ? 14.489  1.048   -9.097  1.00 28.32 ? 57   ARG A CZ  1 
ATOM   475  N  NH1 . ARG A 1 60 ? 14.056  0.553   -10.254 1.00 33.40 ? 57   ARG A NH1 1 
ATOM   476  N  NH2 . ARG A 1 60 ? 15.730  0.812   -8.710  1.00 29.86 ? 57   ARG A NH2 1 
ATOM   477  N  N   . ALA A 1 61 ? 7.129   0.740   -9.510  1.00 12.32 ? 58   ALA A N   1 
ATOM   478  C  CA  . ALA A 1 61 ? 5.880   1.259   -10.073 1.00 13.08 ? 58   ALA A CA  1 
ATOM   479  C  C   . ALA A 1 61 ? 4.675   0.935   -9.176  1.00 12.76 ? 58   ALA A C   1 
ATOM   480  O  O   . ALA A 1 61 ? 3.843   1.803   -8.908  1.00 12.44 ? 58   ALA A O   1 
ATOM   481  C  CB  . ALA A 1 61 ? 5.664   0.717   -11.493 1.00 12.87 ? 58   ALA A CB  1 
ATOM   482  N  N   . LYS A 1 62 ? 4.599   -0.309  -8.703  1.00 12.92 ? 59   LYS A N   1 
ATOM   483  C  CA  . LYS A 1 62 ? 3.509   -0.727  -7.834  1.00 12.84 ? 59   LYS A CA  1 
ATOM   484  C  C   . LYS A 1 62 ? 3.589   -0.102  -6.438  1.00 13.43 ? 59   LYS A C   1 
ATOM   485  O  O   . LYS A 1 62 ? 2.564   0.348   -5.901  1.00 12.80 ? 59   LYS A O   1 
ATOM   486  C  CB  . LYS A 1 62 ? 3.431   -2.266  -7.741  1.00 14.31 ? 59   LYS A CB  1 
ATOM   487  C  CG  . LYS A 1 62 ? 3.251   -3.009  -9.107  1.00 15.04 ? 59   LYS A CG  1 
ATOM   488  C  CD  . LYS A 1 62 ? 2.089   -2.486  -9.984  1.00 17.24 ? 59   LYS A CD  1 
ATOM   489  C  CE  . LYS A 1 62 ? 0.738   -2.854  -9.405  1.00 20.43 ? 59   LYS A CE  1 
ATOM   490  N  NZ  . LYS A 1 62 ? -0.370  -2.516  -10.335 1.00 21.77 ? 59   LYS A NZ  1 
ATOM   491  N  N   . PHE A 1 63 ? 4.786   -0.100  -5.836  1.00 12.81 ? 60   PHE A N   1 
ATOM   492  C  CA  . PHE A 1 63 ? 5.027   0.589   -4.570  1.00 14.11 ? 60   PHE A CA  1 
ATOM   493  C  C   . PHE A 1 63 ? 4.506   2.034   -4.593  1.00 14.20 ? 60   PHE A C   1 
ATOM   494  O  O   . PHE A 1 63 ? 3.755   2.453   -3.702  1.00 14.61 ? 60   PHE A O   1 
ATOM   495  C  CB  . PHE A 1 63 ? 6.527   0.580   -4.229  1.00 14.08 ? 60   PHE A CB  1 
ATOM   496  C  CG  . PHE A 1 63 ? 6.837   1.032   -2.819  1.00 16.53 ? 60   PHE A CG  1 
ATOM   497  C  CD1 . PHE A 1 63 ? 6.941   0.103   -1.792  1.00 14.05 ? 60   PHE A CD1 1 
ATOM   498  C  CD2 . PHE A 1 63 ? 7.013   2.391   -2.523  1.00 15.68 ? 60   PHE A CD2 1 
ATOM   499  C  CE1 . PHE A 1 63 ? 7.224   0.503   -0.502  1.00 14.98 ? 60   PHE A CE1 1 
ATOM   500  C  CE2 . PHE A 1 63 ? 7.287   2.819   -1.213  1.00 16.11 ? 60   PHE A CE2 1 
ATOM   501  C  CZ  . PHE A 1 63 ? 7.391   1.871   -0.201  1.00 14.73 ? 60   PHE A CZ  1 
ATOM   502  N  N   . THR A 1 64 ? 4.898   2.780   -5.616  1.00 14.51 ? 61   THR A N   1 
ATOM   503  C  CA  . THR A 1 64 ? 4.454   4.159   -5.803  1.00 15.38 ? 61   THR A CA  1 
ATOM   504  C  C   . THR A 1 64 ? 2.924   4.296   -5.851  1.00 14.58 ? 61   THR A C   1 
ATOM   505  O  O   . THR A 1 64 ? 2.365   5.190   -5.208  1.00 14.16 ? 61   THR A O   1 
ATOM   506  C  CB  . THR A 1 64 ? 5.083   4.753   -7.068  1.00 16.14 ? 61   THR A CB  1 
ATOM   507  O  OG1 . THR A 1 64 ? 6.500   4.660   -6.935  1.00 17.85 ? 61   THR A OG1 1 
ATOM   508  C  CG2 . THR A 1 64 ? 4.700   6.241   -7.230  1.00 19.89 ? 61   THR A CG2 1 
ATOM   509  N  N   . GLU A 1 65 ? 2.263   3.412   -6.598  1.00 14.05 ? 62   GLU A N   1 
ATOM   510  C  CA  . GLU A 1 65 ? 0.794   3.441   -6.730  1.00 13.81 ? 62   GLU A CA  1 
ATOM   511  C  C   . GLU A 1 65 ? 0.142   3.245   -5.359  1.00 12.93 ? 62   GLU A C   1 
ATOM   512  O  O   . GLU A 1 65 ? -0.778  3.996   -4.984  1.00 10.90 ? 62   GLU A O   1 
ATOM   513  C  CB  . GLU A 1 65 ? 0.331   2.355   -7.721  1.00 13.76 ? 62   GLU A CB  1 
ATOM   514  C  CG  . GLU A 1 65 ? -1.202  2.102   -7.734  1.00 15.43 ? 62   GLU A CG  1 
ATOM   515  C  CD  . GLU A 1 65 ? -1.616  0.920   -8.630  1.00 16.64 ? 62   GLU A CD  1 
ATOM   516  O  OE1 . GLU A 1 65 ? -0.717  0.276   -9.223  1.00 18.57 ? 62   GLU A OE1 1 
ATOM   517  O  OE2 . GLU A 1 65 ? -2.844  0.638   -8.728  1.00 18.53 ? 62   GLU A OE2 1 
ATOM   518  N  N   . TYR A 1 66 ? 0.602   2.231   -4.617  1.00 11.77 ? 63   TYR A N   1 
ATOM   519  C  CA  . TYR A 1 66 ? -0.019  1.910   -3.310  1.00 11.85 ? 63   TYR A CA  1 
ATOM   520  C  C   . TYR A 1 66 ? 0.348   2.941   -2.246  1.00 11.43 ? 63   TYR A C   1 
ATOM   521  O  O   . TYR A 1 66 ? -0.462  3.281   -1.369  1.00 10.83 ? 63   TYR A O   1 
ATOM   522  C  CB  . TYR A 1 66 ? 0.283   0.455   -2.859  1.00 12.32 ? 63   TYR A CB  1 
ATOM   523  C  CG  . TYR A 1 66 ? -0.151  -0.534  -3.923  1.00 14.53 ? 63   TYR A CG  1 
ATOM   524  C  CD1 . TYR A 1 66 ? -1.430  -0.412  -4.525  1.00 14.87 ? 63   TYR A CD1 1 
ATOM   525  C  CD2 . TYR A 1 66 ? 0.683   -1.547  -4.371  1.00 15.16 ? 63   TYR A CD2 1 
ATOM   526  C  CE1 . TYR A 1 66 ? -1.862  -1.280  -5.520  1.00 15.60 ? 63   TYR A CE1 1 
ATOM   527  C  CE2 . TYR A 1 66 ? 0.243   -2.439  -5.413  1.00 16.36 ? 63   TYR A CE2 1 
ATOM   528  C  CZ  . TYR A 1 66 ? -1.028  -2.267  -5.968  1.00 16.04 ? 63   TYR A CZ  1 
ATOM   529  O  OH  . TYR A 1 66 ? -1.514  -3.090  -6.962  1.00 19.81 ? 63   TYR A OH  1 
ATOM   530  N  N   . LEU A 1 67 ? 1.554   3.475   -2.361  1.00 11.74 ? 64   LEU A N   1 
ATOM   531  C  CA  . LEU A 1 67 ? 1.975   4.554   -1.490  1.00 12.32 ? 64   LEU A CA  1 
ATOM   532  C  C   . LEU A 1 67 ? 1.135   5.826   -1.715  1.00 11.83 ? 64   LEU A C   1 
ATOM   533  O  O   . LEU A 1 67 ? 0.711   6.477   -0.729  1.00 10.78 ? 64   LEU A O   1 
ATOM   534  C  CB  . LEU A 1 67 ? 3.465   4.851   -1.717  1.00 12.51 ? 64   LEU A CB  1 
ATOM   535  C  CG  . LEU A 1 67 ? 4.002   6.046   -0.942  1.00 14.56 ? 64   LEU A CG  1 
ATOM   536  C  CD1 . LEU A 1 67 ? 3.941   5.760   0.529   1.00 14.53 ? 64   LEU A CD1 1 
ATOM   537  C  CD2 . LEU A 1 67 ? 5.423   6.332   -1.398  1.00 15.30 ? 64   LEU A CD2 1 
ATOM   538  N  N   . ASN A 1 68 ? 0.915   6.189   -2.983  1.00 11.31 ? 65   ASN A N   1 
ATOM   539  C  CA  . ASN A 1 68 ? 0.035   7.322   -3.320  1.00 12.62 ? 65   ASN A CA  1 
ATOM   540  C  C   . ASN A 1 68 ? -1.330  7.147   -2.652  1.00 12.15 ? 65   ASN A C   1 
ATOM   541  O  O   . ASN A 1 68 ? -1.891  8.081   -2.068  1.00 12.15 ? 65   ASN A O   1 
ATOM   542  C  CB  . ASN A 1 68 ? -0.163  7.457   -4.850  1.00 13.69 ? 65   ASN A CB  1 
ATOM   543  C  CG  . ASN A 1 68 ? 1.024   8.107   -5.558  1.00 17.77 ? 65   ASN A CG  1 
ATOM   544  O  OD1 . ASN A 1 68 ? 1.907   8.681   -4.919  1.00 19.01 ? 65   ASN A OD1 1 
ATOM   545  N  ND2 . ASN A 1 68 ? 1.026   8.042   -6.893  1.00 19.14 ? 65   ASN A ND2 1 
ATOM   546  N  N   . ARG A 1 69 ? -1.878  5.942   -2.731  1.00 11.67 ? 66   ARG A N   1 
ATOM   547  C  CA  . ARG A 1 69 ? -3.210  5.699   -2.181  1.00 10.56 ? 66   ARG A CA  1 
ATOM   548  C  C   . ARG A 1 69 ? -3.213  5.723   -0.655  1.00 10.73 ? 66   ARG A C   1 
ATOM   549  O  O   . ARG A 1 69 ? -4.116  6.279   -0.029  1.00 9.82  ? 66   ARG A O   1 
ATOM   550  C  CB  . ARG A 1 69 ? -3.811  4.387   -2.710  1.00 10.52 ? 66   ARG A CB  1 
ATOM   551  C  CG  . ARG A 1 69 ? -5.230  4.088   -2.161  1.00 10.48 ? 66   ARG A CG  1 
ATOM   552  C  CD  . ARG A 1 69 ? -6.271  5.160   -2.607  1.00 10.91 ? 66   ARG A CD  1 
ATOM   553  N  NE  . ARG A 1 69 ? -7.656  4.787   -2.265  1.00 12.23 ? 66   ARG A NE  1 
ATOM   554  C  CZ  . ARG A 1 69 ? -8.733  5.536   -2.532  1.00 14.16 ? 66   ARG A CZ  1 
ATOM   555  N  NH1 . ARG A 1 69 ? -8.611  6.735   -3.113  1.00 11.19 ? 66   ARG A NH1 1 
ATOM   556  N  NH2 . ARG A 1 69 ? -9.943  5.094   -2.208  1.00 11.81 ? 66   ARG A NH2 1 
ATOM   557  N  N   . ALA A 1 70 ? -2.208  5.115   -0.053  1.00 11.08 ? 67   ALA A N   1 
ATOM   558  C  CA  . ALA A 1 70 ? -2.120  5.106   1.406   1.00 12.56 ? 67   ALA A CA  1 
ATOM   559  C  C   . ALA A 1 70 ? -2.022  6.527   1.984   1.00 12.60 ? 67   ALA A C   1 
ATOM   560  O  O   . ALA A 1 70 ? -2.613  6.820   3.039   1.00 13.21 ? 67   ALA A O   1 
ATOM   561  C  CB  . ALA A 1 70 ? -0.952  4.225   1.880   1.00 11.10 ? 67   ALA A CB  1 
ATOM   562  N  N   . GLU A 1 71 ? -1.260  7.380   1.310   1.00 12.71 ? 68   GLU A N   1 
ATOM   563  C  CA  . GLU A 1 71 ? -1.117  8.814   1.657   1.00 14.20 ? 68   GLU A CA  1 
ATOM   564  C  C   . GLU A 1 71 ? -2.428  9.604   1.603   1.00 13.66 ? 68   GLU A C   1 
ATOM   565  O  O   . GLU A 1 71 ? -2.689  10.451  2.468   1.00 14.55 ? 68   GLU A O   1 
ATOM   566  C  CB  . GLU A 1 71 ? -0.076  9.461   0.736   1.00 14.02 ? 68   GLU A CB  1 
ATOM   567  C  CG  . GLU A 1 71 ? 1.361   9.070   1.094   1.00 15.55 ? 68   GLU A CG  1 
ATOM   568  C  CD  . GLU A 1 71 ? 2.416   9.660   0.140   1.00 16.71 ? 68   GLU A CD  1 
ATOM   569  O  OE1 . GLU A 1 71 ? 2.077   10.142  -0.974  1.00 21.79 ? 68   GLU A OE1 1 
ATOM   570  O  OE2 . GLU A 1 71 ? 3.598   9.641   0.514   1.00 19.22 ? 68   GLU A OE2 1 
ATOM   571  N  N   . GLN A 1 72 ? -3.258  9.301   0.612   1.00 13.22 ? 69   GLN A N   1 
ATOM   572  C  CA  . GLN A 1 72 ? -4.616  9.849   0.509   1.00 13.79 ? 69   GLN A CA  1 
ATOM   573  C  C   . GLN A 1 72 ? -5.516  9.458   1.664   1.00 13.09 ? 69   GLN A C   1 
ATOM   574  O  O   . GLN A 1 72 ? -6.304  10.276  2.171   1.00 12.88 ? 69   GLN A O   1 
ATOM   575  C  CB  . GLN A 1 72 ? -5.303  9.286   -0.741  1.00 14.18 ? 69   GLN A CB  1 
ATOM   576  C  CG  . GLN A 1 72 ? -4.936  9.923   -2.060  1.00 16.72 ? 69   GLN A CG  1 
ATOM   577  C  CD  . GLN A 1 72 ? -5.934  9.486   -3.104  1.00 19.12 ? 69   GLN A CD  1 
ATOM   578  O  OE1 . GLN A 1 72 ? -5.870  8.363   -3.599  1.00 18.29 ? 69   GLN A OE1 1 
ATOM   579  N  NE2 . GLN A 1 72 ? -6.909  10.347  -3.393  1.00 20.97 ? 69   GLN A NE2 1 
ATOM   580  N  N   . LEU A 1 73 ? -5.441  8.181   2.040   1.00 12.76 ? 70   LEU A N   1 
ATOM   581  C  CA  . LEU A 1 73 ? -6.228  7.653   3.148   1.00 12.34 ? 70   LEU A CA  1 
ATOM   582  C  C   . LEU A 1 73 ? -5.801  8.296   4.449   1.00 12.67 ? 70   LEU A C   1 
ATOM   583  O  O   . LEU A 1 73 ? -6.641  8.679   5.255   1.00 12.42 ? 70   LEU A O   1 
ATOM   584  C  CB  . LEU A 1 73 ? -6.152  6.117   3.222   1.00 12.05 ? 70   LEU A CB  1 
ATOM   585  C  CG  . LEU A 1 73 ? -7.242  5.297   2.500   1.00 14.31 ? 70   LEU A CG  1 
ATOM   586  C  CD1 . LEU A 1 73 ? -7.779  5.910   1.210   1.00 17.08 ? 70   LEU A CD1 1 
ATOM   587  C  CD2 . LEU A 1 73 ? -6.934  3.812   2.313   1.00 12.34 ? 70   LEU A CD2 1 
ATOM   588  N  N   . LYS A 1 74 ? -4.497  8.399   4.657   1.00 13.85 ? 71   LYS A N   1 
ATOM   589  C  CA  . LYS A 1 74 ? -3.972  9.008   5.866   1.00 14.46 ? 71   LYS A CA  1 
ATOM   590  C  C   . LYS A 1 74 ? -4.477  10.451  6.057   1.00 14.76 ? 71   LYS A C   1 
ATOM   591  O  O   . LYS A 1 74 ? -4.929  10.806  7.163   1.00 14.33 ? 71   LYS A O   1 
ATOM   592  C  CB  . LYS A 1 74 ? -2.447  8.930   5.911   1.00 14.34 ? 71   LYS A CB  1 
ATOM   593  C  CG  . LYS A 1 74 ? -1.937  9.134   7.352   1.00 18.44 ? 71   LYS A CG  1 
ATOM   594  C  CD  . LYS A 1 74 ? -0.475  9.499   7.431   1.00 20.91 ? 71   LYS A CD  1 
ATOM   595  C  CE  . LYS A 1 74 ? -0.082  9.652   8.907   1.00 24.99 ? 71   LYS A CE  1 
ATOM   596  N  NZ  . LYS A 1 74 ? 1.388   9.669   9.077   1.00 25.67 ? 71   LYS A NZ  1 
ATOM   597  N  N   . LYS A 1 75 ? -4.424  11.265  4.998   1.00 14.58 ? 72   LYS A N   1 
ATOM   598  C  CA  . LYS A 1 75 ? -4.944  12.644  5.033   1.00 15.60 ? 72   LYS A CA  1 
ATOM   599  C  C   . LYS A 1 75 ? -6.432  12.668  5.376   1.00 14.83 ? 72   LYS A C   1 
ATOM   600  O  O   . LYS A 1 75 ? -6.916  13.537  6.122   1.00 14.41 ? 72   LYS A O   1 
ATOM   601  C  CB  . LYS A 1 75 ? -4.726  13.343  3.682   1.00 15.86 ? 72   LYS A CB  1 
ATOM   602  C  CG  . LYS A 1 75 ? -3.302  13.807  3.441   1.00 20.25 ? 72   LYS A CG  1 
ATOM   603  C  CD  . LYS A 1 75 ? -3.001  14.024  1.958   1.00 26.23 ? 72   LYS A CD  1 
ATOM   604  C  CE  . LYS A 1 75 ? -1.501  14.237  1.762   1.00 27.44 ? 72   LYS A CE  1 
ATOM   605  N  NZ  . LYS A 1 75 ? -0.993  13.867  0.409   1.00 31.62 ? 72   LYS A NZ  1 
ATOM   606  N  N   . HIS A 1 76 ? -7.174  11.734  4.802   1.00 14.90 ? 73   HIS A N   1 
ATOM   607  C  CA  . HIS A 1 76 ? -8.591  11.607  5.113   1.00 15.78 ? 73   HIS A CA  1 
ATOM   608  C  C   . HIS A 1 76 ? -8.825  11.296  6.606   1.00 15.95 ? 73   HIS A C   1 
ATOM   609  O  O   . HIS A 1 76 ? -9.717  11.878  7.231   1.00 15.50 ? 73   HIS A O   1 
ATOM   610  C  CB  . HIS A 1 76 ? -9.244  10.516  4.263   1.00 15.85 ? 73   HIS A CB  1 
ATOM   611  C  CG  . HIS A 1 76 ? -10.648 10.223  4.667   1.00 15.79 ? 73   HIS A CG  1 
ATOM   612  N  ND1 . HIS A 1 76 ? -11.003 9.094   5.380   1.00 17.48 ? 73   HIS A ND1 1 
ATOM   613  C  CD2 . HIS A 1 76 ? -11.786 10.932  4.483   1.00 14.21 ? 73   HIS A CD2 1 
ATOM   614  C  CE1 . HIS A 1 76 ? -12.302 9.124   5.614   1.00 15.84 ? 73   HIS A CE1 1 
ATOM   615  N  NE2 . HIS A 1 76 ? -12.797 10.224  5.073   1.00 17.84 ? 73   HIS A NE2 1 
ATOM   616  N  N   . LEU A 1 77 ? -8.030  10.373  7.155   1.00 15.93 ? 74   LEU A N   1 
ATOM   617  C  CA  . LEU A 1 77 ? -8.158  9.990   8.555   1.00 16.44 ? 74   LEU A CA  1 
ATOM   618  C  C   . LEU A 1 77 ? -7.745  11.146  9.485   1.00 17.27 ? 74   LEU A C   1 
ATOM   619  O  O   . LEU A 1 77 ? -8.436  11.403  10.482  1.00 16.83 ? 74   LEU A O   1 
ATOM   620  C  CB  . LEU A 1 77 ? -7.409  8.676   8.867   1.00 15.93 ? 74   LEU A CB  1 
ATOM   621  C  CG  . LEU A 1 77 ? -7.852  7.441   8.047   1.00 15.54 ? 74   LEU A CG  1 
ATOM   622  C  CD1 . LEU A 1 77 ? -6.904  6.268   8.268   1.00 14.38 ? 74   LEU A CD1 1 
ATOM   623  C  CD2 . LEU A 1 77 ? -9.322  7.033   8.286   1.00 14.05 ? 74   LEU A CD2 1 
ATOM   624  N  N   . GLU A 1 78 ? -6.661  11.855  9.145   1.00 17.63 ? 75   GLU A N   1 
ATOM   625  C  CA  . GLU A 1 78 ? -6.268  13.085  9.877   1.00 20.71 ? 75   GLU A CA  1 
ATOM   626  C  C   . GLU A 1 78 ? -7.388  14.149  9.892   1.00 20.08 ? 75   GLU A C   1 
ATOM   627  O  O   . GLU A 1 78 ? -7.661  14.789  10.917  1.00 21.16 ? 75   GLU A O   1 
ATOM   628  C  CB  . GLU A 1 78 ? -4.963  13.670  9.314   1.00 19.86 ? 75   GLU A CB  1 
ATOM   629  C  CG  . GLU A 1 78 ? -3.788  12.708  9.388   1.00 23.43 ? 75   GLU A CG  1 
ATOM   630  C  CD  . GLU A 1 78 ? -2.467  13.301  8.873   1.00 24.46 ? 75   GLU A CD  1 
ATOM   631  O  OE1 . GLU A 1 78 ? -2.492  14.269  8.069   1.00 29.35 ? 75   GLU A OE1 1 
ATOM   632  O  OE2 . GLU A 1 78 ? -1.403  12.785  9.287   1.00 29.27 ? 75   GLU A OE2 1 
ATOM   633  N  N   . SER A 1 79 ? -8.055  14.304  8.758   1.00 20.39 ? 76   SER A N   1 
ATOM   634  C  CA  . SER A 1 79 ? -9.232  15.160  8.645   1.00 21.64 ? 76   SER A CA  1 
ATOM   635  C  C   . SER A 1 79 ? -10.429 14.741  9.544   1.00 22.07 ? 76   SER A C   1 
ATOM   636  O  O   . SER A 1 79 ? -11.009 15.588  10.237  1.00 20.97 ? 76   SER A O   1 
ATOM   637  C  CB  . SER A 1 79 ? -9.648  15.252  7.180   1.00 21.99 ? 76   SER A CB  1 
ATOM   638  O  OG  . SER A 1 79 ? -10.705 16.167  7.016   1.00 24.78 ? 76   SER A OG  1 
ATOM   639  N  N   . GLU A 1 80 ? -10.790 13.451  9.535   1.00 22.47 ? 77   GLU A N   1 
ATOM   640  C  CA  . GLU A 1 80 ? -11.873 12.929  10.394  1.00 24.24 ? 77   GLU A CA  1 
ATOM   641  C  C   . GLU A 1 80 ? -11.531 13.084  11.877  1.00 24.31 ? 77   GLU A C   1 
ATOM   642  O  O   . GLU A 1 80 ? -12.405 13.400  12.681  1.00 24.34 ? 77   GLU A O   1 
ATOM   643  C  CB  . GLU A 1 80 ? -12.214 11.453  10.077  1.00 24.13 ? 77   GLU A CB  1 
ATOM   644  C  CG  . GLU A 1 80 ? -12.779 11.209  8.668   1.00 26.73 ? 77   GLU A CG  1 
ATOM   645  C  CD  . GLU A 1 80 ? -14.185 11.803  8.451   1.00 31.38 ? 77   GLU A CD  1 
ATOM   646  O  OE1 . GLU A 1 80 ? -15.134 11.408  9.165   1.00 32.75 ? 77   GLU A OE1 1 
ATOM   647  O  OE2 . GLU A 1 80 ? -14.345 12.662  7.547   1.00 33.86 ? 77   GLU A OE2 1 
ATOM   648  N  N   . GLU A 1 81 ? -10.255 12.874  12.206  1.00 25.07 ? 78   GLU A N   1 
ATOM   649  C  CA  . GLU A 1 81 ? -9.727  12.959  13.563  1.00 27.14 ? 78   GLU A CA  1 
ATOM   650  C  C   . GLU A 1 81 ? -9.765  14.379  14.124  1.00 27.30 ? 78   GLU A C   1 
ATOM   651  O  O   . GLU A 1 81 ? -10.156 14.581  15.282  1.00 27.91 ? 78   GLU A O   1 
ATOM   652  C  CB  . GLU A 1 81 ? -8.320  12.352  13.596  1.00 27.19 ? 78   GLU A CB  1 
ATOM   653  C  CG  . GLU A 1 81 ? -7.503  12.535  14.873  1.00 29.77 ? 78   GLU A CG  1 
ATOM   654  C  CD  . GLU A 1 81 ? -6.262  11.631  14.901  1.00 30.03 ? 78   GLU A CD  1 
ATOM   655  O  OE1 . GLU A 1 81 ? -6.200  10.664  14.105  1.00 32.65 ? 78   GLU A OE1 1 
ATOM   656  O  OE2 . GLU A 1 81 ? -5.355  11.877  15.738  1.00 34.47 ? 78   GLU A OE2 1 
ATOM   657  N  N   . ALA A 1 82 ? -9.401  15.365  13.303  1.00 27.42 ? 79   ALA A N   1 
ATOM   658  C  CA  . ALA A 1 82 ? -9.494  16.773  13.695  1.00 27.79 ? 79   ALA A CA  1 
ATOM   659  C  C   . ALA A 1 82 ? -10.943 17.242  13.738  1.00 28.09 ? 79   ALA A C   1 
ATOM   660  O  O   . ALA A 1 82 ? -11.271 18.230  14.395  1.00 28.36 ? 79   ALA A O   1 
ATOM   661  C  CB  . ALA A 1 82 ? -8.671  17.660  12.749  1.00 27.71 ? 79   ALA A CB  1 
ATOM   662  N  N   . ASN A 1 83 ? -11.820 16.514  13.058  1.00 28.82 ? 80   ASN A N   1 
ATOM   663  C  CA  . ASN A 1 83 ? -13.205 16.948  12.912  1.00 29.01 ? 80   ASN A CA  1 
ATOM   664  C  C   . ASN A 1 83 ? -14.275 15.930  13.295  1.00 28.89 ? 80   ASN A C   1 
ATOM   665  O  O   . ASN A 1 83 ? -15.191 16.255  14.036  1.00 28.75 ? 80   ASN A O   1 
ATOM   666  C  CB  . ASN A 1 83 ? -13.403 17.467  11.499  1.00 28.96 ? 80   ASN A CB  1 
ATOM   667  C  CG  . ASN A 1 83 ? -12.413 18.563  11.168  1.00 29.27 ? 80   ASN A CG  1 
ATOM   668  O  OD1 . ASN A 1 83 ? -11.386 18.324  10.511  1.00 29.77 ? 80   ASN A OD1 1 
ATOM   669  N  ND2 . ASN A 1 83 ? -12.671 19.754  11.687  1.00 25.34 ? 80   ASN A ND2 1 
ATOM   670  N  N   . HIS B 2 3  ? -26.469 11.425  10.462  1.00 18.58 ? 181  HIS B N   1 
ATOM   671  C  CA  . HIS B 2 3  ? -26.966 10.288  9.622   1.00 17.98 ? 181  HIS B CA  1 
ATOM   672  C  C   . HIS B 2 3  ? -26.064 9.082   9.757   1.00 17.66 ? 181  HIS B C   1 
ATOM   673  O  O   . HIS B 2 3  ? -24.883 9.227   10.108  1.00 17.10 ? 181  HIS B O   1 
ATOM   674  C  CB  . HIS B 2 3  ? -27.052 10.723  8.168   1.00 18.70 ? 181  HIS B CB  1 
ATOM   675  C  CG  . HIS B 2 3  ? -28.059 11.805  7.932   1.00 20.10 ? 181  HIS B CG  1 
ATOM   676  N  ND1 . HIS B 2 3  ? -27.728 13.143  7.948   1.00 22.88 ? 181  HIS B ND1 1 
ATOM   677  C  CD2 . HIS B 2 3  ? -29.389 11.750  7.686   1.00 22.82 ? 181  HIS B CD2 1 
ATOM   678  C  CE1 . HIS B 2 3  ? -28.815 13.868  7.734   1.00 23.69 ? 181  HIS B CE1 1 
ATOM   679  N  NE2 . HIS B 2 3  ? -29.839 13.048  7.578   1.00 23.53 ? 181  HIS B NE2 1 
HETATM 680  N  N   . MSE B 2 4  ? -26.618 7.898   9.501   1.00 16.72 ? 182  MSE B N   1 
HETATM 681  C  CA  . MSE B 2 4  ? -25.884 6.647   9.626   1.00 16.78 ? 182  MSE B CA  1 
HETATM 682  C  C   . MSE B 2 4  ? -24.853 6.502   8.499   1.00 17.38 ? 182  MSE B C   1 
HETATM 683  O  O   . MSE B 2 4  ? -23.719 6.047   8.733   1.00 16.88 ? 182  MSE B O   1 
HETATM 684  C  CB  . MSE B 2 4  ? -26.851 5.462   9.650   1.00 16.76 ? 182  MSE B CB  1 
HETATM 685  C  CG  . MSE B 2 4  ? -27.713 5.407   10.915  1.00 18.82 ? 182  MSE B CG  1 
HETATM 686  SE SE  . MSE B 2 4  ? -26.586 5.424   12.532  1.00 20.88 ? 182  MSE B SE  1 
HETATM 687  C  CE  . MSE B 2 4  ? -26.789 7.321   12.999  1.00 22.13 ? 182  MSE B CE  1 
ATOM   688  N  N   . LEU B 2 5  ? -25.248 6.945   7.303   1.00 17.22 ? 183  LEU B N   1 
ATOM   689  C  CA  . LEU B 2 5  ? -24.473 6.743   6.074   1.00 17.53 ? 183  LEU B CA  1 
ATOM   690  C  C   . LEU B 2 5  ? -24.160 8.074   5.373   1.00 18.50 ? 183  LEU B C   1 
ATOM   691  O  O   . LEU B 2 5  ? -24.932 9.041   5.486   1.00 17.49 ? 183  LEU B O   1 
ATOM   692  C  CB  . LEU B 2 5  ? -25.239 5.795   5.139   1.00 16.91 ? 183  LEU B CB  1 
ATOM   693  C  CG  . LEU B 2 5  ? -25.699 4.433   5.665   1.00 17.27 ? 183  LEU B CG  1 
ATOM   694  C  CD1 . LEU B 2 5  ? -26.488 3.561   4.611   1.00 15.03 ? 183  LEU B CD1 1 
ATOM   695  C  CD2 . LEU B 2 5  ? -24.505 3.664   6.202   1.00 16.56 ? 183  LEU B CD2 1 
ATOM   696  N  N   . GLN B 2 6  ? -23.016 8.124   4.682   1.00 19.04 ? 184  GLN B N   1 
ATOM   697  C  CA  . GLN B 2 6  ? -22.615 9.270   3.851   1.00 20.93 ? 184  GLN B CA  1 
ATOM   698  C  C   . GLN B 2 6  ? -22.010 8.761   2.544   1.00 21.46 ? 184  GLN B C   1 
ATOM   699  O  O   . GLN B 2 6  ? -21.232 7.809   2.555   1.00 21.75 ? 184  GLN B O   1 
ATOM   700  C  CB  . GLN B 2 6  ? -21.522 10.068  4.543   1.00 20.88 ? 184  GLN B CB  1 
ATOM   701  C  CG  . GLN B 2 6  ? -21.994 11.054  5.536   1.00 25.92 ? 184  GLN B CG  1 
ATOM   702  C  CD  . GLN B 2 6  ? -20.839 11.855  6.087   1.00 30.38 ? 184  GLN B CD  1 
ATOM   703  O  OE1 . GLN B 2 6  ? -20.389 11.616  7.201   1.00 33.86 ? 184  GLN B OE1 1 
ATOM   704  N  NE2 . GLN B 2 6  ? -20.333 12.794  5.295   1.00 30.77 ? 184  GLN B NE2 1 
ATOM   705  N  N   . SER B 2 7  ? -22.324 9.407   1.430   1.00 22.47 ? 185  SER B N   1 
ATOM   706  C  CA  . SER B 2 7  ? -21.651 9.091   0.172   1.00 24.00 ? 185  SER B CA  1 
ATOM   707  C  C   . SER B 2 7  ? -20.156 9.207   0.357   1.00 24.04 ? 185  SER B C   1 
ATOM   708  O  O   . SER B 2 7  ? -19.687 10.081  1.089   1.00 23.91 ? 185  SER B O   1 
ATOM   709  C  CB  . SER B 2 7  ? -22.087 10.050  -0.927  1.00 24.59 ? 185  SER B CB  1 
ATOM   710  O  OG  . SER B 2 7  ? -23.336 9.650   -1.442  1.00 28.74 ? 185  SER B OG  1 
ATOM   711  N  N   . THR B 2 8  ? -19.397 8.326   -0.282  1.00 24.34 ? 186  THR B N   1 
ATOM   712  C  CA  . THR B 2 8  ? -17.943 8.445   -0.194  1.00 25.84 ? 186  THR B CA  1 
ATOM   713  C  C   . THR B 2 8  ? -17.555 9.730   -0.914  1.00 25.40 ? 186  THR B C   1 
ATOM   714  O  O   . THR B 2 8  ? -18.058 10.001  -2.000  1.00 26.37 ? 186  THR B O   1 
ATOM   715  C  CB  . THR B 2 8  ? -17.240 7.283   -0.849  1.00 25.45 ? 186  THR B CB  1 
ATOM   716  O  OG1 . THR B 2 8  ? -17.691 7.206   -2.206  1.00 31.73 ? 186  THR B OG1 1 
ATOM   717  C  CG2 . THR B 2 8  ? -17.628 6.013   -0.171  1.00 25.86 ? 186  THR B CG2 1 
ATOM   718  N  N   . PRO B 2 9  ? -16.671 10.527  -0.307  1.00 25.72 ? 187  PRO B N   1 
ATOM   719  C  CA  . PRO B 2 9  ? -16.263 11.808  -0.887  1.00 25.52 ? 187  PRO B CA  1 
ATOM   720  C  C   . PRO B 2 9  ? -15.519 11.617  -2.210  1.00 25.41 ? 187  PRO B C   1 
ATOM   721  O  O   . PRO B 2 9  ? -14.742 10.659  -2.366  1.00 22.17 ? 187  PRO B O   1 
ATOM   722  C  CB  . PRO B 2 9  ? -15.316 12.382  0.164   1.00 26.14 ? 187  PRO B CB  1 
ATOM   723  C  CG  . PRO B 2 9  ? -14.809 11.188  0.896   1.00 25.89 ? 187  PRO B CG  1 
ATOM   724  C  CD  . PRO B 2 9  ? -15.982 10.258  0.964   1.00 25.49 ? 187  PRO B CD  1 
ATOM   725  N  N   . GLN B 2 10 ? -15.784 12.529  -3.147  1.00 25.26 ? 188  GLN B N   1 
ATOM   726  C  CA  . GLN B 2 10 ? -15.267 12.429  -4.497  1.00 26.12 ? 188  GLN B CA  1 
ATOM   727  C  C   . GLN B 2 10 ? -13.746 12.386  -4.518  1.00 26.22 ? 188  GLN B C   1 
ATOM   728  O  O   . GLN B 2 10 ? -13.181 11.642  -5.324  1.00 26.40 ? 188  GLN B O   1 
ATOM   729  C  CB  . GLN B 2 10 ? -15.825 13.543  -5.405  1.00 26.27 ? 188  GLN B CB  1 
ATOM   730  C  CG  . GLN B 2 10 ? -15.302 13.487  -6.856  1.00 29.47 ? 188  GLN B CG  1 
ATOM   731  C  CD  . GLN B 2 10 ? -15.868 12.325  -7.673  1.00 32.52 ? 188  GLN B CD  1 
ATOM   732  O  OE1 . GLN B 2 10 ? -17.077 12.119  -7.718  1.00 35.09 ? 188  GLN B OE1 1 
ATOM   733  N  NE2 . GLN B 2 10 ? -14.991 11.581  -8.342  1.00 32.82 ? 188  GLN B NE2 1 
ATOM   734  N  N   . ASN B 2 11 ? -13.089 13.113  -3.605  1.00 26.67 ? 189  ASN B N   1 
ATOM   735  C  CA  . ASN B 2 11 ? -11.612 13.027  -3.484  1.00 28.08 ? 189  ASN B CA  1 
ATOM   736  C  C   . ASN B 2 11 ? -11.043 11.675  -3.014  1.00 28.06 ? 189  ASN B C   1 
ATOM   737  O  O   . ASN B 2 11 ? -9.836  11.473  -3.068  1.00 28.86 ? 189  ASN B O   1 
ATOM   738  C  CB  . ASN B 2 11 ? -10.994 14.207  -2.697  1.00 28.16 ? 189  ASN B CB  1 
ATOM   739  C  CG  . ASN B 2 11 ? -11.289 14.169  -1.197  1.00 29.52 ? 189  ASN B CG  1 
ATOM   740  O  OD1 . ASN B 2 11 ? -11.615 13.131  -0.628  1.00 29.69 ? 189  ASN B OD1 1 
ATOM   741  N  ND2 . ASN B 2 11 ? -11.148 15.327  -0.549  1.00 30.32 ? 189  ASN B ND2 1 
ATOM   742  N  N   . LEU B 2 12 ? -11.904 10.769  -2.555  1.00 28.00 ? 190  LEU B N   1 
ATOM   743  C  CA  . LEU B 2 12 ? -11.498 9.391   -2.249  1.00 28.14 ? 190  LEU B CA  1 
ATOM   744  C  C   . LEU B 2 12 ? -11.921 8.384   -3.311  1.00 28.62 ? 190  LEU B C   1 
ATOM   745  O  O   . LEU B 2 12 ? -11.252 7.377   -3.500  1.00 29.40 ? 190  LEU B O   1 
ATOM   746  C  CB  . LEU B 2 12 ? -12.028 8.952   -0.875  1.00 28.33 ? 190  LEU B CB  1 
ATOM   747  C  CG  . LEU B 2 12 ? -11.041 8.724   0.279   1.00 28.69 ? 190  LEU B CG  1 
ATOM   748  C  CD1 . LEU B 2 12 ? -9.782  9.572   0.223   1.00 26.56 ? 190  LEU B CD1 1 
ATOM   749  C  CD2 . LEU B 2 12 ? -11.775 8.896   1.589   1.00 29.88 ? 190  LEU B CD2 1 
ATOM   750  N  N   . VAL B 2 13 ? -13.029 8.655   -4.000  1.00 28.38 ? 191  VAL B N   1 
ATOM   751  C  CA  . VAL B 2 13 ? -13.544 7.771   -5.064  1.00 28.41 ? 191  VAL B CA  1 
ATOM   752  C  C   . VAL B 2 13 ? -12.591 7.672   -6.267  1.00 27.99 ? 191  VAL B C   1 
ATOM   753  O  O   . VAL B 2 13 ? -12.313 6.578   -6.778  1.00 27.57 ? 191  VAL B O   1 
ATOM   754  C  CB  . VAL B 2 13 ? -14.956 8.261   -5.555  1.00 28.52 ? 191  VAL B CB  1 
ATOM   755  C  CG1 . VAL B 2 13 ? -15.339 7.641   -6.903  1.00 29.99 ? 191  VAL B CG1 1 
ATOM   756  C  CG2 . VAL B 2 13 ? -16.031 7.997   -4.498  1.00 28.28 ? 191  VAL B CG2 1 
ATOM   757  N  N   . SER B 2 14 ? -12.078 8.819   -6.688  1.00 26.87 ? 192  SER B N   1 
ATOM   758  C  CA  . SER B 2 14 ? -11.396 8.947   -7.967  1.00 27.41 ? 192  SER B CA  1 
ATOM   759  C  C   . SER B 2 14 ? -10.186 8.050   -8.195  1.00 27.52 ? 192  SER B C   1 
ATOM   760  O  O   . SER B 2 14 ? -9.940  7.586   -9.341  1.00 28.02 ? 192  SER B O   1 
ATOM   761  C  CB  . SER B 2 14 ? -11.032 10.412  -8.207  1.00 27.94 ? 192  SER B CB  1 
ATOM   762  O  OG  . SER B 2 14 ? -12.216 11.202  -8.348  1.00 27.40 ? 192  SER B OG  1 
ATOM   763  N  N   . ASN B 2 15 ? -9.423  7.813   -7.134  1.00 26.77 ? 193  ASN B N   1 
ATOM   764  C  CA  . ASN B 2 15 ? -8.245  6.969   -7.243  1.00 26.38 ? 193  ASN B CA  1 
ATOM   765  C  C   . ASN B 2 15 ? -8.412  5.632   -6.480  1.00 25.41 ? 193  ASN B C   1 
ATOM   766  O  O   . ASN B 2 15 ? -7.423  4.988   -6.120  1.00 24.09 ? 193  ASN B O   1 
ATOM   767  C  CB  . ASN B 2 15 ? -7.011  7.756   -6.791  1.00 26.55 ? 193  ASN B CB  1 
ATOM   768  C  CG  . ASN B 2 15 ? -5.720  6.999   -6.995  1.00 28.13 ? 193  ASN B CG  1 
ATOM   769  O  OD1 . ASN B 2 15 ? -5.393  6.599   -8.112  1.00 30.80 ? 193  ASN B OD1 1 
ATOM   770  N  ND2 . ASN B 2 15 ? -4.968  6.808   -5.917  1.00 27.81 ? 193  ASN B ND2 1 
ATOM   771  N  N   . ALA B 2 16 ? -9.668  5.233   -6.252  1.00 24.81 ? 194  ALA B N   1 
ATOM   772  C  CA  . ALA B 2 16 ? -9.998  3.916   -5.657  1.00 24.77 ? 194  ALA B CA  1 
ATOM   773  C  C   . ALA B 2 16 ? -9.425  2.768   -6.501  1.00 24.12 ? 194  ALA B C   1 
ATOM   774  O  O   . ALA B 2 16 ? -9.426  2.827   -7.743  1.00 23.85 ? 194  ALA B O   1 
ATOM   775  C  CB  . ALA B 2 16 ? -11.530 3.757   -5.467  1.00 25.21 ? 194  ALA B CB  1 
ATOM   776  N  N   . PRO B 2 17 ? -8.867  1.746   -5.835  1.00 24.05 ? 195  PRO B N   1 
ATOM   777  C  CA  . PRO B 2 17 ? -8.252  0.679   -6.593  1.00 23.69 ? 195  PRO B CA  1 
ATOM   778  C  C   . PRO B 2 17 ? -9.308  -0.205  -7.223  1.00 23.80 ? 195  PRO B C   1 
ATOM   779  O  O   . PRO B 2 17 ? -10.474 -0.160  -6.848  1.00 23.58 ? 195  PRO B O   1 
ATOM   780  C  CB  . PRO B 2 17 ? -7.447  -0.088  -5.535  1.00 24.55 ? 195  PRO B CB  1 
ATOM   781  C  CG  . PRO B 2 17 ? -8.159  0.203   -4.258  1.00 23.75 ? 195  PRO B CG  1 
ATOM   782  C  CD  . PRO B 2 17 ? -8.763  1.540   -4.380  1.00 24.08 ? 195  PRO B CD  1 
ATOM   783  N  N   . ILE B 2 18 ? -8.909  -0.954  -8.225  1.00 23.83 ? 196  ILE B N   1 
ATOM   784  C  CA  . ILE B 2 18 ? -9.752  -2.022  -8.738  1.00 24.30 ? 196  ILE B CA  1 
ATOM   785  C  C   . ILE B 2 18 ? -8.956  -3.275  -8.333  1.00 24.03 ? 196  ILE B C   1 
ATOM   786  O  O   . ILE B 2 18 ? -7.750  -3.184  -8.217  1.00 23.59 ? 196  ILE B O   1 
ATOM   787  C  CB  . ILE B 2 18 ? -9.984  -1.847  -10.263 1.00 23.87 ? 196  ILE B CB  1 
ATOM   788  C  CG1 . ILE B 2 18 ? -8.657  -1.770  -11.029 1.00 24.49 ? 196  ILE B CG1 1 
ATOM   789  C  CG2 . ILE B 2 18 ? -10.807 -0.554  -10.529 1.00 25.35 ? 196  ILE B CG2 1 
ATOM   790  C  CD1 . ILE B 2 18 ? -8.780  -1.990  -12.526 1.00 24.70 ? 196  ILE B CD1 1 
ATOM   791  N  N   . ALA B 2 19 ? -9.592  -4.423  -8.078  1.00 25.19 ? 197  ALA B N   1 
ATOM   792  C  CA  . ALA B 2 19 ? -8.806  -5.633  -7.644  1.00 25.72 ? 197  ALA B CA  1 
ATOM   793  C  C   . ALA B 2 19 ? -7.682  -5.988  -8.597  1.00 26.40 ? 197  ALA B C   1 
ATOM   794  O  O   . ALA B 2 19 ? -6.567  -6.391  -8.159  1.00 27.27 ? 197  ALA B O   1 
ATOM   795  C  CB  . ALA B 2 19 ? -9.694  -6.840  -7.417  1.00 26.21 ? 197  ALA B CB  1 
ATOM   796  N  N   . GLU B 2 20 ? -7.943  -5.800  -9.888  1.00 25.19 ? 198  GLU B N   1 
ATOM   797  C  CA  . GLU B 2 20 ? -6.957  -6.103  -10.935 1.00 25.95 ? 198  GLU B CA  1 
ATOM   798  C  C   . GLU B 2 20 ? -5.561  -5.498  -10.726 1.00 26.01 ? 198  GLU B C   1 
ATOM   799  O  O   . GLU B 2 20 ? -4.567  -6.052  -11.209 1.00 25.62 ? 198  GLU B O   1 
ATOM   800  C  CB  . GLU B 2 20 ? -7.489  -5.696  -12.318 1.00 25.47 ? 198  GLU B CB  1 
ATOM   801  C  CG  . GLU B 2 20 ? -8.683  -6.547  -12.831 1.00 26.43 ? 198  GLU B CG  1 
ATOM   802  C  CD  . GLU B 2 20 ? -10.068 -6.009  -12.474 1.00 26.70 ? 198  GLU B CD  1 
ATOM   803  O  OE1 . GLU B 2 20 ? -10.185 -5.070  -11.668 1.00 27.21 ? 198  GLU B OE1 1 
ATOM   804  O  OE2 . GLU B 2 20 ? -11.063 -6.540  -13.012 1.00 27.55 ? 198  GLU B OE2 1 
ATOM   805  N  N   . THR B 2 21 ? -5.463  -4.366  -10.027 1.00 26.05 ? 199  THR B N   1 
ATOM   806  C  CA  . THR B 2 21 ? -4.143  -3.746  -9.863  1.00 25.99 ? 199  THR B CA  1 
ATOM   807  C  C   . THR B 2 21 ? -3.110  -4.686  -9.225  1.00 25.50 ? 199  THR B C   1 
ATOM   808  O  O   . THR B 2 21 ? -1.953  -4.680  -9.650  1.00 26.52 ? 199  THR B O   1 
ATOM   809  C  CB  . THR B 2 21 ? -4.170  -2.404  -9.089  1.00 25.17 ? 199  THR B CB  1 
ATOM   810  O  OG1 . THR B 2 21 ? -4.579  -2.627  -7.740  1.00 28.30 ? 199  THR B OG1 1 
ATOM   811  C  CG2 . THR B 2 21 ? -5.169  -1.431  -9.754  1.00 27.55 ? 199  THR B CG2 1 
ATOM   812  N  N   . ALA B 2 22 ? -3.516  -5.492  -8.241  1.00 23.83 ? 200  ALA B N   1 
ATOM   813  C  CA  . ALA B 2 22 ? -2.543  -6.302  -7.473  1.00 23.17 ? 200  ALA B CA  1 
ATOM   814  C  C   . ALA B 2 22 ? -2.516  -7.762  -7.904  1.00 23.38 ? 200  ALA B C   1 
ATOM   815  O  O   . ALA B 2 22 ? -1.990  -8.625  -7.186  1.00 22.92 ? 200  ALA B O   1 
ATOM   816  C  CB  . ALA B 2 22 ? -2.792  -6.182  -5.989  1.00 21.62 ? 200  ALA B CB  1 
HETATM 817  N  N   . MSE B 2 23 ? -3.084  -8.037  -9.077  1.00 22.73 ? 201  MSE B N   1 
HETATM 818  C  CA  . MSE B 2 23 ? -3.153  -9.406  -9.567  1.00 23.80 ? 201  MSE B CA  1 
HETATM 819  C  C   . MSE B 2 23 ? -2.154  -9.634  -10.689 1.00 21.63 ? 201  MSE B C   1 
HETATM 820  O  O   . MSE B 2 23 ? -1.907  -8.752  -11.501 1.00 21.78 ? 201  MSE B O   1 
HETATM 821  C  CB  . MSE B 2 23 ? -4.560  -9.758  -10.044 1.00 23.15 ? 201  MSE B CB  1 
HETATM 822  C  CG  . MSE B 2 23 ? -5.618  -9.541  -8.993  1.00 25.68 ? 201  MSE B CG  1 
HETATM 823  SE SE  . MSE B 2 23 ? -7.433  -9.892  -9.623  1.00 30.63 ? 201  MSE B SE  1 
HETATM 824  C  CE  . MSE B 2 23 ? -7.097  -10.110 -11.567 1.00 32.07 ? 201  MSE B CE  1 
ATOM   825  N  N   . GLY B 2 24 ? -1.582  -10.821 -10.713 1.00 20.36 ? 202  GLY B N   1 
ATOM   826  C  CA  . GLY B 2 24 ? -0.693  -11.216 -11.790 1.00 21.08 ? 202  GLY B CA  1 
ATOM   827  C  C   . GLY B 2 24 ? 0.705   -10.641 -11.707 1.00 20.88 ? 202  GLY B C   1 
ATOM   828  O  O   . GLY B 2 24 ? 1.437   -10.677 -12.686 1.00 20.54 ? 202  GLY B O   1 
ATOM   829  N  N   . ILE B 2 25 ? 1.072   -10.114 -10.545 1.00 20.74 ? 203  ILE B N   1 
ATOM   830  C  CA  . ILE B 2 25 ? 2.381   -9.498  -10.373 1.00 21.45 ? 203  ILE B CA  1 
ATOM   831  C  C   . ILE B 2 25 ? 3.428   -10.546 -10.093 1.00 22.09 ? 203  ILE B C   1 
ATOM   832  O  O   . ILE B 2 25 ? 4.436   -10.628 -10.804 1.00 22.38 ? 203  ILE B O   1 
ATOM   833  C  CB  . ILE B 2 25 ? 2.403   -8.465  -9.231  1.00 20.90 ? 203  ILE B CB  1 
ATOM   834  C  CG1 . ILE B 2 25 ? 1.492   -7.277  -9.589  1.00 19.66 ? 203  ILE B CG1 1 
ATOM   835  C  CG2 . ILE B 2 25 ? 3.843   -7.988  -8.969  1.00 21.59 ? 203  ILE B CG2 1 
ATOM   836  C  CD1 . ILE B 2 25 ? 1.130   -6.445  -8.387  1.00 22.75 ? 203  ILE B CD1 1 
ATOM   837  N  N   . ALA B 2 26 ? 3.193   -11.341 -9.055  1.00 22.26 ? 204  ALA B N   1 
ATOM   838  C  CA  . ALA B 2 26 ? 4.147   -12.368 -8.659  1.00 23.86 ? 204  ALA B CA  1 
ATOM   839  C  C   . ALA B 2 26 ? 3.423   -13.640 -8.268  1.00 24.63 ? 204  ALA B C   1 
ATOM   840  O  O   . ALA B 2 26 ? 2.430   -13.611 -7.529  1.00 24.21 ? 204  ALA B O   1 
ATOM   841  C  CB  . ALA B 2 26 ? 5.052   -11.891 -7.528  1.00 22.98 ? 204  ALA B CB  1 
ATOM   842  N  N   . GLU B 2 27 ? 3.925   -14.739 -8.818  1.00 26.07 ? 205  GLU B N   1 
ATOM   843  C  CA  . GLU B 2 27 ? 3.448   -16.089 -8.532  1.00 27.77 ? 205  GLU B CA  1 
ATOM   844  C  C   . GLU B 2 27 ? 3.765   -16.443 -7.071  1.00 27.87 ? 205  GLU B C   1 
ATOM   845  O  O   . GLU B 2 27 ? 4.949   -16.551 -6.714  1.00 27.87 ? 205  GLU B O   1 
ATOM   846  C  CB  . GLU B 2 27 ? 4.132   -17.083 -9.488  1.00 27.33 ? 205  GLU B CB  1 
ATOM   847  C  CG  . GLU B 2 27 ? 3.488   -18.467 -9.547  1.00 28.70 ? 205  GLU B CG  1 
ATOM   848  C  CD  . GLU B 2 27 ? 4.394   -19.526 -10.171 1.00 29.87 ? 205  GLU B CD  1 
ATOM   849  O  OE1 . GLU B 2 27 ? 5.582   -19.623 -9.771  1.00 32.86 ? 205  GLU B OE1 1 
ATOM   850  O  OE2 . GLU B 2 27 ? 3.916   -20.288 -11.047 1.00 33.10 ? 205  GLU B OE2 1 
ATOM   851  N  N   . PRO B 2 28 ? 2.712   -16.619 -6.227  1.00 28.27 ? 206  PRO B N   1 
ATOM   852  C  CA  . PRO B 2 28 ? 2.830   -16.980 -4.794  1.00 28.03 ? 206  PRO B CA  1 
ATOM   853  C  C   . PRO B 2 28 ? 3.737   -18.178 -4.538  1.00 28.21 ? 206  PRO B C   1 
ATOM   854  O  O   . PRO B 2 28 ? 3.754   -19.121 -5.329  1.00 28.25 ? 206  PRO B O   1 
ATOM   855  C  CB  . PRO B 2 28 ? 1.394   -17.332 -4.399  1.00 28.20 ? 206  PRO B CB  1 
ATOM   856  C  CG  . PRO B 2 28 ? 0.537   -16.556 -5.330  1.00 27.84 ? 206  PRO B CG  1 
ATOM   857  C  CD  . PRO B 2 28 ? 1.299   -16.465 -6.632  1.00 28.27 ? 206  PRO B CD  1 
ATOM   858  N  N   . PRO B 2 39 ? 16.980  6.397   -6.273  1.00 33.63 ? 217  PRO B N   1 
ATOM   859  C  CA  . PRO B 2 39 ? 15.663  6.017   -6.785  1.00 33.68 ? 217  PRO B CA  1 
ATOM   860  C  C   . PRO B 2 39 ? 14.756  5.459   -5.684  1.00 33.73 ? 217  PRO B C   1 
ATOM   861  O  O   . PRO B 2 39 ? 13.598  5.888   -5.550  1.00 33.76 ? 217  PRO B O   1 
ATOM   862  C  CB  . PRO B 2 39 ? 15.981  4.938   -7.833  1.00 33.72 ? 217  PRO B CB  1 
ATOM   863  C  CG  . PRO B 2 39 ? 17.388  4.508   -7.566  1.00 33.44 ? 217  PRO B CG  1 
ATOM   864  C  CD  . PRO B 2 39 ? 18.076  5.679   -6.946  1.00 33.72 ? 217  PRO B CD  1 
ATOM   865  N  N   . ASP B 2 40 ? 15.285  4.520   -4.898  1.00 33.65 ? 218  ASP B N   1 
ATOM   866  C  CA  . ASP B 2 40 ? 14.543  3.919   -3.781  1.00 33.32 ? 218  ASP B CA  1 
ATOM   867  C  C   . ASP B 2 40 ? 14.565  4.824   -2.539  1.00 32.90 ? 218  ASP B C   1 
ATOM   868  O  O   . ASP B 2 40 ? 13.875  4.554   -1.555  1.00 32.55 ? 218  ASP B O   1 
ATOM   869  C  CB  . ASP B 2 40 ? 15.122  2.537   -3.419  1.00 33.28 ? 218  ASP B CB  1 
ATOM   870  C  CG  . ASP B 2 40 ? 15.286  1.612   -4.630  1.00 33.59 ? 218  ASP B CG  1 
ATOM   871  O  OD1 . ASP B 2 40 ? 14.540  1.775   -5.628  1.00 33.36 ? 218  ASP B OD1 1 
ATOM   872  O  OD2 . ASP B 2 40 ? 16.164  0.709   -4.567  1.00 32.64 ? 218  ASP B OD2 1 
ATOM   873  N  N   . ASP B 2 41 ? 15.363  5.888   -2.595  1.00 32.85 ? 219  ASP B N   1 
ATOM   874  C  CA  . ASP B 2 41 ? 15.610  6.759   -1.444  1.00 32.85 ? 219  ASP B CA  1 
ATOM   875  C  C   . ASP B 2 41 ? 14.385  7.587   -1.059  1.00 32.80 ? 219  ASP B C   1 
ATOM   876  O  O   . ASP B 2 41 ? 13.991  7.618   0.115   1.00 32.59 ? 219  ASP B O   1 
ATOM   877  C  CB  . ASP B 2 41 ? 16.818  7.677   -1.702  1.00 32.85 ? 219  ASP B CB  1 
ATOM   878  C  CG  . ASP B 2 41 ? 18.083  6.906   -2.078  1.00 33.28 ? 219  ASP B CG  1 
ATOM   879  O  OD1 . ASP B 2 41 ? 18.133  5.666   -1.905  1.00 34.17 ? 219  ASP B OD1 1 
ATOM   880  O  OD2 . ASP B 2 41 ? 19.043  7.550   -2.552  1.00 34.48 ? 219  ASP B OD2 1 
ATOM   881  N  N   . ASP B 2 42 ? 13.788  8.254   -2.047  1.00 32.64 ? 220  ASP B N   1 
ATOM   882  C  CA  . ASP B 2 42 ? 12.616  9.081   -1.800  1.00 32.60 ? 220  ASP B CA  1 
ATOM   883  C  C   . ASP B 2 42 ? 11.385  8.226   -1.488  1.00 32.11 ? 220  ASP B C   1 
ATOM   884  O  O   . ASP B 2 42 ? 10.474  8.686   -0.809  1.00 32.33 ? 220  ASP B O   1 
ATOM   885  C  CB  . ASP B 2 42 ? 12.367  10.065  -2.956  1.00 32.81 ? 220  ASP B CB  1 
ATOM   886  C  CG  . ASP B 2 42 ? 13.113  11.406  -2.774  1.00 34.30 ? 220  ASP B CG  1 
ATOM   887  O  OD1 . ASP B 2 42 ? 14.348  11.409  -2.515  1.00 34.59 ? 220  ASP B OD1 1 
ATOM   888  O  OD2 . ASP B 2 42 ? 12.461  12.472  -2.906  1.00 35.63 ? 220  ASP B OD2 1 
ATOM   889  N  N   . LEU B 2 43 ? 11.382  6.976   -1.957  1.00 31.73 ? 221  LEU B N   1 
ATOM   890  C  CA  . LEU B 2 43 ? 10.333  6.006   -1.615  1.00 31.08 ? 221  LEU B CA  1 
ATOM   891  C  C   . LEU B 2 43 ? 10.395  5.595   -0.138  1.00 30.69 ? 221  LEU B C   1 
ATOM   892  O  O   . LEU B 2 43 ? 9.376   5.618   0.549   1.00 30.57 ? 221  LEU B O   1 
ATOM   893  C  CB  . LEU B 2 43 ? 10.374  4.779   -2.539  1.00 30.74 ? 221  LEU B CB  1 
ATOM   894  C  CG  . LEU B 2 43 ? 9.971   4.950   -4.011  1.00 30.93 ? 221  LEU B CG  1 
ATOM   895  C  CD1 . LEU B 2 43 ? 10.084  3.629   -4.782  1.00 30.79 ? 221  LEU B CD1 1 
ATOM   896  C  CD2 . LEU B 2 43 ? 8.572   5.544   -4.168  1.00 30.46 ? 221  LEU B CD2 1 
ATOM   897  N  N   . GLN B 2 44 ? 11.585  5.239   0.355   1.00 30.65 ? 222  GLN B N   1 
ATOM   898  C  CA  . GLN B 2 44 ? 11.777  4.947   1.788   1.00 30.22 ? 222  GLN B CA  1 
ATOM   899  C  C   . GLN B 2 44 ? 11.471  6.179   2.665   1.00 30.00 ? 222  GLN B C   1 
ATOM   900  O  O   . GLN B 2 44 ? 10.956  6.040   3.774   1.00 29.53 ? 222  GLN B O   1 
ATOM   901  C  CB  . GLN B 2 44 ? 13.199  4.428   2.066   1.00 30.68 ? 222  GLN B CB  1 
ATOM   902  C  CG  . GLN B 2 44 ? 13.492  4.054   3.538   1.00 30.54 ? 222  GLN B CG  1 
ATOM   903  C  CD  . GLN B 2 44 ? 12.763  2.788   3.983   1.00 33.09 ? 222  GLN B CD  1 
ATOM   904  O  OE1 . GLN B 2 44 ? 13.043  1.687   3.498   1.00 31.70 ? 222  GLN B OE1 1 
ATOM   905  N  NE2 . GLN B 2 44 ? 11.824  2.941   4.908   1.00 33.94 ? 222  GLN B NE2 1 
ATOM   906  N  N   . ALA B 2 45 ? 11.780  7.368   2.144   1.00 29.70 ? 223  ALA B N   1 
ATOM   907  C  CA  . ALA B 2 45 ? 11.510  8.641   2.821   1.00 29.70 ? 223  ALA B CA  1 
ATOM   908  C  C   . ALA B 2 45 ? 10.004  8.849   3.043   1.00 29.47 ? 223  ALA B C   1 
ATOM   909  O  O   . ALA B 2 45 ? 9.564   9.204   4.144   1.00 29.22 ? 223  ALA B O   1 
ATOM   910  C  CB  . ALA B 2 45 ? 12.105  9.810   2.020   1.00 29.20 ? 223  ALA B CB  1 
ATOM   911  N  N   . ARG B 2 46 ? 9.236   8.620   1.985   1.00 29.33 ? 224  ARG B N   1 
ATOM   912  C  CA  . ARG B 2 46 ? 7.781   8.726   2.024   1.00 29.19 ? 224  ARG B CA  1 
ATOM   913  C  C   . ARG B 2 46 ? 7.136   7.653   2.908   1.00 29.32 ? 224  ARG B C   1 
ATOM   914  O  O   . ARG B 2 46 ? 6.155   7.930   3.603   1.00 29.16 ? 224  ARG B O   1 
ATOM   915  C  CB  . ARG B 2 46 ? 7.219   8.671   0.600   1.00 29.30 ? 224  ARG B CB  1 
ATOM   916  C  CG  . ARG B 2 46 ? 7.482   9.958   -0.189  1.00 29.32 ? 224  ARG B CG  1 
ATOM   917  C  CD  . ARG B 2 46 ? 7.020   9.885   -1.644  1.00 28.72 ? 224  ARG B CD  1 
ATOM   918  N  NE  . ARG B 2 46 ? 5.572   9.734   -1.800  1.00 27.23 ? 224  ARG B NE  1 
ATOM   919  C  CZ  . ARG B 2 46 ? 4.976   9.423   -2.952  1.00 27.27 ? 224  ARG B CZ  1 
ATOM   920  N  NH1 . ARG B 2 46 ? 5.695   9.237   -4.056  1.00 27.06 ? 224  ARG B NH1 1 
ATOM   921  N  NH2 . ARG B 2 46 ? 3.661   9.294   -3.011  1.00 25.87 ? 224  ARG B NH2 1 
ATOM   922  N  N   . LEU B 2 47 ? 7.673   6.433   2.874   1.00 29.34 ? 225  LEU B N   1 
ATOM   923  C  CA  . LEU B 2 47 ? 7.183   5.359   3.741   1.00 28.94 ? 225  LEU B CA  1 
ATOM   924  C  C   . LEU B 2 47 ? 7.461   5.670   5.214   1.00 29.23 ? 225  LEU B C   1 
ATOM   925  O  O   . LEU B 2 47 ? 6.645   5.353   6.089   1.00 29.30 ? 225  LEU B O   1 
ATOM   926  C  CB  . LEU B 2 47 ? 7.798   4.001   3.366   1.00 29.01 ? 225  LEU B CB  1 
ATOM   927  C  CG  . LEU B 2 47 ? 7.311   2.788   4.175   1.00 27.97 ? 225  LEU B CG  1 
ATOM   928  C  CD1 . LEU B 2 47 ? 5.786   2.606   4.002   1.00 28.66 ? 225  LEU B CD1 1 
ATOM   929  C  CD2 . LEU B 2 47 ? 8.055   1.508   3.805   1.00 29.03 ? 225  LEU B CD2 1 
ATOM   930  N  N   . ASN B 2 48 ? 8.621   6.269   5.476   1.00 28.65 ? 226  ASN B N   1 
ATOM   931  C  CA  . ASN B 2 48 ? 8.979   6.681   6.826   1.00 29.17 ? 226  ASN B CA  1 
ATOM   932  C  C   . ASN B 2 48 ? 7.945   7.695   7.335   1.00 28.75 ? 226  ASN B C   1 
ATOM   933  O  O   . ASN B 2 48 ? 7.426   7.572   8.450   1.00 28.79 ? 226  ASN B O   1 
ATOM   934  C  CB  . ASN B 2 48 ? 10.406  7.252   6.865   1.00 28.58 ? 226  ASN B CB  1 
ATOM   935  C  CG  . ASN B 2 48 ? 11.477  6.172   6.802   1.00 29.57 ? 226  ASN B CG  1 
ATOM   936  O  OD1 . ASN B 2 48 ? 11.204  5.003   7.158   1.00 30.99 ? 226  ASN B OD1 1 
ATOM   937  N  ND2 . ASN B 2 48 ? 12.707  6.564   6.356   1.00 29.31 ? 226  ASN B ND2 1 
ATOM   938  N  N   . THR B 2 49 ? 7.615   8.665   6.486   1.00 28.49 ? 227  THR B N   1 
ATOM   939  C  CA  . THR B 2 49 ? 6.614   9.674   6.818   1.00 28.06 ? 227  THR B CA  1 
ATOM   940  C  C   . THR B 2 49 ? 5.210   9.062   7.031   1.00 28.46 ? 227  THR B C   1 
ATOM   941  O  O   . THR B 2 49 ? 4.488   9.464   7.957   1.00 28.19 ? 227  THR B O   1 
ATOM   942  C  CB  . THR B 2 49 ? 6.584   10.794  5.729   1.00 28.25 ? 227  THR B CB  1 
ATOM   943  O  OG1 . THR B 2 49 ? 7.921   11.250  5.464   1.00 25.69 ? 227  THR B OG1 1 
ATOM   944  C  CG2 . THR B 2 49 ? 5.703   11.980  6.161   1.00 27.13 ? 227  THR B CG2 1 
ATOM   945  N  N   . LEU B 2 50 ? 4.838   8.094   6.185   1.00 28.25 ? 228  LEU B N   1 
ATOM   946  C  CA  . LEU B 2 50 ? 3.479   7.505   6.171   1.00 28.77 ? 228  LEU B CA  1 
ATOM   947  C  C   . LEU B 2 50 ? 3.103   6.755   7.454   1.00 29.41 ? 228  LEU B C   1 
ATOM   948  O  O   . LEU B 2 50 ? 1.936   6.816   7.896   1.00 29.79 ? 228  LEU B O   1 
ATOM   949  C  CB  . LEU B 2 50 ? 3.275   6.577   4.946   1.00 28.29 ? 228  LEU B CB  1 
ATOM   950  C  CG  . LEU B 2 50 ? 1.995   5.722   4.880   1.00 27.89 ? 228  LEU B CG  1 
ATOM   951  C  CD1 . LEU B 2 50 ? 0.753   6.545   4.519   1.00 27.01 ? 228  LEU B CD1 1 
ATOM   952  C  CD2 . LEU B 2 50 ? 2.137   4.543   3.939   1.00 28.51 ? 228  LEU B CD2 1 
ATOM   953  N  N   . LYS B 2 51 ? 4.086   6.057   8.044   1.00 29.70 ? 229  LYS B N   1 
ATOM   954  C  CA  . LYS B 2 51 ? 3.830   5.156   9.169   1.00 30.10 ? 229  LYS B CA  1 
ATOM   955  C  C   . LYS B 2 51 ? 3.593   5.868   10.505  1.00 30.33 ? 229  LYS B C   1 
ATOM   956  O  O   . LYS B 2 51 ? 2.948   5.311   11.397  1.00 30.29 ? 229  LYS B O   1 
ATOM   957  C  CB  . LYS B 2 51 ? 4.959   4.123   9.328   1.00 29.85 ? 229  LYS B CB  1 
ATOM   958  C  CG  . LYS B 2 51 ? 4.943   2.978   8.294   1.00 29.16 ? 229  LYS B CG  1 
ATOM   959  C  CD  . LYS B 2 51 ? 5.181   1.569   8.913   1.00 27.56 ? 229  LYS B CD  1 
ATOM   960  C  CE  . LYS B 2 51 ? 6.277   1.520   10.014  1.00 28.40 ? 229  LYS B CE  1 
ATOM   961  N  NZ  . LYS B 2 51 ? 6.806   0.098   10.246  1.00 25.70 ? 229  LYS B NZ  1 
ATOM   962  N  N   . LYS B 2 52 ? 4.123   7.083   10.634  1.00 31.18 ? 230  LYS B N   1 
ATOM   963  C  CA  . LYS B 2 52 ? 4.061   7.876   11.887  1.00 31.85 ? 230  LYS B CA  1 
ATOM   964  C  C   . LYS B 2 52 ? 2.648   8.128   12.421  1.00 32.02 ? 230  LYS B C   1 
ATOM   965  O  O   . LYS B 2 52 ? 1.740   8.493   11.642  1.00 31.92 ? 230  LYS B O   1 
ATOM   966  C  CB  . LYS B 2 52 ? 4.775   9.216   11.699  1.00 32.18 ? 230  LYS B CB  1 
ATOM   967  C  CG  . LYS B 2 52 ? 6.310   9.133   11.703  1.00 33.95 ? 230  LYS B CG  1 
ATOM   968  C  CD  . LYS B 2 52 ? 6.913   10.296  10.873  1.00 36.49 ? 230  LYS B CD  1 
ATOM   969  C  CE  . LYS B 2 52 ? 6.845   11.663  11.636  1.00 38.03 ? 230  LYS B CE  1 
ATOM   970  N  NZ  . LYS B 2 52 ? 6.877   12.848  10.662  1.00 39.25 ? 230  LYS B NZ  1 
ATOM   971  N  N   . GLN B 2 53 ? 2.500   7.969   13.762  1.00 32.44 ? 231  GLN B N   1 
ATOM   972  C  CA  . GLN B 2 53 ? 1.212   8.058   14.480  1.00 32.68 ? 231  GLN B CA  1 
ATOM   973  C  C   . GLN B 2 53 ? 0.117   7.215   13.809  1.00 32.74 ? 231  GLN B C   1 
ATOM   974  O  O   . GLN B 2 53 ? -0.895  6.875   14.432  1.00 32.78 ? 231  GLN B O   1 
ATOM   975  C  CB  . GLN B 2 53 ? 0.752   9.518   14.668  1.00 32.57 ? 231  GLN B CB  1 
ATOM   976  C  CG  . GLN B 2 53 ? 1.583   10.322  15.695  1.00 32.49 ? 231  GLN B CG  1 
ATOM   977  C  CD  . GLN B 2 53 ? 0.786   11.499  16.303  1.00 33.16 ? 231  GLN B CD  1 
ATOM   978  O  OE1 . GLN B 2 53 ? 0.186   12.315  15.578  1.00 34.05 ? 231  GLN B OE1 1 
ATOM   979  N  NE2 . GLN B 2 53 ? 0.786   11.592  17.643  1.00 32.30 ? 231  GLN B NE2 1 
HETATM 980  S  S   . SO4 C 3 .  ? -2.293  -13.296 -7.955  0.50 21.50 ? 1232 SO4 B S   1 
HETATM 981  O  O1  . SO4 C 3 .  ? -2.183  -12.891 -6.560  0.50 20.46 ? 1232 SO4 B O1  1 
HETATM 982  O  O2  . SO4 C 3 .  ? -2.174  -14.752 -8.031  0.50 21.56 ? 1232 SO4 B O2  1 
HETATM 983  O  O3  . SO4 C 3 .  ? -1.220  -12.681 -8.720  0.50 22.05 ? 1232 SO4 B O3  1 
HETATM 984  O  O4  . SO4 C 3 .  ? -3.558  -12.847 -8.503  0.50 18.34 ? 1232 SO4 B O4  1 
HETATM 985  O  O   . HOH D 4 .  ? 11.525  -10.760 -1.732  1.00 23.18 ? 1001 HOH A O   1 
HETATM 986  O  O   . HOH D 4 .  ? -4.980  -10.935 0.972   1.00 25.78 ? 1002 HOH A O   1 
HETATM 987  O  O   . HOH D 4 .  ? 12.521  -1.184  5.910   1.00 24.07 ? 1003 HOH A O   1 
HETATM 988  O  O   . HOH D 4 .  ? -11.852 -7.366  3.605   1.00 46.44 ? 1004 HOH A O   1 
HETATM 989  O  O   . HOH D 4 .  ? -8.038  -7.323  -3.688  1.00 20.05 ? 1005 HOH A O   1 
HETATM 990  O  O   . HOH D 4 .  ? -15.611 2.107   -2.748  1.00 29.05 ? 1006 HOH A O   1 
HETATM 991  O  O   . HOH D 4 .  ? -17.346 3.261   6.172   1.00 14.04 ? 1007 HOH A O   1 
HETATM 992  O  O   . HOH D 4 .  ? -14.497 -6.238  3.938   1.00 46.11 ? 1008 HOH A O   1 
HETATM 993  O  O   . HOH D 4 .  ? -12.954 3.622   -1.771  1.00 20.27 ? 1009 HOH A O   1 
HETATM 994  O  O   . HOH D 4 .  ? -4.847  0.967   -4.168  1.00 24.87 ? 1010 HOH A O   1 
HETATM 995  O  O   . HOH D 4 .  ? 4.299   -2.768  8.988   1.00 26.70 ? 1011 HOH A O   1 
HETATM 996  O  O   . HOH D 4 .  ? 10.143  -1.961  5.556   1.00 22.71 ? 1012 HOH A O   1 
HETATM 997  O  O   . HOH D 4 .  ? 9.454   1.837   -12.372 1.00 16.21 ? 1013 HOH A O   1 
HETATM 998  O  O   . HOH D 4 .  ? 11.867  2.497   -12.018 1.00 27.90 ? 1014 HOH A O   1 
HETATM 999  O  O   . HOH D 4 .  ? 7.924   3.934   -10.850 1.00 21.82 ? 1015 HOH A O   1 
HETATM 1000 O  O   . HOH D 4 .  ? 0.360   -1.592  -12.880 1.00 22.66 ? 1016 HOH A O   1 
HETATM 1001 O  O   . HOH D 4 .  ? -4.718  2.118   -8.114  1.00 25.89 ? 1017 HOH A O   1 
HETATM 1002 O  O   . HOH D 4 .  ? -2.773  5.129   -6.375  1.00 19.68 ? 1018 HOH A O   1 
HETATM 1003 O  O   . HOH D 4 .  ? -1.272  10.640  -2.565  1.00 29.96 ? 1019 HOH A O   1 
HETATM 1004 O  O   . HOH D 4 .  ? 4.473   9.955   3.022   1.00 18.12 ? 1020 HOH A O   1 
HETATM 1005 O  O   . HOH D 4 .  ? -0.622  11.508  3.832   1.00 22.43 ? 1021 HOH A O   1 
HETATM 1006 O  O   . HOH D 4 .  ? -7.510  12.390  1.072   1.00 25.53 ? 1022 HOH A O   1 
HETATM 1007 O  O   . HOH D 4 .  ? -3.269  16.601  6.570   1.00 34.48 ? 1023 HOH A O   1 
HETATM 1008 O  O   . HOH E 4 .  ? -5.292  3.342   -5.737  1.00 20.63 ? 1001 HOH B O   1 
HETATM 1009 O  O   . HOH E 4 .  ? -10.756 4.352   -9.499  1.00 20.96 ? 1002 HOH B O   1 
HETATM 1010 O  O   . HOH E 4 .  ? -6.614  0.352   -9.579  1.00 24.55 ? 1003 HOH B O   1 
HETATM 1011 O  O   . HOH E 4 .  ? -6.295  -7.543  -5.781  1.00 28.03 ? 1004 HOH B O   1 
HETATM 1012 O  O   . HOH E 4 .  ? -1.258  -6.073  -12.064 1.00 23.59 ? 1005 HOH B O   1 
HETATM 1013 O  O   . HOH E 4 .  ? 7.486   -17.357 -7.438  1.00 35.08 ? 1006 HOH B O   1 
HETATM 1014 O  O   . HOH E 4 .  ? 2.948   2.708   12.438  1.00 27.06 ? 1007 HOH B O   1 
HETATM 1015 O  O   . HOH E 4 .  ? 0.263   -13.143 -5.639  1.00 42.13 ? 1008 HOH B O   1 
HETATM 1016 O  O   . HOH E 4 .  ? 0.013   -10.589 -7.857  1.00 15.34 ? 1009 HOH B O   1 
# 
